data_2LXB
#
_entry.id   2LXB
#
_entity_poly.entity_id   1
_entity_poly.type   'polypeptide(L)'
_entity_poly.pdbx_seq_one_letter_code
;SVDSASKEEIAALIVNYFSSIVEKKEISEDGADSLNVAMDCISEAFGFEREAVSGILGKSEFKGQHLADILNSA
;
_entity_poly.pdbx_strand_id   A,B
#
# COMPACT_ATOMS: atom_id res chain seq x y z
N SER A 1 6.59 15.31 14.22
CA SER A 1 5.68 15.96 13.26
C SER A 1 5.87 15.39 11.86
N VAL A 2 5.24 14.25 11.59
CA VAL A 2 5.35 13.62 10.28
C VAL A 2 4.26 14.16 9.35
N ASP A 3 4.45 13.95 8.05
CA ASP A 3 3.45 14.34 7.07
C ASP A 3 3.44 13.33 5.94
N SER A 4 3.15 12.10 6.30
CA SER A 4 3.12 11.01 5.35
C SER A 4 1.69 10.72 4.91
N ALA A 5 0.84 11.76 5.02
CA ALA A 5 -0.57 11.67 4.68
C ALA A 5 -1.31 10.90 5.76
N SER A 6 -2.57 10.58 5.54
CA SER A 6 -3.32 9.84 6.53
C SER A 6 -3.47 8.40 6.06
N LYS A 7 -3.41 7.50 7.04
CA LYS A 7 -3.52 6.06 6.81
C LYS A 7 -4.75 5.71 5.98
N GLU A 8 -5.80 6.51 6.10
CA GLU A 8 -7.00 6.36 5.27
C GLU A 8 -6.66 6.53 3.79
N GLU A 9 -6.09 7.69 3.47
CA GLU A 9 -5.74 8.03 2.08
C GLU A 9 -4.79 6.99 1.50
N ILE A 10 -3.80 6.61 2.29
CA ILE A 10 -2.81 5.65 1.86
C ILE A 10 -3.45 4.28 1.59
N ALA A 11 -4.27 3.82 2.53
CA ALA A 11 -4.95 2.53 2.40
C ALA A 11 -5.75 2.44 1.10
N ALA A 12 -6.44 3.54 0.76
CA ALA A 12 -7.22 3.60 -0.47
C ALA A 12 -6.32 3.41 -1.68
N LEU A 13 -5.19 4.11 -1.68
CA LEU A 13 -4.23 4.00 -2.77
C LEU A 13 -3.69 2.58 -2.84
N ILE A 14 -3.44 2.02 -1.67
CA ILE A 14 -2.90 0.66 -1.53
C ILE A 14 -3.84 -0.38 -2.15
N VAL A 15 -5.09 -0.41 -1.71
CA VAL A 15 -6.02 -1.43 -2.19
C VAL A 15 -6.33 -1.24 -3.67
N ASN A 16 -6.42 0.02 -4.11
CA ASN A 16 -6.67 0.31 -5.52
C ASN A 16 -5.52 -0.20 -6.38
N TYR A 17 -4.30 -0.15 -5.82
CA TYR A 17 -3.13 -0.64 -6.53
C TYR A 17 -3.22 -2.14 -6.75
N PHE A 18 -3.52 -2.89 -5.69
CA PHE A 18 -3.65 -4.34 -5.81
C PHE A 18 -4.84 -4.72 -6.69
N SER A 19 -5.89 -3.90 -6.63
CA SER A 19 -7.05 -4.09 -7.50
C SER A 19 -6.64 -3.94 -8.96
N SER A 20 -5.65 -3.08 -9.20
CA SER A 20 -5.13 -2.86 -10.53
C SER A 20 -4.22 -4.03 -10.94
N ILE A 21 -3.44 -4.51 -9.98
CA ILE A 21 -2.53 -5.64 -10.23
C ILE A 21 -3.30 -6.89 -10.63
N VAL A 22 -4.39 -7.16 -9.92
CA VAL A 22 -5.22 -8.32 -10.23
C VAL A 22 -6.06 -8.06 -11.49
N GLU A 23 -6.39 -6.78 -11.72
CA GLU A 23 -7.08 -6.36 -12.93
C GLU A 23 -6.26 -6.73 -14.16
N LYS A 24 -5.01 -6.28 -14.17
CA LYS A 24 -4.12 -6.50 -15.31
C LYS A 24 -3.50 -7.88 -15.26
N LYS A 25 -3.81 -8.60 -14.17
CA LYS A 25 -3.33 -9.96 -13.95
C LYS A 25 -1.81 -10.03 -13.98
N GLU A 26 -1.18 -9.04 -13.36
CA GLU A 26 0.28 -9.00 -13.28
C GLU A 26 0.80 -9.99 -12.26
N ILE A 27 -0.11 -10.66 -11.56
CA ILE A 27 0.27 -11.61 -10.54
C ILE A 27 -0.48 -12.92 -10.74
N SER A 28 0.14 -14.02 -10.32
CA SER A 28 -0.50 -15.33 -10.36
C SER A 28 -1.81 -15.31 -9.58
N GLU A 29 -2.75 -16.16 -9.98
CA GLU A 29 -4.10 -16.17 -9.42
C GLU A 29 -4.08 -16.56 -7.94
N ASP A 30 -3.08 -17.35 -7.55
CA ASP A 30 -2.92 -17.73 -6.15
C ASP A 30 -2.52 -16.51 -5.33
N GLY A 31 -1.56 -15.76 -5.86
CA GLY A 31 -1.14 -14.53 -5.23
C GLY A 31 -2.26 -13.50 -5.25
N ALA A 32 -2.99 -13.47 -6.35
CA ALA A 32 -4.14 -12.58 -6.49
C ALA A 32 -5.15 -12.81 -5.37
N ASP A 33 -5.41 -14.07 -5.05
CA ASP A 33 -6.31 -14.40 -3.95
C ASP A 33 -5.79 -13.81 -2.64
N SER A 34 -4.50 -13.98 -2.40
CA SER A 34 -3.88 -13.45 -1.21
C SER A 34 -3.99 -11.91 -1.17
N LEU A 35 -3.93 -11.28 -2.34
CA LEU A 35 -4.10 -9.83 -2.43
C LEU A 35 -5.55 -9.44 -2.15
N ASN A 36 -6.49 -10.24 -2.68
CA ASN A 36 -7.90 -9.97 -2.49
C ASN A 36 -8.27 -9.99 -1.01
N VAL A 37 -7.83 -11.02 -0.29
CA VAL A 37 -8.12 -11.13 1.13
C VAL A 37 -7.33 -10.07 1.91
N ALA A 38 -6.17 -9.70 1.39
CA ALA A 38 -5.36 -8.66 2.00
C ALA A 38 -6.11 -7.33 1.96
N MET A 39 -6.57 -6.95 0.77
CA MET A 39 -7.34 -5.73 0.58
C MET A 39 -8.59 -5.75 1.44
N ASP A 40 -9.19 -6.93 1.58
CA ASP A 40 -10.37 -7.10 2.40
C ASP A 40 -10.07 -6.78 3.86
N CYS A 41 -8.94 -7.29 4.33
CA CYS A 41 -8.51 -7.04 5.71
C CYS A 41 -8.11 -5.58 5.91
N ILE A 42 -7.53 -4.98 4.88
CA ILE A 42 -7.18 -3.56 4.92
C ILE A 42 -8.45 -2.71 5.03
N SER A 43 -9.41 -3.01 4.16
CA SER A 43 -10.69 -2.30 4.15
C SER A 43 -11.44 -2.56 5.45
N GLU A 44 -11.29 -3.76 5.98
CA GLU A 44 -11.88 -4.14 7.25
C GLU A 44 -11.33 -3.28 8.39
N ALA A 45 -10.02 -3.05 8.36
CA ALA A 45 -9.34 -2.32 9.41
C ALA A 45 -9.82 -0.87 9.50
N PHE A 46 -9.81 -0.16 8.38
CA PHE A 46 -10.16 1.25 8.37
C PHE A 46 -11.65 1.48 8.14
N GLY A 47 -12.36 0.39 7.82
CA GLY A 47 -13.79 0.45 7.64
C GLY A 47 -14.20 1.19 6.37
N PHE A 48 -13.72 0.75 5.23
CA PHE A 48 -14.07 1.38 3.97
C PHE A 48 -14.25 0.33 2.87
N GLU A 49 -14.77 0.77 1.73
CA GLU A 49 -14.97 -0.11 0.59
C GLU A 49 -13.85 0.09 -0.42
N ARG A 50 -13.55 -0.94 -1.21
CA ARG A 50 -12.41 -0.91 -2.10
C ARG A 50 -12.74 -0.10 -3.35
N GLU A 51 -14.03 0.11 -3.56
CA GLU A 51 -14.50 0.89 -4.70
C GLU A 51 -14.70 2.34 -4.30
N ALA A 52 -14.52 2.63 -3.02
CA ALA A 52 -14.68 3.99 -2.51
C ALA A 52 -13.36 4.75 -2.61
N VAL A 53 -12.34 4.06 -3.11
CA VAL A 53 -11.01 4.65 -3.29
C VAL A 53 -11.05 5.97 -4.02
N SER A 54 -11.94 6.11 -5.00
CA SER A 54 -12.05 7.34 -5.78
C SER A 54 -12.28 8.56 -4.86
N GLY A 55 -13.33 8.48 -4.06
CA GLY A 55 -13.64 9.53 -3.09
C GLY A 55 -12.46 9.85 -2.17
N ILE A 56 -11.76 8.83 -1.71
CA ILE A 56 -10.65 9.03 -0.79
C ILE A 56 -9.41 9.56 -1.52
N LEU A 57 -9.12 9.00 -2.68
CA LEU A 57 -7.97 9.43 -3.47
C LEU A 57 -8.16 10.85 -3.98
N GLY A 58 -9.36 11.18 -4.42
CA GLY A 58 -9.67 12.55 -4.78
C GLY A 58 -9.56 13.52 -3.61
N LYS A 59 -9.52 12.97 -2.41
CA LYS A 59 -9.38 13.77 -1.20
C LYS A 59 -7.91 14.14 -0.98
N SER A 60 -7.02 13.38 -1.61
CA SER A 60 -5.60 13.57 -1.39
C SER A 60 -4.84 13.76 -2.71
N GLU A 61 -4.33 14.96 -2.92
CA GLU A 61 -3.51 15.22 -4.10
C GLU A 61 -2.07 14.83 -3.85
N PHE A 62 -1.69 14.78 -2.56
CA PHE A 62 -0.31 14.50 -2.16
C PHE A 62 0.62 15.64 -2.57
N LYS A 63 1.86 15.59 -2.10
CA LYS A 63 2.82 16.64 -2.40
C LYS A 63 4.02 16.07 -3.14
N GLY A 64 4.08 14.75 -3.22
CA GLY A 64 5.15 14.09 -3.93
C GLY A 64 4.63 13.05 -4.90
N GLN A 65 3.72 12.21 -4.41
CA GLN A 65 3.10 11.17 -5.22
C GLN A 65 2.27 11.81 -6.35
N HIS A 66 0.97 11.96 -6.09
CA HIS A 66 0.05 12.63 -7.01
C HIS A 66 -0.18 11.80 -8.27
N LEU A 67 0.69 11.95 -9.26
CA LEU A 67 0.53 11.30 -10.55
C LEU A 67 1.88 10.89 -11.13
N ALA A 68 1.84 10.05 -12.17
CA ALA A 68 3.03 9.67 -12.94
C ALA A 68 3.87 8.61 -12.23
N ASP A 69 4.20 8.85 -10.96
CA ASP A 69 4.96 7.88 -10.20
C ASP A 69 4.04 6.74 -9.76
N ILE A 70 2.76 7.06 -9.67
CA ILE A 70 1.71 6.09 -9.44
C ILE A 70 0.51 6.40 -10.32
N LEU A 71 0.19 5.50 -11.22
CA LEU A 71 -0.89 5.72 -12.17
C LEU A 71 -2.23 5.22 -11.63
N ASN A 72 -2.18 4.59 -10.47
CA ASN A 72 -3.38 4.06 -9.85
C ASN A 72 -4.00 5.08 -8.89
N SER A 73 -3.62 6.34 -9.06
CA SER A 73 -4.22 7.42 -8.28
C SER A 73 -5.61 7.74 -8.81
N ALA A 74 -5.78 7.61 -10.12
CA ALA A 74 -7.05 7.86 -10.76
C ALA A 74 -7.12 7.14 -12.11
N SER B 1 2.05 1.68 -21.75
CA SER B 1 3.40 1.85 -21.15
C SER B 1 3.31 2.63 -19.86
N VAL B 2 3.00 1.93 -18.77
CA VAL B 2 2.90 2.57 -17.46
C VAL B 2 4.26 2.58 -16.77
N ASP B 3 4.40 3.41 -15.76
CA ASP B 3 5.62 3.46 -14.97
C ASP B 3 5.27 3.77 -13.53
N SER B 4 4.49 2.88 -12.94
CA SER B 4 4.03 3.04 -11.57
C SER B 4 4.89 2.18 -10.64
N ALA B 5 6.12 1.92 -11.08
CA ALA B 5 7.09 1.10 -10.35
C ALA B 5 6.67 -0.37 -10.44
N SER B 6 7.33 -1.23 -9.69
CA SER B 6 6.99 -2.64 -9.72
C SER B 6 6.21 -2.99 -8.46
N LYS B 7 5.24 -3.88 -8.64
CA LYS B 7 4.38 -4.34 -7.56
C LYS B 7 5.18 -4.84 -6.36
N GLU B 8 6.39 -5.36 -6.62
CA GLU B 8 7.30 -5.74 -5.55
C GLU B 8 7.67 -4.54 -4.67
N GLU B 9 8.22 -3.51 -5.32
CA GLU B 9 8.65 -2.30 -4.62
C GLU B 9 7.51 -1.66 -3.87
N ILE B 10 6.35 -1.59 -4.52
CA ILE B 10 5.17 -0.99 -3.92
C ILE B 10 4.71 -1.79 -2.70
N ALA B 11 4.62 -3.10 -2.85
CA ALA B 11 4.20 -3.98 -1.75
C ALA B 11 5.06 -3.78 -0.51
N ALA B 12 6.38 -3.65 -0.71
CA ALA B 12 7.30 -3.43 0.39
C ALA B 12 6.98 -2.13 1.12
N LEU B 13 6.74 -1.08 0.35
CA LEU B 13 6.39 0.22 0.90
C LEU B 13 5.06 0.11 1.66
N ILE B 14 4.14 -0.64 1.06
CA ILE B 14 2.82 -0.84 1.62
C ILE B 14 2.87 -1.51 2.99
N VAL B 15 3.50 -2.67 3.08
CA VAL B 15 3.55 -3.41 4.33
C VAL B 15 4.33 -2.65 5.40
N ASN B 16 5.42 -1.99 4.99
CA ASN B 16 6.22 -1.20 5.91
C ASN B 16 5.39 -0.05 6.48
N TYR B 17 4.48 0.48 5.68
CA TYR B 17 3.60 1.56 6.14
C TYR B 17 2.68 1.05 7.24
N PHE B 18 2.02 -0.07 7.01
CA PHE B 18 1.12 -0.63 8.02
C PHE B 18 1.89 -1.06 9.26
N SER B 19 3.11 -1.53 9.04
CA SER B 19 3.99 -1.90 10.15
C SER B 19 4.30 -0.66 11.00
N SER B 20 4.34 0.49 10.34
CA SER B 20 4.57 1.76 11.03
C SER B 20 3.30 2.22 11.75
N ILE B 21 2.15 1.99 11.10
CA ILE B 21 0.86 2.36 11.68
C ILE B 21 0.62 1.60 12.98
N VAL B 22 0.90 0.31 12.98
CA VAL B 22 0.72 -0.52 14.17
C VAL B 22 1.84 -0.24 15.17
N GLU B 23 3.01 0.14 14.67
CA GLU B 23 4.13 0.56 15.51
C GLU B 23 3.73 1.74 16.37
N LYS B 24 3.24 2.78 15.73
CA LYS B 24 2.89 4.02 16.41
C LYS B 24 1.50 3.91 17.03
N LYS B 25 0.86 2.77 16.78
CA LYS B 25 -0.48 2.46 17.30
C LYS B 25 -1.49 3.52 16.88
N GLU B 26 -1.40 3.96 15.62
CA GLU B 26 -2.32 4.95 15.10
C GLU B 26 -3.68 4.32 14.80
N ILE B 27 -3.78 3.01 14.97
CA ILE B 27 -5.02 2.30 14.69
C ILE B 27 -5.39 1.40 15.86
N SER B 28 -6.68 1.18 16.03
CA SER B 28 -7.19 0.26 17.06
C SER B 28 -6.58 -1.13 16.88
N GLU B 29 -6.44 -1.84 17.99
CA GLU B 29 -5.75 -3.14 18.00
C GLU B 29 -6.50 -4.16 17.16
N ASP B 30 -7.81 -4.00 17.04
CA ASP B 30 -8.62 -4.88 16.21
C ASP B 30 -8.28 -4.65 14.74
N GLY B 31 -8.21 -3.37 14.37
CA GLY B 31 -7.80 -3.01 13.03
C GLY B 31 -6.37 -3.39 12.76
N ALA B 32 -5.52 -3.23 13.78
CA ALA B 32 -4.12 -3.62 13.69
C ALA B 32 -3.98 -5.10 13.33
N ASP B 33 -4.80 -5.94 13.95
CA ASP B 33 -4.81 -7.37 13.62
C ASP B 33 -5.13 -7.58 12.16
N SER B 34 -6.15 -6.89 11.67
CA SER B 34 -6.55 -6.97 10.29
C SER B 34 -5.42 -6.51 9.36
N LEU B 35 -4.64 -5.52 9.81
CA LEU B 35 -3.49 -5.05 9.04
C LEU B 35 -2.38 -6.08 9.05
N ASN B 36 -2.17 -6.71 10.20
CA ASN B 36 -1.14 -7.73 10.34
C ASN B 36 -1.38 -8.89 9.39
N VAL B 37 -2.60 -9.40 9.36
CA VAL B 37 -2.93 -10.51 8.48
C VAL B 37 -2.94 -10.04 7.02
N ALA B 38 -3.27 -8.76 6.81
CA ALA B 38 -3.24 -8.18 5.48
C ALA B 38 -1.81 -8.19 4.94
N MET B 39 -0.89 -7.64 5.72
CA MET B 39 0.52 -7.62 5.34
C MET B 39 1.04 -9.03 5.12
N ASP B 40 0.56 -9.97 5.93
CA ASP B 40 0.94 -11.37 5.80
C ASP B 40 0.51 -11.92 4.45
N CYS B 41 -0.72 -11.59 4.04
CA CYS B 41 -1.25 -12.04 2.77
C CYS B 41 -0.55 -11.35 1.60
N ILE B 42 -0.17 -10.08 1.81
CA ILE B 42 0.58 -9.34 0.81
C ILE B 42 1.95 -9.98 0.61
N SER B 43 2.63 -10.24 1.72
CA SER B 43 3.94 -10.87 1.70
C SER B 43 3.85 -12.28 1.13
N GLU B 44 2.73 -12.94 1.44
CA GLU B 44 2.47 -14.28 0.92
C GLU B 44 2.35 -14.26 -0.60
N ALA B 45 1.68 -13.24 -1.13
CA ALA B 45 1.43 -13.13 -2.56
C ALA B 45 2.73 -12.98 -3.36
N PHE B 46 3.57 -12.03 -2.96
CA PHE B 46 4.78 -11.75 -3.71
C PHE B 46 5.96 -12.56 -3.21
N GLY B 47 5.76 -13.27 -2.10
CA GLY B 47 6.78 -14.14 -1.56
C GLY B 47 7.96 -13.38 -0.97
N PHE B 48 7.70 -12.51 -0.01
CA PHE B 48 8.76 -11.76 0.63
C PHE B 48 8.49 -11.60 2.12
N GLU B 49 9.47 -11.11 2.85
CA GLU B 49 9.35 -10.88 4.28
C GLU B 49 9.09 -9.41 4.55
N ARG B 50 8.43 -9.11 5.66
CA ARG B 50 7.98 -7.75 5.93
C ARG B 50 9.15 -6.92 6.45
N GLU B 51 10.20 -7.62 6.90
CA GLU B 51 11.40 -6.96 7.39
C GLU B 51 12.43 -6.81 6.27
N ALA B 52 12.11 -7.36 5.11
CA ALA B 52 13.00 -7.28 3.96
C ALA B 52 12.72 -6.01 3.15
N VAL B 53 11.74 -5.25 3.62
CA VAL B 53 11.34 -3.99 2.99
C VAL B 53 12.53 -3.08 2.72
N SER B 54 13.51 -3.06 3.63
CA SER B 54 14.68 -2.21 3.48
C SER B 54 15.38 -2.46 2.14
N GLY B 55 15.77 -3.73 1.93
CA GLY B 55 16.40 -4.13 0.68
C GLY B 55 15.58 -3.74 -0.55
N ILE B 56 14.27 -3.91 -0.48
CA ILE B 56 13.41 -3.62 -1.62
C ILE B 56 13.21 -2.11 -1.79
N LEU B 57 13.00 -1.41 -0.70
CA LEU B 57 12.80 0.03 -0.73
C LEU B 57 14.07 0.73 -1.18
N GLY B 58 15.22 0.28 -0.68
CA GLY B 58 16.50 0.80 -1.15
C GLY B 58 16.72 0.52 -2.63
N LYS B 59 15.95 -0.39 -3.19
CA LYS B 59 16.04 -0.72 -4.61
C LYS B 59 15.29 0.31 -5.44
N SER B 60 14.38 1.04 -4.80
CA SER B 60 13.53 1.97 -5.52
C SER B 60 13.60 3.37 -4.90
N GLU B 61 14.18 4.31 -5.63
CA GLU B 61 14.20 5.69 -5.19
C GLU B 61 12.92 6.41 -5.59
N PHE B 62 12.24 5.89 -6.61
CA PHE B 62 11.02 6.49 -7.16
C PHE B 62 11.34 7.82 -7.83
N LYS B 63 10.38 8.38 -8.54
CA LYS B 63 10.59 9.64 -9.27
C LYS B 63 9.65 10.71 -8.75
N GLY B 64 8.71 10.31 -7.90
CA GLY B 64 7.79 11.25 -7.31
C GLY B 64 7.70 11.08 -5.81
N GLN B 65 7.54 9.84 -5.38
CA GLN B 65 7.47 9.51 -3.96
C GLN B 65 8.79 9.85 -3.26
N HIS B 66 9.65 8.85 -3.15
CA HIS B 66 11.00 9.01 -2.60
C HIS B 66 10.96 9.31 -1.10
N LEU B 67 10.81 10.58 -0.74
CA LEU B 67 10.87 11.00 0.66
C LEU B 67 9.90 12.15 0.90
N ALA B 68 9.67 12.44 2.18
CA ALA B 68 8.87 13.60 2.62
C ALA B 68 7.37 13.35 2.48
N ASP B 69 6.93 12.91 1.30
CA ASP B 69 5.52 12.62 1.10
C ASP B 69 5.18 11.29 1.76
N ILE B 70 6.20 10.45 1.90
CA ILE B 70 6.11 9.22 2.66
C ILE B 70 7.37 9.03 3.48
N LEU B 71 7.23 9.00 4.80
CA LEU B 71 8.38 8.91 5.68
C LEU B 71 8.72 7.46 6.00
N ASN B 72 7.88 6.55 5.52
CA ASN B 72 8.09 5.13 5.76
C ASN B 72 8.91 4.50 4.64
N SER B 73 9.59 5.34 3.88
CA SER B 73 10.49 4.86 2.84
C SER B 73 11.77 4.31 3.46
N ALA B 74 12.20 4.95 4.54
CA ALA B 74 13.39 4.54 5.26
C ALA B 74 13.35 5.05 6.69
N SER A 1 6.82 14.80 7.83
CA SER A 1 5.61 14.60 8.65
C SER A 1 4.36 15.07 7.90
N VAL A 2 4.35 16.32 7.46
CA VAL A 2 3.20 16.86 6.74
C VAL A 2 3.13 16.29 5.33
N ASP A 3 1.98 16.47 4.68
CA ASP A 3 1.77 16.07 3.27
C ASP A 3 1.50 14.58 3.17
N SER A 4 2.00 13.86 4.18
CA SER A 4 1.82 12.41 4.30
C SER A 4 0.34 12.00 4.23
N ALA A 5 -0.55 12.93 4.59
CA ALA A 5 -2.00 12.70 4.51
C ALA A 5 -2.47 11.76 5.62
N SER A 6 -3.64 11.16 5.47
CA SER A 6 -4.19 10.27 6.46
C SER A 6 -3.96 8.81 6.06
N LYS A 7 -3.87 7.93 7.05
CA LYS A 7 -3.67 6.51 6.81
C LYS A 7 -4.85 5.91 6.05
N GLU A 8 -6.03 6.53 6.19
CA GLU A 8 -7.19 6.15 5.40
C GLU A 8 -6.91 6.36 3.91
N GLU A 9 -6.38 7.53 3.60
CA GLU A 9 -6.04 7.90 2.23
C GLU A 9 -4.99 6.97 1.68
N ILE A 10 -4.01 6.63 2.51
CA ILE A 10 -2.96 5.70 2.13
C ILE A 10 -3.54 4.32 1.82
N ALA A 11 -4.36 3.83 2.74
CA ALA A 11 -5.01 2.53 2.58
C ALA A 11 -5.80 2.44 1.29
N ALA A 12 -6.50 3.53 0.96
CA ALA A 12 -7.25 3.60 -0.28
C ALA A 12 -6.34 3.43 -1.48
N LEU A 13 -5.24 4.19 -1.48
CA LEU A 13 -4.24 4.12 -2.54
C LEU A 13 -3.69 2.69 -2.63
N ILE A 14 -3.45 2.10 -1.47
CA ILE A 14 -2.91 0.76 -1.36
C ILE A 14 -3.83 -0.30 -1.97
N VAL A 15 -5.07 -0.35 -1.52
CA VAL A 15 -6.00 -1.38 -2.00
C VAL A 15 -6.31 -1.19 -3.48
N ASN A 16 -6.37 0.06 -3.92
CA ASN A 16 -6.61 0.36 -5.32
C ASN A 16 -5.49 -0.18 -6.19
N TYR A 17 -4.28 -0.23 -5.63
CA TYR A 17 -3.14 -0.79 -6.35
C TYR A 17 -3.31 -2.29 -6.53
N PHE A 18 -3.65 -2.99 -5.45
CA PHE A 18 -3.82 -4.44 -5.53
C PHE A 18 -5.00 -4.80 -6.42
N SER A 19 -6.04 -3.97 -6.39
CA SER A 19 -7.18 -4.14 -7.30
C SER A 19 -6.72 -4.06 -8.75
N SER A 20 -5.74 -3.21 -8.99
CA SER A 20 -5.18 -3.03 -10.32
C SER A 20 -4.33 -4.24 -10.71
N ILE A 21 -3.48 -4.69 -9.78
CA ILE A 21 -2.59 -5.83 -10.03
C ILE A 21 -3.38 -7.08 -10.38
N VAL A 22 -4.45 -7.35 -9.63
CA VAL A 22 -5.27 -8.52 -9.87
C VAL A 22 -6.13 -8.34 -11.12
N GLU A 23 -6.54 -7.10 -11.39
CA GLU A 23 -7.29 -6.79 -12.61
C GLU A 23 -6.43 -7.06 -13.83
N LYS A 24 -5.20 -6.56 -13.81
CA LYS A 24 -4.28 -6.74 -14.92
C LYS A 24 -3.70 -8.15 -14.91
N LYS A 25 -4.03 -8.89 -13.86
CA LYS A 25 -3.59 -10.27 -13.66
C LYS A 25 -2.07 -10.39 -13.75
N GLU A 26 -1.39 -9.44 -13.14
CA GLU A 26 0.07 -9.42 -13.13
C GLU A 26 0.62 -10.39 -12.10
N ILE A 27 -0.26 -11.01 -11.33
CA ILE A 27 0.16 -11.90 -10.27
C ILE A 27 -0.59 -13.23 -10.39
N SER A 28 0.09 -14.31 -9.99
CA SER A 28 -0.47 -15.64 -10.05
C SER A 28 -1.76 -15.77 -9.24
N GLU A 29 -2.61 -16.72 -9.58
CA GLU A 29 -3.92 -16.85 -8.95
C GLU A 29 -3.81 -16.93 -7.43
N ASP A 30 -2.85 -17.70 -6.95
CA ASP A 30 -2.66 -17.90 -5.52
C ASP A 30 -2.28 -16.58 -4.85
N GLY A 31 -1.39 -15.85 -5.50
CA GLY A 31 -1.00 -14.55 -5.00
C GLY A 31 -2.14 -13.55 -5.06
N ALA A 32 -2.87 -13.56 -6.17
CA ALA A 32 -4.02 -12.68 -6.36
C ALA A 32 -5.05 -12.85 -5.25
N ASP A 33 -5.39 -14.10 -4.95
CA ASP A 33 -6.36 -14.39 -3.88
C ASP A 33 -5.86 -13.84 -2.55
N SER A 34 -4.56 -13.97 -2.31
CA SER A 34 -3.95 -13.45 -1.09
C SER A 34 -4.03 -11.92 -1.05
N LEU A 35 -4.01 -11.29 -2.22
CA LEU A 35 -4.15 -9.84 -2.29
C LEU A 35 -5.60 -9.44 -2.07
N ASN A 36 -6.52 -10.27 -2.55
CA ASN A 36 -7.95 -10.02 -2.38
C ASN A 36 -8.32 -10.00 -0.91
N VAL A 37 -7.94 -11.05 -0.18
CA VAL A 37 -8.22 -11.12 1.24
C VAL A 37 -7.48 -10.00 1.99
N ALA A 38 -6.31 -9.63 1.48
CA ALA A 38 -5.54 -8.53 2.05
C ALA A 38 -6.34 -7.23 1.97
N MET A 39 -6.82 -6.90 0.77
CA MET A 39 -7.59 -5.70 0.54
C MET A 39 -8.82 -5.63 1.44
N ASP A 40 -9.52 -6.74 1.57
CA ASP A 40 -10.71 -6.79 2.41
C ASP A 40 -10.37 -6.57 3.89
N CYS A 41 -9.24 -7.11 4.32
CA CYS A 41 -8.78 -6.91 5.70
C CYS A 41 -8.40 -5.45 5.93
N ILE A 42 -7.76 -4.84 4.93
CA ILE A 42 -7.39 -3.43 5.01
C ILE A 42 -8.64 -2.56 5.02
N SER A 43 -9.58 -2.90 4.14
CA SER A 43 -10.86 -2.23 4.04
C SER A 43 -11.58 -2.24 5.38
N GLU A 44 -11.72 -3.43 5.95
CA GLU A 44 -12.38 -3.59 7.24
C GLU A 44 -11.65 -2.83 8.34
N ALA A 45 -10.32 -2.84 8.27
CA ALA A 45 -9.48 -2.19 9.28
C ALA A 45 -9.77 -0.70 9.38
N PHE A 46 -9.69 0.00 8.26
CA PHE A 46 -9.86 1.46 8.24
C PHE A 46 -11.32 1.87 8.07
N GLY A 47 -12.17 0.89 7.77
CA GLY A 47 -13.60 1.14 7.65
C GLY A 47 -13.95 1.94 6.41
N PHE A 48 -13.44 1.53 5.26
CA PHE A 48 -13.70 2.23 4.01
C PHE A 48 -13.97 1.22 2.90
N GLU A 49 -14.59 1.66 1.83
CA GLU A 49 -14.92 0.79 0.70
C GLU A 49 -13.78 0.79 -0.32
N ARG A 50 -13.66 -0.29 -1.08
CA ARG A 50 -12.54 -0.47 -1.99
C ARG A 50 -12.77 0.33 -3.26
N GLU A 51 -14.04 0.58 -3.56
CA GLU A 51 -14.41 1.34 -4.75
C GLU A 51 -14.41 2.84 -4.45
N ALA A 52 -14.39 3.18 -3.17
CA ALA A 52 -14.45 4.58 -2.74
C ALA A 52 -13.06 5.22 -2.78
N VAL A 53 -12.07 4.43 -3.19
CA VAL A 53 -10.70 4.89 -3.25
C VAL A 53 -10.55 6.21 -4.01
N SER A 54 -11.24 6.35 -5.14
CA SER A 54 -11.13 7.56 -5.95
C SER A 54 -11.58 8.79 -5.16
N GLY A 55 -12.73 8.67 -4.51
CA GLY A 55 -13.22 9.75 -3.65
C GLY A 55 -12.24 10.10 -2.55
N ILE A 56 -11.66 9.09 -1.92
CA ILE A 56 -10.71 9.30 -0.84
C ILE A 56 -9.41 9.90 -1.38
N LEU A 57 -8.88 9.28 -2.42
CA LEU A 57 -7.65 9.76 -3.07
C LEU A 57 -7.80 11.20 -3.54
N GLY A 58 -9.01 11.60 -3.92
CA GLY A 58 -9.28 12.98 -4.26
C GLY A 58 -8.93 13.96 -3.14
N LYS A 59 -8.85 13.46 -1.90
CA LYS A 59 -8.53 14.30 -0.76
C LYS A 59 -7.03 14.39 -0.53
N SER A 60 -6.25 13.73 -1.38
CA SER A 60 -4.80 13.62 -1.19
C SER A 60 -4.12 14.98 -1.03
N GLU A 61 -3.36 15.11 0.05
CA GLU A 61 -2.60 16.32 0.33
C GLU A 61 -1.26 16.29 -0.42
N PHE A 62 -0.90 15.11 -0.90
CA PHE A 62 0.39 14.90 -1.57
C PHE A 62 0.62 15.90 -2.70
N LYS A 63 1.59 16.79 -2.50
CA LYS A 63 1.95 17.75 -3.52
C LYS A 63 3.22 17.31 -4.24
N GLY A 64 3.74 16.15 -3.85
CA GLY A 64 4.87 15.58 -4.53
C GLY A 64 4.45 14.79 -5.76
N GLN A 65 3.18 14.42 -5.79
CA GLN A 65 2.62 13.70 -6.93
C GLN A 65 2.61 14.58 -8.17
N HIS A 66 3.12 14.05 -9.27
CA HIS A 66 3.18 14.78 -10.52
C HIS A 66 3.47 13.84 -11.70
N LEU A 67 4.19 12.77 -11.42
CA LEU A 67 4.60 11.82 -12.45
C LEU A 67 3.48 10.83 -12.74
N ALA A 68 3.60 10.13 -13.86
CA ALA A 68 2.65 9.08 -14.21
C ALA A 68 3.13 7.74 -13.64
N ASP A 69 3.71 7.80 -12.46
CA ASP A 69 4.22 6.64 -11.75
C ASP A 69 3.09 5.95 -10.99
N ILE A 70 2.34 6.73 -10.22
CA ILE A 70 1.22 6.19 -9.46
C ILE A 70 0.01 5.98 -10.38
N LEU A 71 -0.04 4.80 -11.00
CA LEU A 71 -1.11 4.46 -11.94
C LEU A 71 -2.43 4.24 -11.19
N ASN A 72 -2.32 3.94 -9.92
CA ASN A 72 -3.48 3.63 -9.08
C ASN A 72 -4.01 4.88 -8.38
N SER A 73 -3.68 6.06 -8.92
CA SER A 73 -4.21 7.31 -8.40
C SER A 73 -5.72 7.37 -8.58
N ALA A 74 -6.21 6.62 -9.55
CA ALA A 74 -7.64 6.53 -9.83
C ALA A 74 -7.95 5.18 -10.45
N SER B 1 3.59 5.52 -16.87
CA SER B 1 3.96 4.09 -16.95
C SER B 1 5.32 3.84 -16.30
N VAL B 2 6.35 4.57 -16.75
CA VAL B 2 7.69 4.41 -16.18
C VAL B 2 7.76 5.00 -14.79
N ASP B 3 8.83 4.66 -14.06
CA ASP B 3 9.12 5.23 -12.73
C ASP B 3 8.28 4.54 -11.66
N SER B 4 7.15 4.01 -12.11
CA SER B 4 6.21 3.26 -11.27
C SER B 4 6.88 2.12 -10.50
N ALA B 5 7.99 1.62 -11.04
CA ALA B 5 8.79 0.57 -10.40
C ALA B 5 8.08 -0.78 -10.48
N SER B 6 8.48 -1.72 -9.65
CA SER B 6 7.89 -3.05 -9.67
C SER B 6 6.86 -3.18 -8.55
N LYS B 7 5.87 -4.05 -8.77
CA LYS B 7 4.82 -4.30 -7.79
C LYS B 7 5.39 -4.88 -6.50
N GLU B 8 6.53 -5.56 -6.61
CA GLU B 8 7.26 -6.03 -5.45
C GLU B 8 7.69 -4.85 -4.57
N GLU B 9 8.27 -3.86 -5.23
CA GLU B 9 8.74 -2.66 -4.55
C GLU B 9 7.58 -1.92 -3.90
N ILE B 10 6.46 -1.88 -4.62
CA ILE B 10 5.24 -1.24 -4.11
C ILE B 10 4.76 -1.98 -2.86
N ALA B 11 4.64 -3.30 -2.97
CA ALA B 11 4.19 -4.13 -1.86
C ALA B 11 5.05 -3.93 -0.62
N ALA B 12 6.36 -3.82 -0.83
CA ALA B 12 7.28 -3.57 0.27
C ALA B 12 6.95 -2.25 0.96
N LEU B 13 6.77 -1.21 0.16
CA LEU B 13 6.41 0.11 0.66
C LEU B 13 5.08 0.02 1.43
N ILE B 14 4.16 -0.74 0.86
CA ILE B 14 2.83 -0.92 1.43
C ILE B 14 2.87 -1.58 2.80
N VAL B 15 3.49 -2.75 2.90
CA VAL B 15 3.51 -3.49 4.16
C VAL B 15 4.30 -2.73 5.22
N ASN B 16 5.36 -2.06 4.80
CA ASN B 16 6.17 -1.25 5.71
C ASN B 16 5.32 -0.14 6.33
N TYR B 17 4.35 0.35 5.57
CA TYR B 17 3.45 1.38 6.09
C TYR B 17 2.55 0.82 7.18
N PHE B 18 1.95 -0.34 6.93
CA PHE B 18 1.07 -0.95 7.93
C PHE B 18 1.85 -1.36 9.16
N SER B 19 3.09 -1.80 8.96
CA SER B 19 3.97 -2.12 10.08
C SER B 19 4.19 -0.88 10.93
N SER B 20 4.23 0.28 10.29
CA SER B 20 4.42 1.54 10.98
C SER B 20 3.15 1.93 11.74
N ILE B 21 2.00 1.79 11.07
CA ILE B 21 0.71 2.14 11.67
C ILE B 21 0.44 1.33 12.93
N VAL B 22 0.70 0.02 12.88
CA VAL B 22 0.48 -0.84 14.02
C VAL B 22 1.55 -0.60 15.09
N GLU B 23 2.76 -0.28 14.67
CA GLU B 23 3.84 0.06 15.60
C GLU B 23 3.48 1.31 16.39
N LYS B 24 3.04 2.35 15.68
CA LYS B 24 2.67 3.61 16.32
C LYS B 24 1.30 3.47 16.99
N LYS B 25 0.67 2.32 16.78
CA LYS B 25 -0.64 2.00 17.34
C LYS B 25 -1.66 3.08 17.00
N GLU B 26 -1.63 3.54 15.75
CA GLU B 26 -2.56 4.56 15.28
C GLU B 26 -3.92 3.95 14.95
N ILE B 27 -4.01 2.64 15.04
CA ILE B 27 -5.25 1.96 14.68
C ILE B 27 -5.66 1.01 15.81
N SER B 28 -6.96 0.84 15.97
CA SER B 28 -7.54 -0.01 17.01
C SER B 28 -7.05 -1.45 16.88
N GLU B 29 -7.06 -2.20 17.98
CA GLU B 29 -6.50 -3.55 18.00
C GLU B 29 -7.10 -4.42 16.90
N ASP B 30 -8.42 -4.32 16.73
CA ASP B 30 -9.12 -5.14 15.74
C ASP B 30 -8.65 -4.79 14.35
N GLY B 31 -8.50 -3.50 14.08
CA GLY B 31 -8.00 -3.05 12.81
C GLY B 31 -6.55 -3.45 12.61
N ALA B 32 -5.74 -3.28 13.65
CA ALA B 32 -4.33 -3.64 13.60
C ALA B 32 -4.14 -5.11 13.22
N ASP B 33 -4.88 -6.00 13.86
CA ASP B 33 -4.80 -7.42 13.56
C ASP B 33 -5.14 -7.69 12.11
N SER B 34 -6.14 -6.97 11.60
CA SER B 34 -6.55 -7.09 10.21
C SER B 34 -5.44 -6.60 9.27
N LEU B 35 -4.65 -5.64 9.74
CA LEU B 35 -3.52 -5.16 8.96
C LEU B 35 -2.36 -6.16 9.01
N ASN B 36 -2.21 -6.82 10.14
CA ASN B 36 -1.18 -7.83 10.31
C ASN B 36 -1.38 -8.99 9.34
N VAL B 37 -2.59 -9.55 9.33
CA VAL B 37 -2.90 -10.64 8.42
C VAL B 37 -2.82 -10.17 6.96
N ALA B 38 -3.14 -8.89 6.74
CA ALA B 38 -3.05 -8.30 5.41
C ALA B 38 -1.60 -8.32 4.93
N MET B 39 -0.70 -7.80 5.77
CA MET B 39 0.72 -7.75 5.43
C MET B 39 1.28 -9.14 5.12
N ASP B 40 0.90 -10.12 5.92
CA ASP B 40 1.37 -11.49 5.70
C ASP B 40 0.85 -12.06 4.39
N CYS B 41 -0.39 -11.74 4.05
CA CYS B 41 -0.97 -12.18 2.78
C CYS B 41 -0.25 -11.52 1.60
N ILE B 42 0.07 -10.24 1.76
CA ILE B 42 0.79 -9.49 0.73
C ILE B 42 2.20 -10.06 0.58
N SER B 43 2.84 -10.30 1.72
CA SER B 43 4.17 -10.89 1.79
C SER B 43 4.20 -12.22 1.04
N GLU B 44 3.28 -13.11 1.40
CA GLU B 44 3.19 -14.41 0.76
C GLU B 44 2.91 -14.28 -0.74
N ALA B 45 2.08 -13.32 -1.09
CA ALA B 45 1.68 -13.11 -2.49
C ALA B 45 2.88 -12.81 -3.37
N PHE B 46 3.67 -11.81 -3.00
CA PHE B 46 4.80 -11.39 -3.83
C PHE B 46 6.08 -12.15 -3.50
N GLY B 47 6.04 -12.92 -2.42
CA GLY B 47 7.17 -13.75 -2.04
C GLY B 47 8.35 -12.96 -1.51
N PHE B 48 8.07 -12.04 -0.59
CA PHE B 48 9.12 -11.21 -0.02
C PHE B 48 8.92 -11.10 1.49
N GLU B 49 9.98 -10.71 2.20
CA GLU B 49 9.92 -10.58 3.65
C GLU B 49 9.52 -9.16 4.04
N ARG B 50 8.91 -9.02 5.21
CA ARG B 50 8.35 -7.75 5.64
C ARG B 50 9.45 -6.83 6.16
N GLU B 51 10.54 -7.44 6.61
CA GLU B 51 11.68 -6.69 7.13
C GLU B 51 12.63 -6.31 6.00
N ALA B 52 12.46 -6.96 4.85
CA ALA B 52 13.35 -6.74 3.72
C ALA B 52 12.92 -5.52 2.92
N VAL B 53 11.86 -4.86 3.39
CA VAL B 53 11.31 -3.69 2.72
C VAL B 53 12.38 -2.64 2.42
N SER B 54 13.27 -2.38 3.38
CA SER B 54 14.31 -1.37 3.22
C SER B 54 15.21 -1.70 2.02
N GLY B 55 15.66 -2.95 1.97
CA GLY B 55 16.46 -3.41 0.84
C GLY B 55 15.74 -3.26 -0.48
N ILE B 56 14.47 -3.61 -0.50
CA ILE B 56 13.66 -3.53 -1.72
C ILE B 56 13.42 -2.07 -2.10
N LEU B 57 12.96 -1.29 -1.12
CA LEU B 57 12.72 0.14 -1.32
C LEU B 57 13.97 0.87 -1.80
N GLY B 58 15.14 0.39 -1.39
CA GLY B 58 16.39 0.92 -1.91
C GLY B 58 16.50 0.84 -3.43
N LYS B 59 15.71 -0.03 -4.05
CA LYS B 59 15.75 -0.20 -5.50
C LYS B 59 14.77 0.74 -6.20
N SER B 60 14.08 1.56 -5.42
CA SER B 60 13.01 2.42 -5.94
C SER B 60 13.49 3.30 -7.10
N GLU B 61 12.75 3.23 -8.19
CA GLU B 61 13.03 4.06 -9.37
C GLU B 61 12.37 5.43 -9.22
N PHE B 62 11.45 5.54 -8.26
CA PHE B 62 10.69 6.77 -8.05
C PHE B 62 11.60 7.99 -7.91
N LYS B 63 11.54 8.87 -8.90
CA LYS B 63 12.31 10.11 -8.85
C LYS B 63 11.40 11.27 -8.44
N GLY B 64 10.13 10.96 -8.19
CA GLY B 64 9.21 11.97 -7.70
C GLY B 64 9.31 12.13 -6.20
N GLN B 65 9.87 11.12 -5.54
CA GLN B 65 10.07 11.15 -4.10
C GLN B 65 11.09 12.22 -3.72
N HIS B 66 10.73 13.05 -2.76
CA HIS B 66 11.59 14.14 -2.31
C HIS B 66 11.11 14.70 -0.97
N LEU B 67 9.81 14.65 -0.75
CA LEU B 67 9.22 15.21 0.45
C LEU B 67 9.33 14.23 1.61
N ALA B 68 9.11 14.73 2.82
CA ALA B 68 9.09 13.89 4.01
C ALA B 68 7.67 13.38 4.26
N ASP B 69 6.97 13.10 3.17
CA ASP B 69 5.61 12.58 3.21
C ASP B 69 5.61 11.07 3.43
N ILE B 70 6.40 10.37 2.63
CA ILE B 70 6.50 8.92 2.75
C ILE B 70 7.41 8.55 3.92
N LEU B 71 6.82 8.45 5.11
CA LEU B 71 7.56 8.15 6.33
C LEU B 71 8.02 6.70 6.34
N ASN B 72 7.34 5.88 5.56
CA ASN B 72 7.61 4.45 5.49
C ASN B 72 8.61 4.12 4.39
N SER B 73 9.39 5.12 3.96
CA SER B 73 10.44 4.89 2.98
C SER B 73 11.52 3.96 3.56
N ALA B 74 11.61 3.93 4.88
CA ALA B 74 12.55 3.07 5.57
C ALA B 74 12.00 2.71 6.95
N SER A 1 0.75 12.02 16.54
CA SER A 1 -0.07 13.06 15.90
C SER A 1 0.23 13.11 14.40
N VAL A 2 -0.81 13.15 13.60
CA VAL A 2 -0.66 13.25 12.15
C VAL A 2 -1.64 14.26 11.58
N ASP A 3 -1.27 14.82 10.45
CA ASP A 3 -2.08 15.86 9.81
C ASP A 3 -1.80 15.90 8.32
N SER A 4 -0.55 15.62 7.99
CA SER A 4 -0.11 15.55 6.59
C SER A 4 -1.14 14.81 5.73
N ALA A 5 -1.47 13.59 6.13
CA ALA A 5 -2.47 12.80 5.43
C ALA A 5 -3.13 11.84 6.39
N SER A 6 -4.23 11.24 5.97
CA SER A 6 -4.90 10.23 6.76
C SER A 6 -4.50 8.86 6.28
N LYS A 7 -4.46 7.93 7.21
CA LYS A 7 -4.09 6.55 6.91
C LYS A 7 -5.15 5.90 6.05
N GLU A 8 -6.35 6.45 6.09
CA GLU A 8 -7.45 6.00 5.25
C GLU A 8 -7.17 6.34 3.79
N GLU A 9 -6.63 7.53 3.55
CA GLU A 9 -6.34 8.00 2.20
C GLU A 9 -5.24 7.16 1.56
N ILE A 10 -4.20 6.87 2.34
CA ILE A 10 -3.10 6.05 1.87
C ILE A 10 -3.57 4.61 1.64
N ALA A 11 -4.35 4.09 2.59
CA ALA A 11 -4.94 2.75 2.46
C ALA A 11 -5.75 2.65 1.17
N ALA A 12 -6.42 3.73 0.80
CA ALA A 12 -7.18 3.79 -0.45
C ALA A 12 -6.25 3.54 -1.63
N LEU A 13 -5.12 4.25 -1.68
CA LEU A 13 -4.13 4.04 -2.73
C LEU A 13 -3.65 2.60 -2.73
N ILE A 14 -3.44 2.06 -1.54
CA ILE A 14 -2.92 0.72 -1.36
C ILE A 14 -3.84 -0.34 -1.93
N VAL A 15 -5.11 -0.32 -1.54
CA VAL A 15 -6.06 -1.31 -2.04
C VAL A 15 -6.37 -1.05 -3.52
N ASN A 16 -6.32 0.22 -3.91
CA ASN A 16 -6.47 0.61 -5.31
C ASN A 16 -5.38 -0.05 -6.16
N TYR A 17 -4.18 -0.09 -5.61
CA TYR A 17 -3.04 -0.70 -6.29
C TYR A 17 -3.30 -2.16 -6.56
N PHE A 18 -3.60 -2.91 -5.50
CA PHE A 18 -3.81 -4.35 -5.62
C PHE A 18 -5.02 -4.65 -6.50
N SER A 19 -6.04 -3.80 -6.44
CA SER A 19 -7.21 -3.95 -7.29
C SER A 19 -6.82 -3.83 -8.76
N SER A 20 -5.94 -2.87 -9.06
CA SER A 20 -5.43 -2.69 -10.41
C SER A 20 -4.57 -3.89 -10.82
N ILE A 21 -3.73 -4.35 -9.90
CA ILE A 21 -2.84 -5.47 -10.16
C ILE A 21 -3.63 -6.74 -10.50
N VAL A 22 -4.64 -7.05 -9.71
CA VAL A 22 -5.41 -8.27 -9.92
C VAL A 22 -6.35 -8.12 -11.12
N GLU A 23 -6.84 -6.91 -11.37
CA GLU A 23 -7.68 -6.64 -12.52
C GLU A 23 -6.92 -6.91 -13.82
N LYS A 24 -5.67 -6.45 -13.87
CA LYS A 24 -4.82 -6.66 -15.04
C LYS A 24 -4.16 -8.03 -14.99
N LYS A 25 -4.36 -8.71 -13.86
CA LYS A 25 -3.76 -10.00 -13.59
C LYS A 25 -2.24 -9.95 -13.71
N GLU A 26 -1.66 -8.88 -13.18
CA GLU A 26 -0.21 -8.69 -13.20
C GLU A 26 0.48 -9.67 -12.26
N ILE A 27 -0.32 -10.34 -11.46
CA ILE A 27 0.20 -11.31 -10.50
C ILE A 27 -0.49 -12.66 -10.74
N SER A 28 0.23 -13.75 -10.44
CA SER A 28 -0.28 -15.10 -10.65
C SER A 28 -1.56 -15.36 -9.84
N GLU A 29 -2.29 -16.40 -10.23
CA GLU A 29 -3.62 -16.70 -9.68
C GLU A 29 -3.62 -16.70 -8.15
N ASP A 30 -2.73 -17.50 -7.57
CA ASP A 30 -2.66 -17.64 -6.11
C ASP A 30 -2.34 -16.31 -5.45
N GLY A 31 -1.40 -15.59 -6.03
CA GLY A 31 -1.03 -14.29 -5.52
C GLY A 31 -2.18 -13.32 -5.57
N ALA A 32 -2.89 -13.30 -6.70
CA ALA A 32 -4.05 -12.44 -6.88
C ALA A 32 -5.07 -12.66 -5.78
N ASP A 33 -5.41 -13.91 -5.51
CA ASP A 33 -6.39 -14.23 -4.48
C ASP A 33 -5.89 -13.80 -3.10
N SER A 34 -4.59 -13.98 -2.88
CA SER A 34 -3.98 -13.60 -1.61
C SER A 34 -4.03 -12.07 -1.44
N LEU A 35 -3.98 -11.35 -2.55
CA LEU A 35 -4.12 -9.90 -2.52
C LEU A 35 -5.57 -9.51 -2.27
N ASN A 36 -6.49 -10.28 -2.84
CA ASN A 36 -7.91 -10.04 -2.67
C ASN A 36 -8.30 -10.10 -1.20
N VAL A 37 -7.90 -11.18 -0.52
CA VAL A 37 -8.21 -11.34 0.89
C VAL A 37 -7.46 -10.31 1.73
N ALA A 38 -6.27 -9.93 1.28
CA ALA A 38 -5.48 -8.90 1.95
C ALA A 38 -6.21 -7.57 1.93
N MET A 39 -6.70 -7.18 0.76
CA MET A 39 -7.42 -5.92 0.60
C MET A 39 -8.63 -5.85 1.52
N ASP A 40 -9.39 -6.94 1.61
CA ASP A 40 -10.59 -6.96 2.42
C ASP A 40 -10.24 -6.85 3.91
N CYS A 41 -9.07 -7.35 4.28
CA CYS A 41 -8.58 -7.22 5.65
C CYS A 41 -8.20 -5.77 5.93
N ILE A 42 -7.61 -5.12 4.93
CA ILE A 42 -7.30 -3.70 5.02
C ILE A 42 -8.59 -2.90 5.15
N SER A 43 -9.60 -3.32 4.39
CA SER A 43 -10.91 -2.70 4.44
C SER A 43 -11.55 -2.89 5.80
N GLU A 44 -11.40 -4.09 6.35
CA GLU A 44 -11.95 -4.42 7.65
C GLU A 44 -11.28 -3.60 8.76
N ALA A 45 -10.08 -3.11 8.47
CA ALA A 45 -9.33 -2.32 9.43
C ALA A 45 -9.81 -0.86 9.46
N PHE A 46 -10.08 -0.30 8.29
CA PHE A 46 -10.41 1.13 8.21
C PHE A 46 -11.90 1.38 7.93
N GLY A 47 -12.61 0.32 7.55
CA GLY A 47 -14.03 0.44 7.29
C GLY A 47 -14.34 1.18 5.99
N PHE A 48 -13.80 0.69 4.89
CA PHE A 48 -14.00 1.35 3.60
C PHE A 48 -14.03 0.31 2.47
N GLU A 49 -14.52 0.72 1.31
CA GLU A 49 -14.61 -0.17 0.16
C GLU A 49 -13.47 0.13 -0.82
N ARG A 50 -13.14 -0.84 -1.66
CA ARG A 50 -12.02 -0.72 -2.58
C ARG A 50 -12.44 0.11 -3.80
N GLU A 51 -13.73 0.32 -3.95
CA GLU A 51 -14.26 1.10 -5.05
C GLU A 51 -14.39 2.56 -4.65
N ALA A 52 -14.45 2.81 -3.35
CA ALA A 52 -14.62 4.16 -2.83
C ALA A 52 -13.31 4.92 -2.84
N VAL A 53 -12.24 4.23 -3.23
CA VAL A 53 -10.90 4.81 -3.31
C VAL A 53 -10.89 6.17 -4.01
N SER A 54 -11.53 6.27 -5.17
CA SER A 54 -11.50 7.50 -5.95
C SER A 54 -12.09 8.68 -5.17
N GLY A 55 -13.23 8.43 -4.53
CA GLY A 55 -13.85 9.45 -3.70
C GLY A 55 -12.93 9.97 -2.62
N ILE A 56 -12.20 9.06 -1.98
CA ILE A 56 -11.27 9.42 -0.92
C ILE A 56 -10.02 10.11 -1.52
N LEU A 57 -9.45 9.47 -2.54
CA LEU A 57 -8.25 9.96 -3.19
C LEU A 57 -8.43 11.39 -3.71
N GLY A 58 -9.57 11.66 -4.34
CA GLY A 58 -9.83 12.99 -4.86
C GLY A 58 -9.85 14.09 -3.81
N LYS A 59 -9.78 13.71 -2.54
CA LYS A 59 -9.77 14.67 -1.46
C LYS A 59 -8.36 15.21 -1.22
N SER A 60 -7.35 14.50 -1.72
CA SER A 60 -5.96 14.93 -1.55
C SER A 60 -5.15 14.67 -2.81
N GLU A 61 -4.34 15.64 -3.21
CA GLU A 61 -3.47 15.47 -4.36
C GLU A 61 -2.19 14.75 -3.96
N PHE A 62 -1.92 14.70 -2.64
CA PHE A 62 -0.74 14.05 -2.08
C PHE A 62 0.53 14.86 -2.35
N LYS A 63 0.60 15.50 -3.53
CA LYS A 63 1.68 16.40 -3.88
C LYS A 63 3.03 15.69 -3.91
N GLY A 64 3.39 15.21 -5.10
CA GLY A 64 4.61 14.46 -5.27
C GLY A 64 4.40 13.31 -6.22
N GLN A 65 3.19 12.76 -6.19
CA GLN A 65 2.83 11.68 -7.06
C GLN A 65 2.17 12.21 -8.34
N HIS A 66 2.37 11.47 -9.42
CA HIS A 66 1.80 11.81 -10.73
C HIS A 66 2.25 10.76 -11.73
N LEU A 67 3.55 10.68 -11.95
CA LEU A 67 4.13 9.64 -12.78
C LEU A 67 5.52 9.30 -12.25
N ALA A 68 5.70 8.03 -11.91
CA ALA A 68 6.95 7.56 -11.31
C ALA A 68 6.89 6.06 -11.12
N ASP A 69 7.75 5.54 -10.25
CA ASP A 69 7.72 4.13 -9.88
C ASP A 69 6.36 3.77 -9.27
N ILE A 70 5.80 4.72 -8.55
CA ILE A 70 4.48 4.56 -7.95
C ILE A 70 3.40 4.42 -9.03
N LEU A 71 3.05 3.18 -9.34
CA LEU A 71 2.03 2.89 -10.34
C LEU A 71 0.64 3.22 -9.81
N ASN A 72 0.49 3.14 -8.49
CA ASN A 72 -0.78 3.43 -7.84
C ASN A 72 -0.97 4.93 -7.64
N SER A 73 -0.24 5.72 -8.40
CA SER A 73 -0.32 7.16 -8.32
C SER A 73 -1.72 7.65 -8.71
N ALA A 74 -2.24 8.59 -7.94
CA ALA A 74 -3.55 9.15 -8.20
C ALA A 74 -3.46 10.65 -8.44
N SER B 1 2.77 -5.09 -19.62
CA SER B 1 4.23 -4.89 -19.53
C SER B 1 4.53 -3.75 -18.57
N VAL B 2 5.50 -3.97 -17.67
CA VAL B 2 5.90 -2.95 -16.73
C VAL B 2 7.43 -2.91 -16.63
N ASP B 3 7.94 -1.76 -16.26
CA ASP B 3 9.38 -1.55 -16.18
C ASP B 3 9.69 -0.43 -15.20
N SER B 4 8.80 0.55 -15.18
CA SER B 4 8.90 1.68 -14.25
C SER B 4 9.30 1.22 -12.86
N ALA B 5 8.55 0.28 -12.31
CA ALA B 5 8.86 -0.29 -11.00
C ALA B 5 8.30 -1.69 -10.91
N SER B 6 8.74 -2.42 -9.89
CA SER B 6 8.20 -3.75 -9.65
C SER B 6 7.14 -3.69 -8.57
N LYS B 7 6.18 -4.57 -8.70
CA LYS B 7 5.07 -4.64 -7.77
C LYS B 7 5.56 -5.10 -6.40
N GLU B 8 6.70 -5.78 -6.40
CA GLU B 8 7.36 -6.19 -5.17
C GLU B 8 7.86 -4.97 -4.39
N GLU B 9 8.41 -4.01 -5.11
CA GLU B 9 8.99 -2.82 -4.49
C GLU B 9 7.89 -1.95 -3.88
N ILE B 10 6.79 -1.82 -4.59
CA ILE B 10 5.64 -1.07 -4.08
C ILE B 10 5.00 -1.79 -2.90
N ALA B 11 4.85 -3.11 -3.03
CA ALA B 11 4.34 -3.94 -1.93
C ALA B 11 5.18 -3.76 -0.68
N ALA B 12 6.49 -3.61 -0.86
CA ALA B 12 7.40 -3.35 0.25
C ALA B 12 7.00 -2.06 0.97
N LEU B 13 6.78 -0.99 0.23
CA LEU B 13 6.32 0.28 0.81
C LEU B 13 5.00 0.09 1.54
N ILE B 14 4.14 -0.72 0.93
CA ILE B 14 2.80 -0.95 1.46
C ILE B 14 2.82 -1.65 2.82
N VAL B 15 3.53 -2.77 2.91
CA VAL B 15 3.61 -3.49 4.17
C VAL B 15 4.45 -2.71 5.19
N ASN B 16 5.43 -1.96 4.69
CA ASN B 16 6.23 -1.07 5.52
C ASN B 16 5.33 -0.04 6.20
N TYR B 17 4.36 0.45 5.44
CA TYR B 17 3.43 1.44 5.95
C TYR B 17 2.63 0.88 7.13
N PHE B 18 1.98 -0.25 6.91
CA PHE B 18 1.15 -0.86 7.94
C PHE B 18 1.99 -1.28 9.14
N SER B 19 3.22 -1.73 8.89
CA SER B 19 4.14 -2.07 9.96
C SER B 19 4.42 -0.86 10.83
N SER B 20 4.62 0.29 10.20
CA SER B 20 4.84 1.53 10.92
C SER B 20 3.59 1.95 11.68
N ILE B 21 2.42 1.80 11.03
CA ILE B 21 1.15 2.16 11.62
C ILE B 21 0.87 1.36 12.89
N VAL B 22 1.06 0.05 12.82
CA VAL B 22 0.78 -0.82 13.96
C VAL B 22 1.85 -0.68 15.04
N GLU B 23 3.09 -0.44 14.63
CA GLU B 23 4.18 -0.21 15.56
C GLU B 23 3.91 1.02 16.44
N LYS B 24 3.43 2.09 15.80
CA LYS B 24 3.12 3.32 16.52
C LYS B 24 1.72 3.24 17.12
N LYS B 25 1.02 2.16 16.77
CA LYS B 25 -0.37 1.93 17.17
C LYS B 25 -1.27 3.09 16.76
N GLU B 26 -1.06 3.58 15.55
CA GLU B 26 -1.84 4.68 14.99
C GLU B 26 -3.26 4.22 14.69
N ILE B 27 -3.48 2.91 14.76
CA ILE B 27 -4.79 2.33 14.49
C ILE B 27 -5.23 1.50 15.70
N SER B 28 -6.53 1.41 15.92
CA SER B 28 -7.08 0.68 17.05
C SER B 28 -6.69 -0.81 17.01
N GLU B 29 -6.82 -1.47 18.17
CA GLU B 29 -6.36 -2.84 18.36
C GLU B 29 -6.84 -3.77 17.25
N ASP B 30 -8.15 -3.81 17.03
CA ASP B 30 -8.74 -4.70 16.04
C ASP B 30 -8.22 -4.39 14.65
N GLY B 31 -8.15 -3.10 14.33
CA GLY B 31 -7.63 -2.68 13.05
C GLY B 31 -6.19 -3.08 12.86
N ALA B 32 -5.38 -2.89 13.89
CA ALA B 32 -3.97 -3.27 13.85
C ALA B 32 -3.80 -4.74 13.50
N ASP B 33 -4.55 -5.60 14.18
CA ASP B 33 -4.47 -7.03 13.92
C ASP B 33 -4.92 -7.36 12.51
N SER B 34 -5.95 -6.67 12.05
CA SER B 34 -6.47 -6.86 10.71
C SER B 34 -5.42 -6.43 9.66
N LEU B 35 -4.60 -5.45 10.02
CA LEU B 35 -3.50 -5.03 9.16
C LEU B 35 -2.37 -6.05 9.19
N ASN B 36 -2.15 -6.64 10.36
CA ASN B 36 -1.12 -7.65 10.53
C ASN B 36 -1.37 -8.84 9.62
N VAL B 37 -2.59 -9.36 9.65
CA VAL B 37 -2.94 -10.50 8.83
C VAL B 37 -2.96 -10.12 7.35
N ALA B 38 -3.31 -8.86 7.08
CA ALA B 38 -3.32 -8.35 5.71
C ALA B 38 -1.91 -8.35 5.14
N MET B 39 -0.96 -7.83 5.91
CA MET B 39 0.43 -7.77 5.49
C MET B 39 0.98 -9.15 5.14
N ASP B 40 0.67 -10.14 5.98
CA ASP B 40 1.19 -11.48 5.76
C ASP B 40 0.57 -12.09 4.51
N CYS B 41 -0.65 -11.69 4.18
CA CYS B 41 -1.30 -12.14 2.96
C CYS B 41 -0.61 -11.51 1.74
N ILE B 42 -0.23 -10.25 1.89
CA ILE B 42 0.54 -9.56 0.86
C ILE B 42 1.89 -10.24 0.69
N SER B 43 2.47 -10.64 1.81
CA SER B 43 3.74 -11.35 1.81
C SER B 43 3.59 -12.70 1.13
N GLU B 44 2.48 -13.38 1.42
CA GLU B 44 2.19 -14.68 0.83
C GLU B 44 2.00 -14.58 -0.69
N ALA B 45 1.66 -13.38 -1.14
CA ALA B 45 1.43 -13.15 -2.56
C ALA B 45 2.75 -12.96 -3.31
N PHE B 46 3.69 -12.23 -2.73
CA PHE B 46 4.93 -11.89 -3.44
C PHE B 46 6.14 -12.66 -2.92
N GLY B 47 5.97 -13.31 -1.78
CA GLY B 47 7.05 -14.11 -1.21
C GLY B 47 8.17 -13.26 -0.63
N PHE B 48 7.83 -12.38 0.31
CA PHE B 48 8.81 -11.50 0.92
C PHE B 48 8.46 -11.22 2.38
N GLU B 49 9.42 -10.70 3.13
CA GLU B 49 9.22 -10.38 4.54
C GLU B 49 8.99 -8.89 4.71
N ARG B 50 8.36 -8.51 5.81
CA ARG B 50 8.02 -7.11 6.06
C ARG B 50 9.24 -6.35 6.58
N GLU B 51 10.27 -7.09 6.95
CA GLU B 51 11.50 -6.50 7.44
C GLU B 51 12.49 -6.30 6.30
N ALA B 52 12.29 -7.03 5.22
CA ALA B 52 13.18 -6.97 4.07
C ALA B 52 12.88 -5.76 3.21
N VAL B 53 11.83 -5.03 3.59
CA VAL B 53 11.40 -3.84 2.87
C VAL B 53 12.57 -2.89 2.55
N SER B 54 13.41 -2.60 3.53
CA SER B 54 14.49 -1.64 3.34
C SER B 54 15.45 -2.09 2.24
N GLY B 55 15.82 -3.37 2.27
CA GLY B 55 16.67 -3.94 1.25
C GLY B 55 16.11 -3.76 -0.15
N ILE B 56 14.80 -3.98 -0.29
CA ILE B 56 14.12 -3.82 -1.57
C ILE B 56 13.99 -2.34 -1.93
N LEU B 57 13.49 -1.57 -0.98
CA LEU B 57 13.27 -0.13 -1.18
C LEU B 57 14.54 0.58 -1.62
N GLY B 58 15.66 0.27 -0.97
CA GLY B 58 16.92 0.90 -1.31
C GLY B 58 17.37 0.67 -2.75
N LYS B 59 16.66 -0.20 -3.47
CA LYS B 59 17.00 -0.50 -4.84
C LYS B 59 16.39 0.54 -5.79
N SER B 60 15.42 1.30 -5.30
CA SER B 60 14.77 2.31 -6.12
C SER B 60 14.45 3.56 -5.29
N GLU B 61 14.73 4.72 -5.85
CA GLU B 61 14.42 5.98 -5.18
C GLU B 61 12.95 6.35 -5.42
N PHE B 62 12.35 5.72 -6.43
CA PHE B 62 10.95 5.97 -6.82
C PHE B 62 10.78 7.34 -7.51
N LYS B 63 11.56 8.32 -7.07
CA LYS B 63 11.61 9.64 -7.69
C LYS B 63 10.25 10.34 -7.66
N GLY B 64 10.05 11.14 -6.61
CA GLY B 64 8.80 11.82 -6.41
C GLY B 64 8.41 11.82 -4.95
N GLN B 65 8.81 10.75 -4.28
CA GLN B 65 8.55 10.63 -2.85
C GLN B 65 9.73 11.14 -2.04
N HIS B 66 9.44 11.67 -0.86
CA HIS B 66 10.44 12.18 0.07
C HIS B 66 9.73 12.72 1.30
N LEU B 67 8.91 13.74 1.08
CA LEU B 67 8.06 14.26 2.14
C LEU B 67 6.77 14.78 1.54
N ALA B 68 5.66 14.24 2.01
CA ALA B 68 4.34 14.56 1.47
C ALA B 68 3.26 13.86 2.27
N ASP B 69 2.09 13.73 1.68
CA ASP B 69 1.00 12.96 2.28
C ASP B 69 1.43 11.51 2.48
N ILE B 70 2.24 11.03 1.55
CA ILE B 70 2.78 9.67 1.62
C ILE B 70 3.71 9.53 2.83
N LEU B 71 3.16 9.01 3.92
CA LEU B 71 3.93 8.80 5.15
C LEU B 71 4.89 7.62 4.98
N ASN B 72 4.52 6.68 4.13
CA ASN B 72 5.33 5.50 3.86
C ASN B 72 6.45 5.80 2.86
N SER B 73 6.77 7.08 2.71
CA SER B 73 7.81 7.50 1.80
C SER B 73 9.16 6.94 2.22
N ALA B 74 9.93 6.47 1.24
CA ALA B 74 11.24 5.92 1.51
C ALA B 74 12.30 6.69 0.73
N SER A 1 5.71 22.02 4.43
CA SER A 1 6.10 21.89 5.85
C SER A 1 6.28 20.42 6.23
N VAL A 2 5.24 19.62 6.02
CA VAL A 2 5.30 18.21 6.35
C VAL A 2 5.28 17.34 5.10
N ASP A 3 5.71 16.11 5.25
CA ASP A 3 5.70 15.16 4.14
C ASP A 3 5.03 13.86 4.58
N SER A 4 4.19 13.98 5.59
CA SER A 4 3.45 12.85 6.12
C SER A 4 2.21 12.59 5.26
N ALA A 5 1.36 11.67 5.71
CA ALA A 5 0.20 11.28 4.94
C ALA A 5 -0.87 10.67 5.83
N SER A 6 -2.07 10.52 5.28
CA SER A 6 -3.20 10.00 6.01
C SER A 6 -3.33 8.49 5.77
N LYS A 7 -3.56 7.75 6.85
CA LYS A 7 -3.56 6.30 6.81
C LYS A 7 -4.75 5.75 6.03
N GLU A 8 -5.92 6.37 6.19
CA GLU A 8 -7.10 5.98 5.43
C GLU A 8 -6.87 6.17 3.94
N GLU A 9 -6.42 7.37 3.59
CA GLU A 9 -6.22 7.73 2.19
C GLU A 9 -5.14 6.88 1.55
N ILE A 10 -4.11 6.53 2.31
CA ILE A 10 -3.08 5.63 1.81
C ILE A 10 -3.63 4.22 1.63
N ALA A 11 -4.40 3.75 2.61
CA ALA A 11 -5.03 2.44 2.51
C ALA A 11 -5.89 2.32 1.25
N ALA A 12 -6.57 3.41 0.91
CA ALA A 12 -7.36 3.48 -0.30
C ALA A 12 -6.48 3.29 -1.53
N LEU A 13 -5.34 3.98 -1.55
CA LEU A 13 -4.37 3.85 -2.63
C LEU A 13 -3.89 2.41 -2.72
N ILE A 14 -3.60 1.85 -1.56
CA ILE A 14 -3.08 0.50 -1.44
C ILE A 14 -4.04 -0.54 -2.02
N VAL A 15 -5.30 -0.51 -1.59
CA VAL A 15 -6.27 -1.48 -2.09
C VAL A 15 -6.55 -1.25 -3.57
N ASN A 16 -6.56 0.02 -3.97
CA ASN A 16 -6.73 0.37 -5.38
C ASN A 16 -5.62 -0.25 -6.22
N TYR A 17 -4.40 -0.19 -5.71
CA TYR A 17 -3.25 -0.73 -6.42
C TYR A 17 -3.38 -2.22 -6.61
N PHE A 18 -3.67 -2.94 -5.53
CA PHE A 18 -3.81 -4.40 -5.61
C PHE A 18 -5.01 -4.78 -6.47
N SER A 19 -6.07 -3.98 -6.40
CA SER A 19 -7.23 -4.20 -7.25
C SER A 19 -6.85 -4.10 -8.71
N SER A 20 -5.99 -3.13 -9.02
CA SER A 20 -5.48 -2.95 -10.37
C SER A 20 -4.58 -4.14 -10.76
N ILE A 21 -3.75 -4.56 -9.81
CA ILE A 21 -2.83 -5.69 -10.03
C ILE A 21 -3.60 -6.97 -10.34
N VAL A 22 -4.62 -7.27 -9.55
CA VAL A 22 -5.38 -8.50 -9.73
C VAL A 22 -6.31 -8.40 -10.94
N GLU A 23 -6.88 -7.22 -11.16
CA GLU A 23 -7.76 -6.99 -12.30
C GLU A 23 -7.01 -7.17 -13.61
N LYS A 24 -5.81 -6.61 -13.68
CA LYS A 24 -4.99 -6.71 -14.88
C LYS A 24 -4.18 -8.01 -14.87
N LYS A 25 -4.36 -8.78 -13.79
CA LYS A 25 -3.72 -10.08 -13.61
C LYS A 25 -2.21 -9.99 -13.76
N GLU A 26 -1.61 -9.00 -13.11
CA GLU A 26 -0.17 -8.80 -13.13
C GLU A 26 0.51 -9.74 -12.14
N ILE A 27 -0.29 -10.49 -11.40
CA ILE A 27 0.21 -11.42 -10.41
C ILE A 27 -0.47 -12.78 -10.58
N SER A 28 0.25 -13.85 -10.26
CA SER A 28 -0.27 -15.20 -10.40
C SER A 28 -1.52 -15.44 -9.54
N GLU A 29 -2.26 -16.49 -9.89
CA GLU A 29 -3.57 -16.78 -9.30
C GLU A 29 -3.57 -16.74 -7.77
N ASP A 30 -2.71 -17.54 -7.14
CA ASP A 30 -2.68 -17.62 -5.68
C ASP A 30 -2.24 -16.29 -5.09
N GLY A 31 -1.30 -15.64 -5.75
CA GLY A 31 -0.87 -14.32 -5.35
C GLY A 31 -2.02 -13.33 -5.38
N ALA A 32 -2.78 -13.34 -6.48
CA ALA A 32 -3.95 -12.48 -6.63
C ALA A 32 -4.95 -12.73 -5.53
N ASP A 33 -5.25 -14.00 -5.25
CA ASP A 33 -6.20 -14.35 -4.21
C ASP A 33 -5.72 -13.87 -2.84
N SER A 34 -4.42 -13.98 -2.61
CA SER A 34 -3.82 -13.52 -1.36
C SER A 34 -3.95 -12.00 -1.24
N LEU A 35 -3.94 -11.31 -2.38
CA LEU A 35 -4.12 -9.87 -2.39
C LEU A 35 -5.58 -9.51 -2.16
N ASN A 36 -6.49 -10.35 -2.66
CA ASN A 36 -7.91 -10.14 -2.47
C ASN A 36 -8.27 -10.17 -0.99
N VAL A 37 -7.81 -11.20 -0.29
CA VAL A 37 -8.07 -11.31 1.14
C VAL A 37 -7.32 -10.23 1.92
N ALA A 38 -6.19 -9.80 1.37
CA ALA A 38 -5.43 -8.72 1.98
C ALA A 38 -6.21 -7.41 1.93
N MET A 39 -6.68 -7.04 0.74
CA MET A 39 -7.48 -5.84 0.56
C MET A 39 -8.72 -5.88 1.43
N ASP A 40 -9.30 -7.07 1.54
CA ASP A 40 -10.49 -7.28 2.36
C ASP A 40 -10.23 -6.88 3.81
N CYS A 41 -9.09 -7.32 4.33
CA CYS A 41 -8.71 -7.03 5.70
C CYS A 41 -8.31 -5.57 5.87
N ILE A 42 -7.69 -5.00 4.84
CA ILE A 42 -7.29 -3.59 4.86
C ILE A 42 -8.53 -2.69 4.90
N SER A 43 -9.47 -2.97 4.02
CA SER A 43 -10.70 -2.19 3.93
C SER A 43 -11.50 -2.30 5.23
N GLU A 44 -11.52 -3.51 5.78
CA GLU A 44 -12.21 -3.76 7.05
C GLU A 44 -11.54 -3.00 8.20
N ALA A 45 -10.22 -2.92 8.16
CA ALA A 45 -9.45 -2.26 9.20
C ALA A 45 -9.83 -0.79 9.35
N PHE A 46 -9.80 -0.05 8.26
CA PHE A 46 -10.09 1.37 8.28
C PHE A 46 -11.57 1.64 8.05
N GLY A 47 -12.31 0.58 7.75
CA GLY A 47 -13.75 0.68 7.57
C GLY A 47 -14.16 1.42 6.32
N PHE A 48 -13.65 1.00 5.17
CA PHE A 48 -13.96 1.68 3.91
C PHE A 48 -14.15 0.67 2.78
N GLU A 49 -14.63 1.14 1.65
CA GLU A 49 -14.84 0.31 0.46
C GLU A 49 -13.73 0.56 -0.55
N ARG A 50 -13.48 -0.43 -1.40
CA ARG A 50 -12.41 -0.34 -2.39
C ARG A 50 -12.87 0.49 -3.58
N GLU A 51 -14.18 0.69 -3.68
CA GLU A 51 -14.76 1.46 -4.76
C GLU A 51 -14.83 2.93 -4.41
N ALA A 52 -14.53 3.24 -3.14
CA ALA A 52 -14.55 4.62 -2.67
C ALA A 52 -13.19 5.27 -2.84
N VAL A 53 -12.22 4.49 -3.31
CA VAL A 53 -10.84 4.95 -3.43
C VAL A 53 -10.72 6.23 -4.25
N SER A 54 -11.47 6.35 -5.34
CA SER A 54 -11.36 7.50 -6.22
C SER A 54 -11.74 8.78 -5.46
N GLY A 55 -12.90 8.74 -4.81
CA GLY A 55 -13.34 9.86 -3.99
C GLY A 55 -12.33 10.25 -2.93
N ILE A 56 -11.70 9.25 -2.32
CA ILE A 56 -10.72 9.50 -1.26
C ILE A 56 -9.41 10.04 -1.86
N LEU A 57 -8.87 9.31 -2.82
CA LEU A 57 -7.57 9.60 -3.43
C LEU A 57 -7.54 10.95 -4.15
N GLY A 58 -8.71 11.50 -4.45
CA GLY A 58 -8.77 12.67 -5.29
C GLY A 58 -8.30 13.94 -4.59
N LYS A 59 -8.03 13.83 -3.29
CA LYS A 59 -7.58 14.98 -2.51
C LYS A 59 -6.32 14.64 -1.72
N SER A 60 -5.86 13.40 -1.87
CA SER A 60 -4.78 12.88 -1.04
C SER A 60 -3.45 13.61 -1.29
N GLU A 61 -2.54 13.45 -0.35
CA GLU A 61 -1.29 14.21 -0.32
C GLU A 61 -0.19 13.53 -1.12
N PHE A 62 -0.52 12.41 -1.75
CA PHE A 62 0.43 11.68 -2.60
C PHE A 62 1.09 12.59 -3.62
N LYS A 63 2.36 12.34 -3.87
CA LYS A 63 3.10 13.08 -4.90
C LYS A 63 2.65 12.63 -6.27
N GLY A 64 1.55 13.21 -6.73
CA GLY A 64 0.92 12.83 -7.97
C GLY A 64 -0.58 12.95 -7.89
N GLN A 65 -1.29 12.08 -8.61
CA GLN A 65 -2.76 12.08 -8.66
C GLN A 65 -3.27 13.34 -9.37
N HIS A 66 -4.18 13.15 -10.34
CA HIS A 66 -4.69 14.24 -11.18
C HIS A 66 -3.66 14.56 -12.27
N LEU A 67 -2.44 14.83 -11.85
CA LEU A 67 -1.34 15.10 -12.76
C LEU A 67 -0.44 13.89 -12.91
N ALA A 68 0.41 13.91 -13.93
CA ALA A 68 1.38 12.84 -14.21
C ALA A 68 0.72 11.61 -14.82
N ASP A 69 1.54 10.61 -15.13
CA ASP A 69 1.03 9.37 -15.70
C ASP A 69 0.41 8.50 -14.61
N ILE A 70 1.11 8.38 -13.48
CA ILE A 70 0.60 7.69 -12.29
C ILE A 70 0.67 6.17 -12.46
N LEU A 71 1.01 5.51 -11.36
CA LEU A 71 1.11 4.06 -11.32
C LEU A 71 -0.22 3.41 -10.94
N ASN A 72 -1.01 4.11 -10.14
CA ASN A 72 -2.29 3.62 -9.66
C ASN A 72 -3.45 4.12 -10.49
N SER A 73 -3.16 4.54 -11.73
CA SER A 73 -4.17 5.10 -12.62
C SER A 73 -5.43 4.23 -12.67
N ALA A 74 -6.53 4.79 -12.22
CA ALA A 74 -7.81 4.09 -12.24
C ALA A 74 -8.88 5.00 -12.84
N SER B 1 10.42 9.52 -18.43
CA SER B 1 9.64 8.86 -19.50
C SER B 1 8.39 8.22 -18.93
N VAL B 2 8.56 7.32 -17.97
CA VAL B 2 7.43 6.64 -17.37
C VAL B 2 7.22 7.07 -15.92
N ASP B 3 6.03 6.82 -15.41
CA ASP B 3 5.71 7.13 -14.02
C ASP B 3 5.10 5.91 -13.34
N SER B 4 5.41 4.75 -13.89
CA SER B 4 4.92 3.49 -13.36
C SER B 4 5.80 3.04 -12.19
N ALA B 5 5.57 1.84 -11.70
CA ALA B 5 6.28 1.34 -10.53
C ALA B 5 6.26 -0.18 -10.48
N SER B 6 7.09 -0.73 -9.62
CA SER B 6 7.22 -2.18 -9.48
C SER B 6 6.32 -2.68 -8.36
N LYS B 7 5.61 -3.76 -8.62
CA LYS B 7 4.60 -4.29 -7.70
C LYS B 7 5.22 -4.85 -6.43
N GLU B 8 6.35 -5.53 -6.55
CA GLU B 8 7.07 -6.05 -5.39
C GLU B 8 7.53 -4.90 -4.49
N GLU B 9 8.19 -3.93 -5.11
CA GLU B 9 8.75 -2.81 -4.38
C GLU B 9 7.66 -1.97 -3.71
N ILE B 10 6.52 -1.85 -4.38
CA ILE B 10 5.38 -1.15 -3.79
C ILE B 10 4.80 -1.95 -2.63
N ALA B 11 4.66 -3.26 -2.81
CA ALA B 11 4.18 -4.14 -1.75
C ALA B 11 5.04 -4.01 -0.50
N ALA B 12 6.34 -3.88 -0.71
CA ALA B 12 7.27 -3.67 0.39
C ALA B 12 6.96 -2.37 1.13
N LEU B 13 6.71 -1.31 0.37
CA LEU B 13 6.34 -0.01 0.93
C LEU B 13 5.05 -0.16 1.72
N ILE B 14 4.11 -0.87 1.12
CA ILE B 14 2.79 -1.08 1.70
C ILE B 14 2.86 -1.79 3.06
N VAL B 15 3.54 -2.92 3.12
CA VAL B 15 3.64 -3.65 4.36
C VAL B 15 4.46 -2.87 5.39
N ASN B 16 5.47 -2.16 4.92
CA ASN B 16 6.28 -1.28 5.79
C ASN B 16 5.38 -0.23 6.44
N TYR B 17 4.48 0.34 5.65
CA TYR B 17 3.60 1.39 6.13
C TYR B 17 2.68 0.85 7.22
N PHE B 18 2.02 -0.27 6.96
CA PHE B 18 1.12 -0.87 7.95
C PHE B 18 1.89 -1.33 9.18
N SER B 19 3.11 -1.81 8.98
CA SER B 19 3.96 -2.20 10.10
C SER B 19 4.24 -1.00 10.98
N SER B 20 4.47 0.14 10.35
CA SER B 20 4.68 1.39 11.07
C SER B 20 3.40 1.81 11.79
N ILE B 21 2.28 1.66 11.10
CA ILE B 21 0.97 2.03 11.66
C ILE B 21 0.65 1.20 12.90
N VAL B 22 0.84 -0.12 12.82
CA VAL B 22 0.53 -0.99 13.95
C VAL B 22 1.58 -0.87 15.05
N GLU B 23 2.84 -0.70 14.67
CA GLU B 23 3.92 -0.55 15.64
C GLU B 23 3.72 0.72 16.47
N LYS B 24 3.36 1.82 15.81
CA LYS B 24 3.13 3.07 16.50
C LYS B 24 1.72 3.16 17.03
N LYS B 25 0.95 2.09 16.76
CA LYS B 25 -0.43 1.95 17.23
C LYS B 25 -1.30 3.14 16.81
N GLU B 26 -1.17 3.52 15.54
CA GLU B 26 -1.96 4.63 14.99
C GLU B 26 -3.37 4.15 14.63
N ILE B 27 -3.61 2.86 14.79
CA ILE B 27 -4.89 2.27 14.48
C ILE B 27 -5.35 1.39 15.64
N SER B 28 -6.66 1.30 15.83
CA SER B 28 -7.24 0.52 16.92
C SER B 28 -6.87 -0.97 16.83
N GLU B 29 -7.04 -1.67 17.94
CA GLU B 29 -6.58 -3.06 18.10
C GLU B 29 -7.03 -3.97 16.95
N ASP B 30 -8.34 -4.05 16.71
CA ASP B 30 -8.87 -4.95 15.68
C ASP B 30 -8.41 -4.50 14.31
N GLY B 31 -8.34 -3.19 14.12
CA GLY B 31 -7.80 -2.66 12.89
C GLY B 31 -6.36 -3.08 12.67
N ALA B 32 -5.54 -2.94 13.71
CA ALA B 32 -4.15 -3.35 13.67
C ALA B 32 -4.02 -4.82 13.32
N ASP B 33 -4.80 -5.67 13.98
CA ASP B 33 -4.77 -7.10 13.73
C ASP B 33 -5.16 -7.41 12.28
N SER B 34 -6.15 -6.68 11.78
CA SER B 34 -6.60 -6.85 10.41
C SER B 34 -5.48 -6.45 9.43
N LEU B 35 -4.65 -5.49 9.84
CA LEU B 35 -3.52 -5.08 9.02
C LEU B 35 -2.40 -6.11 9.09
N ASN B 36 -2.26 -6.75 10.25
CA ASN B 36 -1.25 -7.79 10.43
C ASN B 36 -1.51 -8.95 9.48
N VAL B 37 -2.75 -9.43 9.45
CA VAL B 37 -3.10 -10.53 8.55
C VAL B 37 -3.06 -10.08 7.10
N ALA B 38 -3.31 -8.79 6.88
CA ALA B 38 -3.24 -8.21 5.54
C ALA B 38 -1.80 -8.27 5.03
N MET B 39 -0.87 -7.73 5.82
CA MET B 39 0.54 -7.73 5.46
C MET B 39 1.04 -9.15 5.24
N ASP B 40 0.54 -10.06 6.06
CA ASP B 40 0.90 -11.48 5.97
C ASP B 40 0.56 -12.02 4.58
N CYS B 41 -0.64 -11.71 4.12
CA CYS B 41 -1.10 -12.17 2.81
C CYS B 41 -0.37 -11.45 1.68
N ILE B 42 -0.06 -10.18 1.89
CA ILE B 42 0.67 -9.39 0.90
C ILE B 42 2.07 -9.95 0.70
N SER B 43 2.76 -10.17 1.82
CA SER B 43 4.12 -10.69 1.79
C SER B 43 4.14 -12.09 1.16
N GLU B 44 3.15 -12.89 1.50
CA GLU B 44 3.03 -14.23 0.94
C GLU B 44 2.76 -14.17 -0.57
N ALA B 45 1.98 -13.19 -1.01
CA ALA B 45 1.62 -13.05 -2.41
C ALA B 45 2.86 -12.86 -3.29
N PHE B 46 3.70 -11.89 -2.94
CA PHE B 46 4.88 -11.59 -3.75
C PHE B 46 6.09 -12.39 -3.28
N GLY B 47 5.91 -13.12 -2.18
CA GLY B 47 6.95 -13.98 -1.66
C GLY B 47 8.13 -13.23 -1.08
N PHE B 48 7.86 -12.33 -0.14
CA PHE B 48 8.92 -11.53 0.46
C PHE B 48 8.69 -11.35 1.96
N GLU B 49 9.69 -10.81 2.65
CA GLU B 49 9.60 -10.55 4.08
C GLU B 49 9.38 -9.07 4.33
N ARG B 50 8.80 -8.74 5.47
CA ARG B 50 8.48 -7.36 5.80
C ARG B 50 9.73 -6.65 6.31
N GLU B 51 10.74 -7.43 6.67
CA GLU B 51 11.99 -6.89 7.18
C GLU B 51 12.96 -6.63 6.03
N ALA B 52 12.58 -7.06 4.84
CA ALA B 52 13.42 -6.85 3.66
C ALA B 52 13.06 -5.54 2.97
N VAL B 53 12.03 -4.88 3.49
CA VAL B 53 11.51 -3.66 2.87
C VAL B 53 12.59 -2.60 2.65
N SER B 54 13.48 -2.41 3.62
CA SER B 54 14.50 -1.37 3.51
C SER B 54 15.40 -1.63 2.30
N GLY B 55 15.91 -2.86 2.21
CA GLY B 55 16.73 -3.25 1.07
C GLY B 55 16.02 -3.05 -0.26
N ILE B 56 14.73 -3.34 -0.30
CA ILE B 56 13.94 -3.19 -1.52
C ILE B 56 13.68 -1.72 -1.83
N LEU B 57 13.11 -1.03 -0.84
CA LEU B 57 12.68 0.36 -0.98
C LEU B 57 13.83 1.31 -1.28
N GLY B 58 15.05 0.89 -1.04
CA GLY B 58 16.19 1.79 -1.11
C GLY B 58 16.55 2.16 -2.54
N LYS B 59 15.89 1.53 -3.50
CA LYS B 59 16.17 1.79 -4.92
C LYS B 59 14.88 2.07 -5.68
N SER B 60 13.76 2.03 -4.96
CA SER B 60 12.45 2.08 -5.59
C SER B 60 12.19 3.43 -6.27
N GLU B 61 11.19 3.45 -7.14
CA GLU B 61 10.91 4.57 -8.01
C GLU B 61 9.98 5.59 -7.36
N PHE B 62 9.60 5.32 -6.11
CA PHE B 62 8.75 6.23 -5.34
C PHE B 62 9.29 7.65 -5.36
N LYS B 63 8.38 8.62 -5.42
CA LYS B 63 8.75 10.02 -5.35
C LYS B 63 9.15 10.38 -3.92
N GLY B 64 10.41 10.11 -3.62
CA GLY B 64 10.91 10.28 -2.27
C GLY B 64 11.93 9.23 -1.94
N GLN B 65 12.00 8.83 -0.67
CA GLN B 65 12.96 7.83 -0.17
C GLN B 65 14.39 8.38 -0.26
N HIS B 66 15.14 8.26 0.85
CA HIS B 66 16.49 8.82 0.96
C HIS B 66 16.40 10.32 1.24
N LEU B 67 15.67 11.02 0.39
CA LEU B 67 15.45 12.44 0.54
C LEU B 67 14.06 12.71 1.12
N ALA B 68 13.85 13.95 1.59
CA ALA B 68 12.57 14.40 2.12
C ALA B 68 12.31 13.85 3.53
N ASP B 69 11.18 14.23 4.11
CA ASP B 69 10.81 13.76 5.45
C ASP B 69 10.27 12.35 5.37
N ILE B 70 9.38 12.12 4.39
CA ILE B 70 8.86 10.78 4.10
C ILE B 70 7.80 10.35 5.12
N LEU B 71 6.77 9.68 4.62
CA LEU B 71 5.68 9.20 5.44
C LEU B 71 5.96 7.78 5.97
N ASN B 72 6.72 7.01 5.21
CA ASN B 72 7.02 5.63 5.56
C ASN B 72 8.40 5.51 6.23
N SER B 73 8.88 6.62 6.78
CA SER B 73 10.21 6.67 7.39
C SER B 73 10.43 5.50 8.36
N ALA B 74 11.36 4.64 8.03
CA ALA B 74 11.71 3.50 8.87
C ALA B 74 13.21 3.46 9.10
N SER A 1 4.23 9.66 15.26
CA SER A 1 2.79 9.51 14.97
C SER A 1 2.19 10.84 14.51
N VAL A 2 2.16 11.05 13.19
CA VAL A 2 1.64 12.28 12.63
C VAL A 2 0.70 11.99 11.47
N ASP A 3 -0.12 12.97 11.12
CA ASP A 3 -1.12 12.78 10.06
C ASP A 3 -0.65 13.37 8.75
N SER A 4 0.67 13.59 8.64
CA SER A 4 1.28 14.03 7.40
C SER A 4 0.78 13.18 6.24
N ALA A 5 0.90 11.87 6.42
CA ALA A 5 0.20 10.93 5.57
C ALA A 5 -0.91 10.30 6.39
N SER A 6 -2.13 10.27 5.87
CA SER A 6 -3.24 9.78 6.64
C SER A 6 -3.60 8.36 6.21
N LYS A 7 -3.86 7.53 7.22
CA LYS A 7 -4.00 6.09 7.02
C LYS A 7 -5.13 5.73 6.06
N GLU A 8 -6.22 6.49 6.10
CA GLU A 8 -7.33 6.24 5.18
C GLU A 8 -6.92 6.52 3.74
N GLU A 9 -6.21 7.62 3.53
CA GLU A 9 -5.77 8.02 2.20
C GLU A 9 -4.85 6.96 1.61
N ILE A 10 -3.84 6.59 2.39
CA ILE A 10 -2.83 5.65 1.94
C ILE A 10 -3.45 4.26 1.71
N ALA A 11 -4.27 3.80 2.65
CA ALA A 11 -4.94 2.52 2.52
C ALA A 11 -5.76 2.43 1.23
N ALA A 12 -6.40 3.53 0.88
CA ALA A 12 -7.17 3.61 -0.36
C ALA A 12 -6.26 3.39 -1.56
N LEU A 13 -5.13 4.10 -1.56
CA LEU A 13 -4.14 3.97 -2.63
C LEU A 13 -3.62 2.52 -2.68
N ILE A 14 -3.42 1.95 -1.49
CA ILE A 14 -2.90 0.60 -1.35
C ILE A 14 -3.82 -0.45 -1.97
N VAL A 15 -5.10 -0.45 -1.55
CA VAL A 15 -6.03 -1.44 -2.06
C VAL A 15 -6.30 -1.23 -3.55
N ASN A 16 -6.32 0.03 -3.97
CA ASN A 16 -6.49 0.36 -5.38
C ASN A 16 -5.38 -0.26 -6.22
N TYR A 17 -4.18 -0.27 -5.65
CA TYR A 17 -3.02 -0.84 -6.33
C TYR A 17 -3.22 -2.33 -6.56
N PHE A 18 -3.56 -3.07 -5.50
CA PHE A 18 -3.76 -4.50 -5.61
C PHE A 18 -4.95 -4.81 -6.52
N SER A 19 -5.97 -3.97 -6.47
CA SER A 19 -7.13 -4.11 -7.33
C SER A 19 -6.70 -4.01 -8.79
N SER A 20 -5.71 -3.16 -9.05
CA SER A 20 -5.19 -2.97 -10.39
C SER A 20 -4.33 -4.17 -10.80
N ILE A 21 -3.52 -4.67 -9.88
CA ILE A 21 -2.63 -5.79 -10.16
C ILE A 21 -3.42 -7.04 -10.52
N VAL A 22 -4.48 -7.31 -9.77
CA VAL A 22 -5.30 -8.49 -10.02
C VAL A 22 -6.18 -8.28 -11.26
N GLU A 23 -6.57 -7.04 -11.50
CA GLU A 23 -7.33 -6.67 -12.70
C GLU A 23 -6.54 -7.03 -13.96
N LYS A 24 -5.29 -6.59 -13.99
CA LYS A 24 -4.45 -6.76 -15.17
C LYS A 24 -3.74 -8.12 -15.14
N LYS A 25 -3.97 -8.84 -14.04
CA LYS A 25 -3.43 -10.18 -13.83
C LYS A 25 -1.91 -10.22 -14.02
N GLU A 26 -1.23 -9.24 -13.44
CA GLU A 26 0.23 -9.20 -13.51
C GLU A 26 0.84 -10.05 -12.40
N ILE A 27 -0.02 -10.80 -11.72
CA ILE A 27 0.42 -11.70 -10.66
C ILE A 27 -0.28 -13.03 -10.83
N SER A 28 0.37 -14.10 -10.38
CA SER A 28 -0.23 -15.43 -10.38
C SER A 28 -1.56 -15.40 -9.63
N GLU A 29 -2.55 -16.14 -10.16
CA GLU A 29 -3.93 -16.06 -9.70
C GLU A 29 -4.06 -16.51 -8.24
N ASP A 30 -3.16 -17.38 -7.80
CA ASP A 30 -3.12 -17.79 -6.40
C ASP A 30 -2.76 -16.60 -5.53
N GLY A 31 -1.72 -15.89 -5.96
CA GLY A 31 -1.30 -14.69 -5.26
C GLY A 31 -2.34 -13.59 -5.36
N ALA A 32 -3.02 -13.53 -6.51
CA ALA A 32 -4.10 -12.57 -6.72
C ALA A 32 -5.18 -12.74 -5.66
N ASP A 33 -5.55 -13.99 -5.40
CA ASP A 33 -6.53 -14.30 -4.36
C ASP A 33 -6.01 -13.85 -2.99
N SER A 34 -4.72 -14.02 -2.78
CA SER A 34 -4.07 -13.61 -1.54
C SER A 34 -4.13 -12.09 -1.40
N LEU A 35 -4.06 -11.38 -2.52
CA LEU A 35 -4.18 -9.93 -2.51
C LEU A 35 -5.64 -9.52 -2.27
N ASN A 36 -6.56 -10.33 -2.78
CA ASN A 36 -7.99 -10.09 -2.59
C ASN A 36 -8.34 -10.11 -1.10
N VAL A 37 -7.93 -11.17 -0.41
CA VAL A 37 -8.22 -11.30 1.02
C VAL A 37 -7.43 -10.26 1.81
N ALA A 38 -6.27 -9.85 1.29
CA ALA A 38 -5.47 -8.81 1.91
C ALA A 38 -6.24 -7.50 1.93
N MET A 39 -6.78 -7.11 0.76
CA MET A 39 -7.55 -5.90 0.63
C MET A 39 -8.76 -5.89 1.56
N ASP A 40 -9.39 -7.05 1.72
CA ASP A 40 -10.53 -7.17 2.62
C ASP A 40 -10.13 -6.88 4.05
N CYS A 41 -8.98 -7.37 4.46
CA CYS A 41 -8.48 -7.14 5.81
C CYS A 41 -8.15 -5.66 6.00
N ILE A 42 -7.66 -5.03 4.93
CA ILE A 42 -7.32 -3.61 4.97
C ILE A 42 -8.58 -2.76 5.09
N SER A 43 -9.58 -3.06 4.27
CA SER A 43 -10.82 -2.32 4.30
C SER A 43 -11.56 -2.50 5.61
N GLU A 44 -11.49 -3.71 6.15
CA GLU A 44 -12.10 -4.01 7.44
C GLU A 44 -11.47 -3.18 8.55
N ALA A 45 -10.16 -2.97 8.46
CA ALA A 45 -9.42 -2.26 9.48
C ALA A 45 -9.81 -0.78 9.55
N PHE A 46 -9.79 -0.10 8.41
CA PHE A 46 -10.04 1.35 8.39
C PHE A 46 -11.51 1.67 8.10
N GLY A 47 -12.28 0.64 7.77
CA GLY A 47 -13.72 0.80 7.57
C GLY A 47 -14.05 1.54 6.29
N PHE A 48 -13.44 1.15 5.19
CA PHE A 48 -13.67 1.82 3.92
C PHE A 48 -13.87 0.82 2.80
N GLU A 49 -14.39 1.28 1.68
CA GLU A 49 -14.63 0.43 0.53
C GLU A 49 -13.49 0.56 -0.48
N ARG A 50 -13.21 -0.52 -1.21
CA ARG A 50 -12.05 -0.55 -2.09
C ARG A 50 -12.35 0.17 -3.40
N GLU A 51 -13.63 0.32 -3.70
CA GLU A 51 -14.04 0.99 -4.93
C GLU A 51 -14.30 2.46 -4.67
N ALA A 52 -14.25 2.86 -3.40
CA ALA A 52 -14.48 4.24 -3.02
C ALA A 52 -13.16 4.99 -2.95
N VAL A 53 -12.08 4.30 -3.27
CA VAL A 53 -10.74 4.87 -3.25
C VAL A 53 -10.64 6.18 -4.02
N SER A 54 -11.37 6.28 -5.13
CA SER A 54 -11.34 7.49 -5.94
C SER A 54 -11.84 8.69 -5.15
N GLY A 55 -12.97 8.51 -4.47
CA GLY A 55 -13.52 9.55 -3.62
C GLY A 55 -12.54 10.01 -2.55
N ILE A 56 -11.79 9.08 -1.98
CA ILE A 56 -10.79 9.41 -0.97
C ILE A 56 -9.55 10.04 -1.60
N LEU A 57 -8.97 9.35 -2.57
CA LEU A 57 -7.74 9.79 -3.21
C LEU A 57 -7.90 11.14 -3.88
N GLY A 58 -9.02 11.34 -4.56
CA GLY A 58 -9.30 12.63 -5.19
C GLY A 58 -9.35 13.79 -4.21
N LYS A 59 -9.45 13.50 -2.93
CA LYS A 59 -9.48 14.53 -1.91
C LYS A 59 -8.06 14.96 -1.54
N SER A 60 -7.09 14.11 -1.84
CA SER A 60 -5.72 14.34 -1.43
C SER A 60 -4.79 14.44 -2.63
N GLU A 61 -4.11 15.57 -2.76
CA GLU A 61 -3.21 15.80 -3.88
C GLU A 61 -1.86 15.13 -3.64
N PHE A 62 -1.42 15.14 -2.38
CA PHE A 62 -0.10 14.60 -1.99
C PHE A 62 1.04 15.39 -2.65
N LYS A 63 1.88 16.00 -1.82
CA LYS A 63 3.02 16.76 -2.31
C LYS A 63 4.17 15.83 -2.67
N GLY A 64 3.86 14.87 -3.52
CA GLY A 64 4.83 13.89 -3.97
C GLY A 64 4.38 13.21 -5.24
N GLN A 65 3.08 12.92 -5.31
CA GLN A 65 2.49 12.31 -6.50
C GLN A 65 2.72 13.20 -7.71
N HIS A 66 3.28 12.64 -8.77
CA HIS A 66 3.57 13.43 -9.96
C HIS A 66 3.89 12.56 -11.18
N LEU A 67 4.62 11.47 -10.98
CA LEU A 67 5.11 10.68 -12.10
C LEU A 67 5.20 9.20 -11.74
N ALA A 68 4.54 8.37 -12.54
CA ALA A 68 4.52 6.91 -12.37
C ALA A 68 3.67 6.48 -11.18
N ASP A 69 3.80 7.22 -10.09
CA ASP A 69 3.03 6.96 -8.87
C ASP A 69 1.53 7.16 -9.11
N ILE A 70 1.21 7.97 -10.12
CA ILE A 70 -0.18 8.32 -10.41
C ILE A 70 -0.83 7.20 -11.24
N LEU A 71 -0.01 6.27 -11.72
CA LEU A 71 -0.50 5.17 -12.53
C LEU A 71 -1.56 4.38 -11.76
N ASN A 72 -1.27 4.11 -10.49
CA ASN A 72 -2.20 3.38 -9.64
C ASN A 72 -2.89 4.31 -8.66
N SER A 73 -2.87 5.60 -8.95
CA SER A 73 -3.51 6.58 -8.09
C SER A 73 -4.88 6.95 -8.64
N ALA A 74 -5.92 6.44 -7.98
CA ALA A 74 -7.31 6.65 -8.40
C ALA A 74 -7.55 6.09 -9.80
N SER B 1 -0.67 -2.77 -18.35
CA SER B 1 0.25 -3.65 -17.59
C SER B 1 1.70 -3.29 -17.87
N VAL B 2 2.28 -2.44 -17.03
CA VAL B 2 3.66 -2.00 -17.21
C VAL B 2 4.41 -2.05 -15.89
N ASP B 3 5.73 -2.06 -15.97
CA ASP B 3 6.57 -2.18 -14.78
C ASP B 3 7.08 -0.82 -14.33
N SER B 4 6.42 0.24 -14.79
CA SER B 4 6.73 1.59 -14.34
C SER B 4 6.81 1.63 -12.82
N ALA B 5 5.77 1.11 -12.20
CA ALA B 5 5.82 0.79 -10.78
C ALA B 5 5.83 -0.72 -10.66
N SER B 6 6.75 -1.26 -9.88
CA SER B 6 6.90 -2.70 -9.79
C SER B 6 6.26 -3.20 -8.50
N LYS B 7 5.53 -4.31 -8.65
CA LYS B 7 4.67 -4.83 -7.59
C LYS B 7 5.44 -5.16 -6.31
N GLU B 8 6.66 -5.67 -6.45
CA GLU B 8 7.48 -5.98 -5.29
C GLU B 8 7.86 -4.71 -4.54
N GLU B 9 8.23 -3.67 -5.29
CA GLU B 9 8.65 -2.40 -4.69
C GLU B 9 7.50 -1.78 -3.90
N ILE B 10 6.35 -1.70 -4.56
CA ILE B 10 5.18 -1.07 -3.97
C ILE B 10 4.69 -1.88 -2.77
N ALA B 11 4.60 -3.19 -2.92
CA ALA B 11 4.16 -4.06 -1.84
C ALA B 11 5.03 -3.87 -0.59
N ALA B 12 6.33 -3.71 -0.80
CA ALA B 12 7.25 -3.46 0.30
C ALA B 12 6.89 -2.17 1.02
N LEU B 13 6.65 -1.12 0.25
CA LEU B 13 6.26 0.18 0.79
C LEU B 13 4.93 0.03 1.54
N ILE B 14 4.04 -0.76 0.97
CA ILE B 14 2.71 -0.99 1.51
C ILE B 14 2.77 -1.65 2.89
N VAL B 15 3.44 -2.79 2.99
CA VAL B 15 3.51 -3.50 4.26
C VAL B 15 4.29 -2.69 5.30
N ASN B 16 5.32 -1.99 4.85
CA ASN B 16 6.10 -1.13 5.73
C ASN B 16 5.20 -0.07 6.36
N TYR B 17 4.24 0.42 5.58
CA TYR B 17 3.31 1.43 6.07
C TYR B 17 2.47 0.88 7.21
N PHE B 18 1.84 -0.28 6.98
CA PHE B 18 1.01 -0.89 8.00
C PHE B 18 1.83 -1.28 9.22
N SER B 19 3.06 -1.70 8.98
CA SER B 19 3.98 -2.04 10.07
C SER B 19 4.23 -0.82 10.94
N SER B 20 4.27 0.34 10.31
CA SER B 20 4.48 1.60 10.99
C SER B 20 3.22 2.02 11.76
N ILE B 21 2.06 1.83 11.13
CA ILE B 21 0.79 2.21 11.75
C ILE B 21 0.53 1.41 13.02
N VAL B 22 0.78 0.11 12.97
CA VAL B 22 0.57 -0.75 14.12
C VAL B 22 1.65 -0.53 15.18
N GLU B 23 2.86 -0.20 14.71
CA GLU B 23 3.98 0.14 15.61
C GLU B 23 3.60 1.33 16.49
N LYS B 24 3.11 2.38 15.85
CA LYS B 24 2.83 3.62 16.56
C LYS B 24 1.41 3.60 17.14
N LYS B 25 0.71 2.50 16.85
CA LYS B 25 -0.65 2.26 17.34
C LYS B 25 -1.58 3.41 17.03
N GLU B 26 -1.52 3.90 15.80
CA GLU B 26 -2.40 4.98 15.36
C GLU B 26 -3.74 4.42 14.88
N ILE B 27 -3.92 3.12 15.11
CA ILE B 27 -5.16 2.46 14.74
C ILE B 27 -5.60 1.56 15.91
N SER B 28 -6.90 1.35 16.02
CA SER B 28 -7.45 0.43 17.02
C SER B 28 -6.80 -0.94 16.89
N GLU B 29 -6.52 -1.57 18.02
CA GLU B 29 -5.72 -2.80 18.07
C GLU B 29 -6.40 -3.96 17.33
N ASP B 30 -7.73 -3.91 17.25
CA ASP B 30 -8.48 -4.90 16.47
C ASP B 30 -8.15 -4.73 14.99
N GLY B 31 -8.19 -3.48 14.54
CA GLY B 31 -7.83 -3.16 13.17
C GLY B 31 -6.36 -3.41 12.90
N ALA B 32 -5.52 -3.16 13.91
CA ALA B 32 -4.10 -3.44 13.82
C ALA B 32 -3.85 -4.91 13.49
N ASP B 33 -4.56 -5.79 14.17
CA ASP B 33 -4.46 -7.22 13.91
C ASP B 33 -4.91 -7.53 12.48
N SER B 34 -5.93 -6.82 12.03
CA SER B 34 -6.44 -6.97 10.68
C SER B 34 -5.38 -6.53 9.65
N LEU B 35 -4.58 -5.54 10.02
CA LEU B 35 -3.48 -5.09 9.18
C LEU B 35 -2.35 -6.11 9.21
N ASN B 36 -2.16 -6.74 10.36
CA ASN B 36 -1.14 -7.76 10.51
C ASN B 36 -1.38 -8.92 9.55
N VAL B 37 -2.61 -9.45 9.57
CA VAL B 37 -2.96 -10.56 8.69
C VAL B 37 -2.98 -10.12 7.23
N ALA B 38 -3.27 -8.84 7.00
CA ALA B 38 -3.24 -8.27 5.67
C ALA B 38 -1.84 -8.33 5.10
N MET B 39 -0.87 -7.86 5.88
CA MET B 39 0.52 -7.86 5.48
C MET B 39 1.02 -9.27 5.18
N ASP B 40 0.57 -10.25 5.96
CA ASP B 40 0.93 -11.64 5.74
C ASP B 40 0.44 -12.13 4.40
N CYS B 41 -0.78 -11.76 4.04
CA CYS B 41 -1.35 -12.13 2.75
C CYS B 41 -0.59 -11.46 1.61
N ILE B 42 -0.13 -10.24 1.85
CA ILE B 42 0.62 -9.49 0.86
C ILE B 42 2.00 -10.14 0.64
N SER B 43 2.69 -10.45 1.73
CA SER B 43 4.01 -11.05 1.65
C SER B 43 3.94 -12.44 1.04
N GLU B 44 2.88 -13.18 1.36
CA GLU B 44 2.66 -14.50 0.79
C GLU B 44 2.49 -14.43 -0.73
N ALA B 45 1.82 -13.37 -1.19
CA ALA B 45 1.54 -13.21 -2.60
C ALA B 45 2.80 -12.98 -3.44
N PHE B 46 3.62 -12.02 -3.02
CA PHE B 46 4.80 -11.65 -3.80
C PHE B 46 6.06 -12.37 -3.32
N GLY B 47 5.93 -13.09 -2.22
CA GLY B 47 7.03 -13.92 -1.73
C GLY B 47 8.16 -13.11 -1.15
N PHE B 48 7.85 -12.15 -0.30
CA PHE B 48 8.86 -11.29 0.29
C PHE B 48 8.62 -11.13 1.79
N GLU B 49 9.62 -10.62 2.48
CA GLU B 49 9.54 -10.39 3.92
C GLU B 49 9.21 -8.95 4.21
N ARG B 50 8.51 -8.70 5.32
CA ARG B 50 8.01 -7.36 5.61
C ARG B 50 9.12 -6.51 6.22
N GLU B 51 10.13 -7.16 6.76
CA GLU B 51 11.25 -6.46 7.37
C GLU B 51 12.37 -6.24 6.36
N ALA B 52 12.22 -6.84 5.19
CA ALA B 52 13.22 -6.72 4.13
C ALA B 52 12.88 -5.56 3.21
N VAL B 53 11.79 -4.87 3.54
CA VAL B 53 11.32 -3.73 2.75
C VAL B 53 12.42 -2.70 2.49
N SER B 54 13.30 -2.49 3.46
CA SER B 54 14.39 -1.52 3.31
C SER B 54 15.31 -1.91 2.16
N GLY B 55 15.68 -3.19 2.12
CA GLY B 55 16.49 -3.71 1.04
C GLY B 55 15.87 -3.49 -0.32
N ILE B 56 14.56 -3.67 -0.41
CA ILE B 56 13.83 -3.47 -1.67
C ILE B 56 13.68 -1.98 -1.97
N LEU B 57 13.11 -1.24 -1.02
CA LEU B 57 12.83 0.17 -1.21
C LEU B 57 14.10 0.98 -1.50
N GLY B 58 15.17 0.68 -0.77
CA GLY B 58 16.43 1.35 -1.00
C GLY B 58 16.99 1.16 -2.41
N LYS B 59 16.45 0.19 -3.14
CA LYS B 59 16.88 -0.07 -4.50
C LYS B 59 16.15 0.86 -5.48
N SER B 60 15.02 1.39 -5.04
CA SER B 60 14.17 2.19 -5.90
C SER B 60 14.02 3.61 -5.38
N GLU B 61 14.43 4.58 -6.19
CA GLU B 61 14.35 5.99 -5.80
C GLU B 61 12.94 6.53 -5.99
N PHE B 62 12.27 6.08 -7.05
CA PHE B 62 10.93 6.57 -7.42
C PHE B 62 10.95 8.06 -7.78
N LYS B 63 10.57 8.36 -9.01
CA LYS B 63 10.54 9.75 -9.48
C LYS B 63 9.26 10.44 -9.00
N GLY B 64 9.04 10.37 -7.70
CA GLY B 64 7.88 10.96 -7.09
C GLY B 64 8.09 11.16 -5.60
N GLN B 65 8.74 10.19 -4.97
CA GLN B 65 9.05 10.28 -3.56
C GLN B 65 9.91 11.50 -3.27
N HIS B 66 9.48 12.34 -2.34
CA HIS B 66 10.22 13.56 -2.04
C HIS B 66 9.78 14.20 -0.72
N LEU B 67 8.48 14.19 -0.43
CA LEU B 67 7.96 14.93 0.72
C LEU B 67 6.76 14.22 1.32
N ALA B 68 6.85 13.93 2.63
CA ALA B 68 5.78 13.27 3.39
C ALA B 68 5.66 11.80 3.05
N ASP B 69 5.75 11.49 1.77
CA ASP B 69 5.69 10.11 1.27
C ASP B 69 6.87 9.30 1.79
N ILE B 70 7.95 9.97 2.14
CA ILE B 70 9.17 9.31 2.58
C ILE B 70 9.08 8.95 4.06
N LEU B 71 8.04 9.46 4.72
CA LEU B 71 7.84 9.21 6.14
C LEU B 71 7.72 7.71 6.39
N ASN B 72 6.96 7.04 5.54
CA ASN B 72 6.77 5.60 5.66
C ASN B 72 7.56 4.86 4.59
N SER B 73 8.56 5.53 4.01
CA SER B 73 9.38 4.93 2.98
C SER B 73 10.69 4.43 3.58
N ALA B 74 10.80 3.12 3.75
CA ALA B 74 11.96 2.48 4.36
C ALA B 74 12.14 2.97 5.80
N SER A 1 5.69 20.90 14.19
CA SER A 1 6.82 19.98 13.95
C SER A 1 6.38 18.79 13.13
N VAL A 2 5.48 17.99 13.67
CA VAL A 2 5.01 16.80 12.98
C VAL A 2 3.59 17.00 12.45
N ASP A 3 3.23 16.20 11.46
CA ASP A 3 1.92 16.28 10.82
C ASP A 3 1.85 15.21 9.73
N SER A 4 1.58 13.99 10.16
CA SER A 4 1.50 12.87 9.24
C SER A 4 0.31 13.02 8.31
N ALA A 5 0.45 12.48 7.11
CA ALA A 5 -0.67 12.36 6.19
C ALA A 5 -1.69 11.38 6.76
N SER A 6 -2.74 11.07 6.02
CA SER A 6 -3.79 10.23 6.56
C SER A 6 -3.63 8.82 6.01
N LYS A 7 -3.77 7.84 6.89
CA LYS A 7 -3.58 6.44 6.52
C LYS A 7 -4.69 5.96 5.60
N GLU A 8 -5.81 6.68 5.61
CA GLU A 8 -6.91 6.42 4.70
C GLU A 8 -6.47 6.67 3.26
N GLU A 9 -5.71 7.74 3.05
CA GLU A 9 -5.23 8.10 1.72
C GLU A 9 -4.36 6.99 1.16
N ILE A 10 -3.44 6.51 1.98
CA ILE A 10 -2.53 5.46 1.57
C ILE A 10 -3.27 4.14 1.40
N ALA A 11 -4.11 3.78 2.37
CA ALA A 11 -4.91 2.55 2.29
C ALA A 11 -5.71 2.50 0.99
N ALA A 12 -6.24 3.65 0.59
CA ALA A 12 -6.97 3.74 -0.67
C ALA A 12 -6.07 3.36 -1.84
N LEU A 13 -4.88 3.95 -1.88
CA LEU A 13 -3.90 3.62 -2.91
C LEU A 13 -3.55 2.14 -2.86
N ILE A 14 -3.41 1.62 -1.66
CA ILE A 14 -3.02 0.24 -1.43
C ILE A 14 -4.02 -0.74 -2.04
N VAL A 15 -5.28 -0.64 -1.63
CA VAL A 15 -6.30 -1.55 -2.13
C VAL A 15 -6.55 -1.33 -3.62
N ASN A 16 -6.47 -0.08 -4.04
CA ASN A 16 -6.61 0.26 -5.46
C ASN A 16 -5.55 -0.46 -6.29
N TYR A 17 -4.32 -0.49 -5.78
CA TYR A 17 -3.21 -1.07 -6.50
C TYR A 17 -3.40 -2.57 -6.68
N PHE A 18 -3.74 -3.26 -5.60
CA PHE A 18 -3.96 -4.70 -5.67
C PHE A 18 -5.14 -5.01 -6.58
N SER A 19 -6.17 -4.18 -6.51
CA SER A 19 -7.35 -4.34 -7.36
C SER A 19 -6.95 -4.20 -8.83
N SER A 20 -6.01 -3.30 -9.10
CA SER A 20 -5.52 -3.10 -10.45
C SER A 20 -4.63 -4.27 -10.89
N ILE A 21 -3.76 -4.72 -9.99
CA ILE A 21 -2.85 -5.83 -10.28
C ILE A 21 -3.61 -7.10 -10.60
N VAL A 22 -4.63 -7.41 -9.81
CA VAL A 22 -5.41 -8.62 -10.03
C VAL A 22 -6.30 -8.48 -11.26
N GLU A 23 -6.79 -7.26 -11.51
CA GLU A 23 -7.59 -6.98 -12.71
C GLU A 23 -6.77 -7.24 -13.97
N LYS A 24 -5.56 -6.70 -13.99
CA LYS A 24 -4.67 -6.88 -15.14
C LYS A 24 -3.98 -8.24 -15.11
N LYS A 25 -4.24 -8.97 -14.01
CA LYS A 25 -3.70 -10.31 -13.81
C LYS A 25 -2.18 -10.35 -13.91
N GLU A 26 -1.53 -9.34 -13.33
CA GLU A 26 -0.08 -9.25 -13.38
C GLU A 26 0.56 -10.08 -12.27
N ILE A 27 -0.26 -10.82 -11.54
CA ILE A 27 0.22 -11.69 -10.49
C ILE A 27 -0.40 -13.08 -10.66
N SER A 28 0.36 -14.11 -10.29
CA SER A 28 -0.10 -15.48 -10.39
C SER A 28 -1.39 -15.69 -9.58
N GLU A 29 -2.21 -16.64 -10.02
CA GLU A 29 -3.55 -16.85 -9.45
C GLU A 29 -3.53 -16.94 -7.92
N ASP A 30 -2.62 -17.74 -7.39
CA ASP A 30 -2.49 -17.91 -5.93
C ASP A 30 -2.25 -16.58 -5.24
N GLY A 31 -1.40 -15.77 -5.85
CA GLY A 31 -1.09 -14.47 -5.31
C GLY A 31 -2.28 -13.53 -5.39
N ALA A 32 -2.99 -13.56 -6.51
CA ALA A 32 -4.18 -12.73 -6.70
C ALA A 32 -5.20 -12.95 -5.60
N ASP A 33 -5.52 -14.20 -5.33
CA ASP A 33 -6.46 -14.54 -4.26
C ASP A 33 -5.96 -14.03 -2.92
N SER A 34 -4.66 -14.16 -2.71
CA SER A 34 -4.03 -13.72 -1.48
C SER A 34 -4.14 -12.19 -1.34
N LEU A 35 -4.14 -11.49 -2.48
CA LEU A 35 -4.29 -10.04 -2.48
C LEU A 35 -5.75 -9.65 -2.24
N ASN A 36 -6.67 -10.48 -2.73
CA ASN A 36 -8.09 -10.23 -2.54
C ASN A 36 -8.45 -10.28 -1.05
N VAL A 37 -8.00 -11.33 -0.37
CA VAL A 37 -8.25 -11.46 1.05
C VAL A 37 -7.49 -10.39 1.83
N ALA A 38 -6.35 -9.98 1.30
CA ALA A 38 -5.58 -8.90 1.91
C ALA A 38 -6.36 -7.59 1.88
N MET A 39 -6.89 -7.24 0.71
CA MET A 39 -7.70 -6.03 0.55
C MET A 39 -8.89 -6.03 1.50
N ASP A 40 -9.49 -7.21 1.68
CA ASP A 40 -10.61 -7.36 2.60
C ASP A 40 -10.20 -6.97 4.02
N CYS A 41 -9.07 -7.51 4.47
CA CYS A 41 -8.57 -7.21 5.81
C CYS A 41 -8.19 -5.74 5.96
N ILE A 42 -7.66 -5.15 4.89
CA ILE A 42 -7.29 -3.74 4.91
C ILE A 42 -8.54 -2.86 5.04
N SER A 43 -9.52 -3.14 4.19
CA SER A 43 -10.77 -2.39 4.19
C SER A 43 -11.52 -2.56 5.51
N GLU A 44 -11.49 -3.79 6.03
CA GLU A 44 -12.15 -4.10 7.29
C GLU A 44 -11.46 -3.38 8.47
N ALA A 45 -10.17 -3.11 8.31
CA ALA A 45 -9.40 -2.46 9.37
C ALA A 45 -9.80 -1.00 9.53
N PHE A 46 -9.80 -0.26 8.42
CA PHE A 46 -10.08 1.18 8.48
C PHE A 46 -11.55 1.48 8.25
N GLY A 47 -12.31 0.44 7.90
CA GLY A 47 -13.74 0.58 7.71
C GLY A 47 -14.11 1.46 6.54
N PHE A 48 -13.57 1.16 5.37
CA PHE A 48 -13.84 1.96 4.18
C PHE A 48 -14.10 1.07 2.98
N GLU A 49 -14.62 1.66 1.91
CA GLU A 49 -14.93 0.93 0.69
C GLU A 49 -13.80 1.07 -0.30
N ARG A 50 -13.58 0.03 -1.10
CA ARG A 50 -12.48 0.03 -2.05
C ARG A 50 -12.87 0.80 -3.31
N GLU A 51 -14.16 0.99 -3.48
CA GLU A 51 -14.67 1.74 -4.62
C GLU A 51 -14.66 3.24 -4.32
N ALA A 52 -14.30 3.58 -3.10
CA ALA A 52 -14.25 4.97 -2.68
C ALA A 52 -12.86 5.55 -2.86
N VAL A 53 -11.94 4.73 -3.38
CA VAL A 53 -10.56 5.14 -3.57
C VAL A 53 -10.47 6.41 -4.42
N SER A 54 -11.30 6.52 -5.44
CA SER A 54 -11.29 7.69 -6.30
C SER A 54 -11.51 8.97 -5.50
N GLY A 55 -12.62 9.02 -4.78
CA GLY A 55 -12.91 10.14 -3.90
C GLY A 55 -11.78 10.45 -2.92
N ILE A 56 -11.15 9.39 -2.39
CA ILE A 56 -10.07 9.57 -1.42
C ILE A 56 -8.80 10.07 -2.10
N LEU A 57 -8.45 9.46 -3.22
CA LEU A 57 -7.23 9.82 -3.96
C LEU A 57 -7.29 11.27 -4.43
N GLY A 58 -8.45 11.69 -4.92
CA GLY A 58 -8.62 13.09 -5.30
C GLY A 58 -8.55 14.03 -4.10
N LYS A 59 -8.64 13.45 -2.91
CA LYS A 59 -8.62 14.22 -1.67
C LYS A 59 -7.22 14.18 -1.04
N SER A 60 -6.34 13.35 -1.61
CA SER A 60 -5.02 13.12 -1.02
C SER A 60 -4.14 14.36 -1.12
N GLU A 61 -3.38 14.62 -0.06
CA GLU A 61 -2.46 15.74 -0.02
C GLU A 61 -1.08 15.34 -0.52
N PHE A 62 -0.94 14.08 -0.92
CA PHE A 62 0.32 13.58 -1.43
C PHE A 62 0.68 14.27 -2.74
N LYS A 63 1.94 14.64 -2.84
CA LYS A 63 2.42 15.39 -3.99
C LYS A 63 3.14 14.47 -4.97
N GLY A 64 2.98 14.75 -6.25
CA GLY A 64 3.53 13.88 -7.27
C GLY A 64 2.49 12.89 -7.75
N GLN A 65 1.23 13.16 -7.42
CA GLN A 65 0.13 12.31 -7.84
C GLN A 65 -0.15 12.48 -9.33
N HIS A 66 -1.31 11.97 -9.76
CA HIS A 66 -1.65 11.84 -11.19
C HIS A 66 -0.72 10.81 -11.85
N LEU A 67 -1.31 9.90 -12.61
CA LEU A 67 -0.55 8.78 -13.16
C LEU A 67 0.58 9.25 -14.07
N ALA A 68 1.80 8.86 -13.69
CA ALA A 68 3.00 9.17 -14.45
C ALA A 68 4.18 8.38 -13.88
N ASP A 69 4.69 8.82 -12.74
CA ASP A 69 5.71 8.07 -12.01
C ASP A 69 5.02 6.98 -11.21
N ILE A 70 3.83 7.31 -10.73
CA ILE A 70 2.96 6.37 -10.07
C ILE A 70 1.65 6.25 -10.84
N LEU A 71 1.44 5.12 -11.50
CA LEU A 71 0.24 4.91 -12.29
C LEU A 71 -0.95 4.49 -11.42
N ASN A 72 -0.69 4.33 -10.12
CA ASN A 72 -1.69 3.81 -9.19
C ASN A 72 -2.78 4.85 -8.90
N SER A 73 -2.71 5.99 -9.55
CA SER A 73 -3.75 6.99 -9.43
C SER A 73 -5.04 6.48 -10.09
N ALA A 74 -4.88 5.56 -11.05
CA ALA A 74 -5.99 4.95 -11.77
C ALA A 74 -6.87 6.00 -12.44
N SER B 1 6.58 3.10 -24.85
CA SER B 1 5.28 3.70 -24.49
C SER B 1 4.97 3.45 -23.01
N VAL B 2 4.83 2.19 -22.63
CA VAL B 2 4.51 1.84 -21.26
C VAL B 2 5.73 1.23 -20.56
N ASP B 3 5.71 1.29 -19.24
CA ASP B 3 6.79 0.80 -18.41
C ASP B 3 6.43 1.02 -16.95
N SER B 4 5.61 0.12 -16.43
CA SER B 4 5.17 0.20 -15.05
C SER B 4 6.34 -0.01 -14.10
N ALA B 5 6.25 0.62 -12.93
CA ALA B 5 7.16 0.35 -11.85
C ALA B 5 6.95 -1.08 -11.35
N SER B 6 7.64 -1.47 -10.29
CA SER B 6 7.55 -2.85 -9.84
C SER B 6 6.64 -2.93 -8.63
N LYS B 7 5.77 -3.93 -8.62
CA LYS B 7 4.78 -4.09 -7.57
C LYS B 7 5.44 -4.48 -6.26
N GLU B 8 6.66 -5.00 -6.36
CA GLU B 8 7.47 -5.32 -5.19
C GLU B 8 7.81 -4.04 -4.42
N GLU B 9 8.14 -2.98 -5.16
CA GLU B 9 8.50 -1.69 -4.57
C GLU B 9 7.34 -1.16 -3.75
N ILE B 10 6.15 -1.21 -4.34
CA ILE B 10 4.95 -0.70 -3.69
C ILE B 10 4.56 -1.61 -2.52
N ALA B 11 4.55 -2.91 -2.75
CA ALA B 11 4.23 -3.89 -1.70
C ALA B 11 5.11 -3.68 -0.47
N ALA B 12 6.38 -3.38 -0.71
CA ALA B 12 7.31 -3.08 0.38
C ALA B 12 6.83 -1.88 1.18
N LEU B 13 6.49 -0.80 0.49
CA LEU B 13 5.95 0.39 1.13
C LEU B 13 4.66 0.06 1.89
N ILE B 14 3.84 -0.78 1.28
CA ILE B 14 2.55 -1.15 1.84
C ILE B 14 2.69 -1.85 3.19
N VAL B 15 3.45 -2.94 3.22
CA VAL B 15 3.62 -3.70 4.45
C VAL B 15 4.39 -2.88 5.49
N ASN B 16 5.35 -2.10 5.01
CA ASN B 16 6.13 -1.21 5.88
C ASN B 16 5.20 -0.22 6.59
N TYR B 17 4.24 0.31 5.85
CA TYR B 17 3.34 1.32 6.39
C TYR B 17 2.47 0.74 7.50
N PHE B 18 1.87 -0.42 7.23
CA PHE B 18 1.02 -1.07 8.23
C PHE B 18 1.84 -1.44 9.45
N SER B 19 3.06 -1.90 9.21
CA SER B 19 3.97 -2.27 10.29
C SER B 19 4.28 -1.05 11.16
N SER B 20 4.37 0.11 10.52
CA SER B 20 4.62 1.35 11.23
C SER B 20 3.37 1.80 11.99
N ILE B 21 2.22 1.69 11.34
CA ILE B 21 0.95 2.10 11.93
C ILE B 21 0.65 1.28 13.19
N VAL B 22 0.84 -0.02 13.12
CA VAL B 22 0.56 -0.89 14.26
C VAL B 22 1.61 -0.70 15.34
N GLU B 23 2.86 -0.44 14.94
CA GLU B 23 3.94 -0.17 15.88
C GLU B 23 3.63 1.08 16.70
N LYS B 24 3.22 2.15 16.02
CA LYS B 24 2.90 3.40 16.68
C LYS B 24 1.49 3.36 17.26
N LYS B 25 0.80 2.25 16.99
CA LYS B 25 -0.55 2.00 17.50
C LYS B 25 -1.52 3.11 17.13
N GLU B 26 -1.41 3.59 15.88
CA GLU B 26 -2.27 4.67 15.42
C GLU B 26 -3.60 4.13 14.91
N ILE B 27 -3.81 2.83 15.08
CA ILE B 27 -5.06 2.20 14.70
C ILE B 27 -5.59 1.35 15.87
N SER B 28 -6.90 1.27 15.98
CA SER B 28 -7.54 0.51 17.03
C SER B 28 -7.11 -0.96 16.98
N GLU B 29 -7.12 -1.63 18.14
CA GLU B 29 -6.58 -3.00 18.27
C GLU B 29 -7.13 -3.93 17.20
N ASP B 30 -8.44 -3.92 17.00
CA ASP B 30 -9.10 -4.78 16.01
C ASP B 30 -8.53 -4.54 14.63
N GLY B 31 -8.33 -3.27 14.31
CA GLY B 31 -7.78 -2.91 13.02
C GLY B 31 -6.34 -3.35 12.88
N ALA B 32 -5.55 -3.17 13.94
CA ALA B 32 -4.14 -3.57 13.94
C ALA B 32 -3.98 -5.05 13.60
N ASP B 33 -4.75 -5.90 14.27
CA ASP B 33 -4.71 -7.33 13.98
C ASP B 33 -5.09 -7.61 12.54
N SER B 34 -6.09 -6.87 12.05
CA SER B 34 -6.55 -7.02 10.69
C SER B 34 -5.46 -6.60 9.70
N LEU B 35 -4.62 -5.66 10.10
CA LEU B 35 -3.50 -5.23 9.26
C LEU B 35 -2.37 -6.25 9.30
N ASN B 36 -2.21 -6.90 10.45
CA ASN B 36 -1.19 -7.93 10.60
C ASN B 36 -1.45 -9.10 9.66
N VAL B 37 -2.68 -9.58 9.66
CA VAL B 37 -3.05 -10.69 8.79
C VAL B 37 -3.03 -10.23 7.32
N ALA B 38 -3.31 -8.95 7.10
CA ALA B 38 -3.24 -8.38 5.76
C ALA B 38 -1.82 -8.43 5.23
N MET B 39 -0.87 -7.95 6.03
CA MET B 39 0.55 -7.97 5.67
C MET B 39 1.01 -9.38 5.35
N ASP B 40 0.52 -10.35 6.11
CA ASP B 40 0.85 -11.76 5.88
C ASP B 40 0.42 -12.19 4.49
N CYS B 41 -0.82 -11.86 4.13
CA CYS B 41 -1.35 -12.22 2.82
C CYS B 41 -0.60 -11.50 1.70
N ILE B 42 -0.21 -10.26 1.94
CA ILE B 42 0.54 -9.49 0.96
C ILE B 42 1.92 -10.11 0.72
N SER B 43 2.61 -10.40 1.81
CA SER B 43 3.95 -10.98 1.74
C SER B 43 3.88 -12.37 1.12
N GLU B 44 2.85 -13.13 1.49
CA GLU B 44 2.66 -14.47 0.96
C GLU B 44 2.35 -14.44 -0.54
N ALA B 45 1.77 -13.34 -1.00
CA ALA B 45 1.40 -13.21 -2.41
C ALA B 45 2.63 -13.03 -3.29
N PHE B 46 3.49 -12.09 -2.93
CA PHE B 46 4.66 -11.80 -3.77
C PHE B 46 5.89 -12.57 -3.32
N GLY B 47 5.75 -13.27 -2.20
CA GLY B 47 6.84 -14.11 -1.69
C GLY B 47 8.06 -13.31 -1.28
N PHE B 48 7.86 -12.35 -0.40
CA PHE B 48 8.96 -11.51 0.06
C PHE B 48 8.87 -11.29 1.56
N GLU B 49 9.96 -10.79 2.14
CA GLU B 49 10.02 -10.54 3.58
C GLU B 49 9.70 -9.08 3.87
N ARG B 50 9.08 -8.83 5.00
CA ARG B 50 8.67 -7.48 5.36
C ARG B 50 9.85 -6.70 5.92
N GLU B 51 10.87 -7.42 6.34
CA GLU B 51 12.08 -6.81 6.88
C GLU B 51 13.03 -6.42 5.74
N ALA B 52 12.66 -6.80 4.53
CA ALA B 52 13.47 -6.51 3.35
C ALA B 52 13.03 -5.20 2.70
N VAL B 53 12.03 -4.55 3.30
CA VAL B 53 11.50 -3.30 2.76
C VAL B 53 12.59 -2.26 2.56
N SER B 54 13.52 -2.17 3.50
CA SER B 54 14.60 -1.21 3.42
C SER B 54 15.39 -1.37 2.11
N GLY B 55 15.91 -2.58 1.92
CA GLY B 55 16.61 -2.90 0.68
C GLY B 55 15.79 -2.60 -0.57
N ILE B 56 14.48 -2.86 -0.51
CA ILE B 56 13.62 -2.63 -1.66
C ILE B 56 13.36 -1.14 -1.87
N LEU B 57 13.05 -0.44 -0.79
CA LEU B 57 12.75 0.99 -0.85
C LEU B 57 13.95 1.78 -1.36
N GLY B 58 15.15 1.42 -0.91
CA GLY B 58 16.35 2.05 -1.43
C GLY B 58 16.60 1.71 -2.89
N LYS B 59 15.88 0.72 -3.39
CA LYS B 59 16.01 0.27 -4.76
C LYS B 59 14.88 0.85 -5.64
N SER B 60 13.92 1.50 -4.99
CA SER B 60 12.73 1.98 -5.69
C SER B 60 13.06 3.12 -6.65
N GLU B 61 12.42 3.10 -7.80
CA GLU B 61 12.61 4.13 -8.81
C GLU B 61 11.60 5.25 -8.64
N PHE B 62 10.75 5.13 -7.62
CA PHE B 62 9.75 6.14 -7.33
C PHE B 62 10.40 7.44 -6.92
N LYS B 63 9.88 8.54 -7.45
CA LYS B 63 10.46 9.85 -7.22
C LYS B 63 9.66 10.60 -6.17
N GLY B 64 10.36 11.37 -5.36
CA GLY B 64 9.71 12.06 -4.26
C GLY B 64 9.84 11.27 -2.97
N GLN B 65 10.73 10.29 -2.99
CA GLN B 65 10.98 9.45 -1.82
C GLN B 65 11.74 10.22 -0.75
N HIS B 66 12.26 9.48 0.24
CA HIS B 66 12.83 10.07 1.45
C HIS B 66 11.73 10.73 2.28
N LEU B 67 11.70 10.44 3.57
CA LEU B 67 10.60 10.90 4.43
C LEU B 67 10.48 12.42 4.44
N ALA B 68 9.31 12.89 4.03
CA ALA B 68 8.99 14.32 4.01
C ALA B 68 7.50 14.50 3.72
N ASP B 69 7.13 14.32 2.46
CA ASP B 69 5.72 14.32 2.07
C ASP B 69 5.15 12.94 2.36
N ILE B 70 6.00 11.94 2.17
CA ILE B 70 5.69 10.57 2.54
C ILE B 70 6.70 10.08 3.58
N LEU B 71 6.24 9.92 4.81
CA LEU B 71 7.11 9.47 5.90
C LEU B 71 7.30 7.96 5.89
N ASN B 72 6.63 7.30 4.97
CA ASN B 72 6.61 5.83 4.92
C ASN B 72 7.95 5.27 4.41
N SER B 73 8.91 6.15 4.16
CA SER B 73 10.24 5.72 3.79
C SER B 73 10.92 5.03 4.98
N ALA B 74 10.47 5.39 6.19
CA ALA B 74 10.98 4.82 7.43
C ALA B 74 12.49 4.99 7.55
N SER A 1 7.84 18.68 6.76
CA SER A 1 6.51 18.33 6.20
C SER A 1 6.18 16.85 6.45
N VAL A 2 6.46 16.39 7.66
CA VAL A 2 6.18 15.01 8.04
C VAL A 2 4.97 14.94 8.94
N ASP A 3 4.63 13.73 9.40
CA ASP A 3 3.51 13.51 10.34
C ASP A 3 2.21 14.09 9.79
N SER A 4 2.14 14.20 8.48
CA SER A 4 0.95 14.72 7.83
C SER A 4 0.24 13.59 7.06
N ALA A 5 -0.87 13.94 6.43
CA ALA A 5 -1.64 13.01 5.58
C ALA A 5 -2.40 12.01 6.43
N SER A 6 -3.39 11.38 5.83
CA SER A 6 -4.17 10.37 6.51
C SER A 6 -3.82 9.00 5.96
N LYS A 7 -3.88 8.01 6.85
CA LYS A 7 -3.60 6.63 6.47
C LYS A 7 -4.76 6.07 5.68
N GLU A 8 -5.90 6.74 5.77
CA GLU A 8 -7.07 6.42 4.97
C GLU A 8 -6.77 6.70 3.49
N GLU A 9 -6.12 7.82 3.23
CA GLU A 9 -5.72 8.19 1.87
C GLU A 9 -4.83 7.12 1.27
N ILE A 10 -3.79 6.76 2.01
CA ILE A 10 -2.80 5.81 1.54
C ILE A 10 -3.41 4.43 1.36
N ALA A 11 -4.22 4.01 2.33
CA ALA A 11 -4.90 2.71 2.25
C ALA A 11 -5.75 2.60 0.98
N ALA A 12 -6.38 3.71 0.60
CA ALA A 12 -7.18 3.75 -0.62
C ALA A 12 -6.31 3.48 -1.84
N LEU A 13 -5.15 4.14 -1.90
CA LEU A 13 -4.19 3.91 -2.97
C LEU A 13 -3.74 2.45 -2.97
N ILE A 14 -3.47 1.95 -1.77
CA ILE A 14 -2.96 0.60 -1.57
C ILE A 14 -3.90 -0.46 -2.13
N VAL A 15 -5.16 -0.43 -1.70
CA VAL A 15 -6.13 -1.44 -2.14
C VAL A 15 -6.42 -1.29 -3.63
N ASN A 16 -6.53 -0.05 -4.10
CA ASN A 16 -6.75 0.22 -5.52
C ASN A 16 -5.61 -0.34 -6.37
N TYR A 17 -4.40 -0.30 -5.80
CA TYR A 17 -3.23 -0.82 -6.50
C TYR A 17 -3.33 -2.32 -6.69
N PHE A 18 -3.62 -3.04 -5.61
CA PHE A 18 -3.74 -4.49 -5.69
C PHE A 18 -4.92 -4.88 -6.57
N SER A 19 -5.96 -4.05 -6.56
CA SER A 19 -7.10 -4.25 -7.44
C SER A 19 -6.63 -4.16 -8.90
N SER A 20 -5.79 -3.19 -9.19
CA SER A 20 -5.27 -3.01 -10.54
C SER A 20 -4.38 -4.20 -10.92
N ILE A 21 -3.60 -4.71 -9.95
CA ILE A 21 -2.71 -5.84 -10.19
C ILE A 21 -3.49 -7.08 -10.61
N VAL A 22 -4.60 -7.35 -9.93
CA VAL A 22 -5.41 -8.52 -10.23
C VAL A 22 -6.23 -8.31 -11.51
N GLU A 23 -6.56 -7.05 -11.81
CA GLU A 23 -7.21 -6.72 -13.08
C GLU A 23 -6.27 -7.02 -14.25
N LYS A 24 -5.03 -6.56 -14.13
CA LYS A 24 -4.03 -6.78 -15.17
C LYS A 24 -3.51 -8.21 -15.14
N LYS A 25 -3.86 -8.91 -14.05
CA LYS A 25 -3.43 -10.28 -13.80
C LYS A 25 -1.91 -10.42 -13.86
N GLU A 26 -1.22 -9.43 -13.29
CA GLU A 26 0.24 -9.44 -13.24
C GLU A 26 0.74 -10.36 -12.13
N ILE A 27 -0.16 -11.10 -11.53
CA ILE A 27 0.19 -11.99 -10.44
C ILE A 27 -0.57 -13.31 -10.60
N SER A 28 0.04 -14.40 -10.14
CA SER A 28 -0.59 -15.70 -10.16
C SER A 28 -1.90 -15.66 -9.36
N GLU A 29 -2.86 -16.47 -9.81
CA GLU A 29 -4.23 -16.41 -9.31
C GLU A 29 -4.32 -16.74 -7.83
N ASP A 30 -3.41 -17.56 -7.33
CA ASP A 30 -3.35 -17.87 -5.91
C ASP A 30 -2.88 -16.66 -5.14
N GLY A 31 -1.89 -15.96 -5.69
CA GLY A 31 -1.44 -14.72 -5.11
C GLY A 31 -2.49 -13.63 -5.19
N ALA A 32 -3.19 -13.60 -6.33
CA ALA A 32 -4.29 -12.66 -6.53
C ALA A 32 -5.35 -12.82 -5.44
N ASP A 33 -5.69 -14.07 -5.13
CA ASP A 33 -6.66 -14.35 -4.06
C ASP A 33 -6.15 -13.83 -2.73
N SER A 34 -4.85 -13.99 -2.49
CA SER A 34 -4.21 -13.50 -1.28
C SER A 34 -4.31 -11.96 -1.23
N LEU A 35 -4.21 -11.32 -2.39
CA LEU A 35 -4.37 -9.89 -2.49
C LEU A 35 -5.82 -9.48 -2.23
N ASN A 36 -6.75 -10.30 -2.70
CA ASN A 36 -8.18 -10.05 -2.49
C ASN A 36 -8.50 -10.01 -1.00
N VAL A 37 -8.04 -11.01 -0.26
CA VAL A 37 -8.28 -11.05 1.17
C VAL A 37 -7.45 -9.99 1.89
N ALA A 38 -6.28 -9.67 1.36
CA ALA A 38 -5.44 -8.61 1.90
C ALA A 38 -6.19 -7.28 1.87
N MET A 39 -6.70 -6.94 0.68
CA MET A 39 -7.46 -5.71 0.51
C MET A 39 -8.67 -5.68 1.44
N ASP A 40 -9.31 -6.82 1.61
CA ASP A 40 -10.46 -6.93 2.50
C ASP A 40 -10.07 -6.59 3.94
N CYS A 41 -8.97 -7.17 4.38
CA CYS A 41 -8.46 -6.91 5.73
C CYS A 41 -8.11 -5.44 5.92
N ILE A 42 -7.52 -4.85 4.88
CA ILE A 42 -7.17 -3.44 4.91
C ILE A 42 -8.43 -2.57 5.00
N SER A 43 -9.40 -2.89 4.15
CA SER A 43 -10.66 -2.16 4.11
C SER A 43 -11.41 -2.28 5.44
N GLU A 44 -11.39 -3.47 6.02
CA GLU A 44 -12.01 -3.73 7.30
C GLU A 44 -11.34 -2.92 8.40
N ALA A 45 -10.01 -2.85 8.34
CA ALA A 45 -9.22 -2.20 9.38
C ALA A 45 -9.52 -0.71 9.48
N PHE A 46 -9.71 -0.05 8.34
CA PHE A 46 -9.93 1.39 8.33
C PHE A 46 -11.40 1.73 8.08
N GLY A 47 -12.21 0.71 7.84
CA GLY A 47 -13.63 0.88 7.70
C GLY A 47 -14.04 1.61 6.44
N PHE A 48 -13.46 1.24 5.32
CA PHE A 48 -13.77 1.88 4.05
C PHE A 48 -14.02 0.85 2.96
N GLU A 49 -14.60 1.28 1.86
CA GLU A 49 -14.90 0.40 0.74
C GLU A 49 -13.79 0.49 -0.30
N ARG A 50 -13.62 -0.56 -1.08
CA ARG A 50 -12.53 -0.62 -2.05
C ARG A 50 -12.93 0.15 -3.30
N GLU A 51 -14.23 0.30 -3.48
CA GLU A 51 -14.78 1.01 -4.62
C GLU A 51 -14.86 2.51 -4.34
N ALA A 52 -14.66 2.88 -3.08
CA ALA A 52 -14.77 4.27 -2.65
C ALA A 52 -13.40 4.96 -2.74
N VAL A 53 -12.41 4.23 -3.25
CA VAL A 53 -11.06 4.76 -3.42
C VAL A 53 -11.07 6.11 -4.14
N SER A 54 -11.84 6.22 -5.21
CA SER A 54 -11.90 7.44 -5.99
C SER A 54 -12.30 8.64 -5.13
N GLY A 55 -13.36 8.46 -4.35
CA GLY A 55 -13.78 9.48 -3.40
C GLY A 55 -12.65 9.96 -2.50
N ILE A 56 -11.87 9.02 -1.97
CA ILE A 56 -10.79 9.34 -1.06
C ILE A 56 -9.59 9.92 -1.81
N LEU A 57 -9.31 9.32 -2.96
CA LEU A 57 -8.15 9.69 -3.78
C LEU A 57 -8.31 11.07 -4.38
N GLY A 58 -9.54 11.58 -4.42
CA GLY A 58 -9.79 12.84 -5.09
C GLY A 58 -9.55 14.01 -4.15
N LYS A 59 -9.54 13.72 -2.86
CA LYS A 59 -9.29 14.73 -1.84
C LYS A 59 -7.91 14.52 -1.24
N SER A 60 -7.16 13.60 -1.80
CA SER A 60 -5.83 13.28 -1.30
C SER A 60 -4.80 14.22 -1.90
N GLU A 61 -3.75 14.51 -1.14
CA GLU A 61 -2.69 15.40 -1.60
C GLU A 61 -1.70 14.64 -2.47
N PHE A 62 -1.82 13.31 -2.47
CA PHE A 62 -0.96 12.47 -3.30
C PHE A 62 -1.40 12.53 -4.75
N LYS A 63 -0.80 13.44 -5.50
CA LYS A 63 -1.17 13.69 -6.88
C LYS A 63 -0.50 12.70 -7.81
N GLY A 64 -0.69 11.41 -7.54
CA GLY A 64 -0.10 10.38 -8.36
C GLY A 64 1.35 10.11 -8.00
N GLN A 65 1.79 10.67 -6.88
CA GLN A 65 3.16 10.51 -6.40
C GLN A 65 4.17 11.12 -7.38
N HIS A 66 5.44 10.87 -7.17
CA HIS A 66 6.47 11.44 -8.04
C HIS A 66 6.52 10.70 -9.37
N LEU A 67 6.37 9.40 -9.33
CA LEU A 67 6.46 8.58 -10.53
C LEU A 67 5.09 8.38 -11.16
N ALA A 68 5.03 8.52 -12.48
CA ALA A 68 3.77 8.45 -13.21
C ALA A 68 3.36 7.02 -13.47
N ASP A 69 4.12 6.07 -12.93
CA ASP A 69 3.78 4.66 -13.06
C ASP A 69 2.68 4.28 -12.08
N ILE A 70 2.51 5.10 -11.04
CA ILE A 70 1.39 4.96 -10.12
C ILE A 70 0.08 5.24 -10.83
N LEU A 71 -0.46 4.23 -11.49
CA LEU A 71 -1.70 4.36 -12.25
C LEU A 71 -2.90 4.12 -11.34
N ASN A 72 -2.63 3.71 -10.12
CA ASN A 72 -3.69 3.44 -9.14
C ASN A 72 -4.10 4.72 -8.42
N SER A 73 -3.76 5.85 -9.01
CA SER A 73 -4.10 7.15 -8.44
C SER A 73 -5.37 7.70 -9.09
N ALA A 74 -5.80 8.87 -8.66
CA ALA A 74 -6.96 9.51 -9.25
C ALA A 74 -6.53 10.44 -10.38
N SER B 1 5.98 8.30 -18.75
CA SER B 1 6.75 7.60 -17.71
C SER B 1 5.85 6.66 -16.90
N VAL B 2 4.97 5.95 -17.59
CA VAL B 2 4.06 5.02 -16.94
C VAL B 2 4.52 3.59 -17.18
N ASP B 3 3.75 2.62 -16.66
CA ASP B 3 4.00 1.19 -16.86
C ASP B 3 5.42 0.83 -16.41
N SER B 4 5.96 1.61 -15.50
CA SER B 4 7.28 1.37 -14.97
C SER B 4 7.19 0.92 -13.51
N ALA B 5 8.35 0.66 -12.90
CA ALA B 5 8.44 0.29 -11.48
C ALA B 5 7.96 -1.14 -11.26
N SER B 6 8.34 -1.70 -10.13
CA SER B 6 7.92 -3.03 -9.78
C SER B 6 6.91 -2.96 -8.64
N LYS B 7 5.99 -3.90 -8.67
CA LYS B 7 4.96 -4.00 -7.64
C LYS B 7 5.56 -4.53 -6.36
N GLU B 8 6.72 -5.15 -6.48
CA GLU B 8 7.50 -5.59 -5.32
C GLU B 8 7.96 -4.38 -4.51
N GLU B 9 8.42 -3.34 -5.21
CA GLU B 9 8.84 -2.10 -4.58
C GLU B 9 7.70 -1.50 -3.76
N ILE B 10 6.56 -1.37 -4.41
CA ILE B 10 5.41 -0.73 -3.80
C ILE B 10 4.88 -1.57 -2.64
N ALA B 11 4.80 -2.88 -2.83
CA ALA B 11 4.36 -3.79 -1.78
C ALA B 11 5.21 -3.65 -0.51
N ALA B 12 6.52 -3.46 -0.71
CA ALA B 12 7.44 -3.25 0.40
C ALA B 12 7.06 -2.00 1.19
N LEU B 13 6.80 -0.91 0.46
CA LEU B 13 6.36 0.33 1.10
C LEU B 13 5.04 0.10 1.84
N ILE B 14 4.15 -0.62 1.18
CA ILE B 14 2.82 -0.88 1.70
C ILE B 14 2.86 -1.61 3.05
N VAL B 15 3.54 -2.74 3.10
CA VAL B 15 3.60 -3.51 4.34
C VAL B 15 4.35 -2.76 5.43
N ASN B 16 5.43 -2.09 5.05
CA ASN B 16 6.21 -1.29 6.00
C ASN B 16 5.34 -0.18 6.59
N TYR B 17 4.43 0.34 5.78
CA TYR B 17 3.53 1.40 6.24
C TYR B 17 2.60 0.89 7.33
N PHE B 18 1.95 -0.24 7.06
CA PHE B 18 1.03 -0.82 8.04
C PHE B 18 1.79 -1.25 9.29
N SER B 19 3.03 -1.68 9.10
CA SER B 19 3.89 -2.01 10.22
C SER B 19 4.11 -0.77 11.09
N SER B 20 4.35 0.36 10.45
CA SER B 20 4.55 1.62 11.17
C SER B 20 3.27 2.03 11.89
N ILE B 21 2.11 1.80 11.25
CA ILE B 21 0.83 2.15 11.83
C ILE B 21 0.58 1.39 13.14
N VAL B 22 0.90 0.09 13.15
CA VAL B 22 0.69 -0.71 14.33
C VAL B 22 1.76 -0.43 15.39
N GLU B 23 2.95 -0.02 14.96
CA GLU B 23 3.98 0.43 15.88
C GLU B 23 3.54 1.69 16.61
N LYS B 24 3.03 2.66 15.86
CA LYS B 24 2.55 3.91 16.44
C LYS B 24 1.21 3.72 17.12
N LYS B 25 0.61 2.55 16.87
CA LYS B 25 -0.70 2.19 17.40
C LYS B 25 -1.76 3.23 17.04
N GLU B 26 -1.69 3.74 15.81
CA GLU B 26 -2.65 4.73 15.33
C GLU B 26 -3.95 4.06 14.92
N ILE B 27 -4.08 2.78 15.21
CA ILE B 27 -5.27 2.04 14.87
C ILE B 27 -5.66 1.12 16.01
N SER B 28 -6.96 0.87 16.14
CA SER B 28 -7.46 -0.06 17.15
C SER B 28 -6.83 -1.44 16.95
N GLU B 29 -6.66 -2.14 18.07
CA GLU B 29 -5.88 -3.38 18.10
C GLU B 29 -6.52 -4.47 17.25
N ASP B 30 -7.83 -4.43 17.11
CA ASP B 30 -8.53 -5.38 16.24
C ASP B 30 -8.23 -5.07 14.78
N GLY B 31 -8.19 -3.78 14.46
CA GLY B 31 -7.80 -3.36 13.13
C GLY B 31 -6.34 -3.64 12.86
N ALA B 32 -5.51 -3.43 13.89
CA ALA B 32 -4.08 -3.74 13.80
C ALA B 32 -3.86 -5.19 13.44
N ASP B 33 -4.60 -6.09 14.07
CA ASP B 33 -4.51 -7.51 13.77
C ASP B 33 -4.90 -7.78 12.32
N SER B 34 -5.91 -7.06 11.85
CA SER B 34 -6.34 -7.18 10.46
C SER B 34 -5.23 -6.70 9.52
N LEU B 35 -4.48 -5.69 9.96
CA LEU B 35 -3.34 -5.21 9.19
C LEU B 35 -2.21 -6.24 9.20
N ASN B 36 -2.04 -6.90 10.34
CA ASN B 36 -1.02 -7.94 10.47
C ASN B 36 -1.24 -9.06 9.47
N VAL B 37 -2.47 -9.56 9.40
CA VAL B 37 -2.79 -10.62 8.45
C VAL B 37 -2.79 -10.08 7.02
N ALA B 38 -3.18 -8.81 6.85
CA ALA B 38 -3.12 -8.17 5.55
C ALA B 38 -1.71 -8.17 5.00
N MET B 39 -0.77 -7.68 5.81
CA MET B 39 0.65 -7.66 5.43
C MET B 39 1.15 -9.05 5.10
N ASP B 40 0.70 -10.03 5.87
CA ASP B 40 1.10 -11.42 5.64
C ASP B 40 0.63 -11.90 4.28
N CYS B 41 -0.62 -11.60 3.95
CA CYS B 41 -1.19 -11.98 2.66
C CYS B 41 -0.44 -11.30 1.53
N ILE B 42 -0.08 -10.03 1.73
CA ILE B 42 0.68 -9.28 0.74
C ILE B 42 2.06 -9.90 0.55
N SER B 43 2.72 -10.19 1.66
CA SER B 43 4.06 -10.77 1.63
C SER B 43 4.04 -12.14 0.96
N GLU B 44 3.01 -12.92 1.27
CA GLU B 44 2.84 -14.24 0.67
C GLU B 44 2.62 -14.13 -0.83
N ALA B 45 1.84 -13.15 -1.23
CA ALA B 45 1.47 -12.97 -2.64
C ALA B 45 2.67 -12.70 -3.52
N PHE B 46 3.61 -11.90 -3.03
CA PHE B 46 4.77 -11.52 -3.84
C PHE B 46 6.02 -12.26 -3.41
N GLY B 47 5.90 -13.06 -2.35
CA GLY B 47 6.98 -13.91 -1.91
C GLY B 47 8.15 -13.16 -1.32
N PHE B 48 7.86 -12.21 -0.44
CA PHE B 48 8.91 -11.42 0.18
C PHE B 48 8.68 -11.31 1.69
N GLU B 49 9.70 -10.88 2.41
CA GLU B 49 9.62 -10.73 3.85
C GLU B 49 9.31 -9.29 4.21
N ARG B 50 8.69 -9.08 5.37
CA ARG B 50 8.25 -7.76 5.78
C ARG B 50 9.44 -6.98 6.33
N GLU B 51 10.44 -7.73 6.79
CA GLU B 51 11.65 -7.15 7.35
C GLU B 51 12.66 -6.83 6.25
N ALA B 52 12.40 -7.33 5.06
CA ALA B 52 13.30 -7.13 3.93
C ALA B 52 12.93 -5.87 3.15
N VAL B 53 11.94 -5.15 3.65
CA VAL B 53 11.50 -3.89 3.04
C VAL B 53 12.68 -2.96 2.75
N SER B 54 13.58 -2.81 3.70
CA SER B 54 14.73 -1.92 3.55
C SER B 54 15.55 -2.27 2.31
N GLY B 55 15.85 -3.56 2.17
CA GLY B 55 16.54 -4.07 1.00
C GLY B 55 15.89 -3.65 -0.31
N ILE B 56 14.56 -3.76 -0.36
CA ILE B 56 13.81 -3.44 -1.57
C ILE B 56 13.67 -1.92 -1.73
N LEU B 57 13.43 -1.24 -0.61
CA LEU B 57 13.20 0.20 -0.61
C LEU B 57 14.47 0.98 -0.96
N GLY B 58 15.62 0.32 -0.86
CA GLY B 58 16.88 1.02 -1.06
C GLY B 58 17.25 1.06 -2.54
N LYS B 59 16.64 0.16 -3.30
CA LYS B 59 16.87 0.09 -4.74
C LYS B 59 15.65 0.62 -5.48
N SER B 60 14.69 1.14 -4.74
CA SER B 60 13.46 1.64 -5.32
C SER B 60 13.64 3.09 -5.78
N GLU B 61 12.94 3.46 -6.84
CA GLU B 61 13.02 4.81 -7.38
C GLU B 61 12.12 5.75 -6.58
N PHE B 62 11.27 5.18 -5.73
CA PHE B 62 10.39 5.97 -4.88
C PHE B 62 11.18 6.57 -3.73
N LYS B 63 11.66 7.78 -3.93
CA LYS B 63 12.50 8.46 -2.95
C LYS B 63 11.65 9.13 -1.88
N GLY B 64 10.79 8.34 -1.24
CA GLY B 64 9.94 8.87 -0.19
C GLY B 64 8.71 9.57 -0.74
N GLN B 65 8.48 9.41 -2.04
CA GLN B 65 7.33 10.02 -2.72
C GLN B 65 7.42 11.56 -2.68
N HIS B 66 6.36 12.23 -3.09
CA HIS B 66 6.37 13.69 -3.13
C HIS B 66 6.24 14.26 -1.72
N LEU B 67 5.40 13.64 -0.90
CA LEU B 67 5.14 14.13 0.44
C LEU B 67 6.09 13.50 1.44
N ALA B 68 6.63 14.31 2.35
CA ALA B 68 7.62 13.84 3.31
C ALA B 68 6.96 13.17 4.50
N ASP B 69 5.64 13.03 4.45
CA ASP B 69 4.92 12.34 5.52
C ASP B 69 5.04 10.84 5.37
N ILE B 70 5.41 10.39 4.17
CA ILE B 70 5.74 8.98 3.93
C ILE B 70 7.01 8.60 4.68
N LEU B 71 6.85 8.26 5.95
CA LEU B 71 7.96 7.90 6.80
C LEU B 71 8.29 6.42 6.67
N ASN B 72 7.44 5.70 5.93
CA ASN B 72 7.63 4.27 5.72
C ASN B 72 8.56 4.02 4.54
N SER B 73 9.33 5.03 4.18
CA SER B 73 10.27 4.93 3.08
C SER B 73 11.67 4.64 3.62
N ALA B 74 12.64 4.51 2.71
CA ALA B 74 14.02 4.30 3.12
C ALA B 74 14.73 5.64 3.26
N SER A 1 2.47 16.20 16.37
CA SER A 1 2.34 17.40 15.51
C SER A 1 2.96 17.13 14.14
N VAL A 2 2.13 16.71 13.20
CA VAL A 2 2.55 16.47 11.84
C VAL A 2 1.58 17.13 10.87
N ASP A 3 1.88 17.02 9.58
CA ASP A 3 1.00 17.56 8.55
C ASP A 3 0.98 16.59 7.38
N SER A 4 1.05 15.32 7.74
CA SER A 4 1.13 14.23 6.79
C SER A 4 -0.22 13.93 6.15
N ALA A 5 -0.29 12.85 5.40
CA ALA A 5 -1.53 12.41 4.80
C ALA A 5 -2.32 11.59 5.82
N SER A 6 -3.54 11.20 5.46
CA SER A 6 -4.37 10.43 6.36
C SER A 6 -4.30 8.96 5.99
N LYS A 7 -4.19 8.10 7.00
CA LYS A 7 -3.93 6.68 6.79
C LYS A 7 -5.08 5.99 6.08
N GLU A 8 -6.29 6.49 6.27
CA GLU A 8 -7.46 5.95 5.57
C GLU A 8 -7.35 6.24 4.07
N GLU A 9 -6.95 7.46 3.75
CA GLU A 9 -6.78 7.88 2.36
C GLU A 9 -5.71 7.05 1.66
N ILE A 10 -4.62 6.81 2.38
CA ILE A 10 -3.53 6.01 1.85
C ILE A 10 -3.98 4.57 1.67
N ALA A 11 -4.74 4.05 2.63
CA ALA A 11 -5.31 2.70 2.53
C ALA A 11 -6.14 2.55 1.27
N ALA A 12 -6.92 3.58 0.95
CA ALA A 12 -7.71 3.60 -0.27
C ALA A 12 -6.82 3.47 -1.50
N LEU A 13 -5.71 4.19 -1.48
CA LEU A 13 -4.72 4.13 -2.55
C LEU A 13 -4.15 2.72 -2.65
N ILE A 14 -3.82 2.16 -1.50
CA ILE A 14 -3.20 0.85 -1.42
C ILE A 14 -4.11 -0.25 -1.97
N VAL A 15 -5.38 -0.25 -1.56
CA VAL A 15 -6.31 -1.28 -2.04
C VAL A 15 -6.63 -1.08 -3.52
N ASN A 16 -6.72 0.18 -3.94
CA ASN A 16 -6.94 0.48 -5.36
C ASN A 16 -5.75 0.00 -6.18
N TYR A 17 -4.57 0.14 -5.59
CA TYR A 17 -3.35 -0.35 -6.21
C TYR A 17 -3.42 -1.86 -6.44
N PHE A 18 -3.74 -2.60 -5.38
CA PHE A 18 -3.84 -4.05 -5.49
C PHE A 18 -4.99 -4.46 -6.41
N SER A 19 -6.04 -3.66 -6.43
CA SER A 19 -7.15 -3.89 -7.36
C SER A 19 -6.64 -3.83 -8.79
N SER A 20 -5.91 -2.75 -9.11
CA SER A 20 -5.30 -2.59 -10.42
C SER A 20 -4.39 -3.78 -10.74
N ILE A 21 -3.76 -4.34 -9.72
CA ILE A 21 -2.87 -5.47 -9.90
C ILE A 21 -3.65 -6.74 -10.23
N VAL A 22 -4.65 -7.06 -9.40
CA VAL A 22 -5.37 -8.31 -9.55
C VAL A 22 -6.33 -8.30 -10.74
N GLU A 23 -7.04 -7.19 -10.94
CA GLU A 23 -7.99 -7.06 -12.04
C GLU A 23 -7.29 -7.18 -13.40
N LYS A 24 -6.09 -6.63 -13.49
CA LYS A 24 -5.33 -6.70 -14.73
C LYS A 24 -4.42 -7.93 -14.74
N LYS A 25 -4.49 -8.71 -13.65
CA LYS A 25 -3.74 -9.95 -13.50
C LYS A 25 -2.24 -9.71 -13.68
N GLU A 26 -1.73 -8.70 -12.98
CA GLU A 26 -0.31 -8.37 -13.03
C GLU A 26 0.48 -9.32 -12.13
N ILE A 27 -0.26 -10.12 -11.37
CA ILE A 27 0.35 -11.06 -10.44
C ILE A 27 -0.27 -12.45 -10.64
N SER A 28 0.48 -13.49 -10.29
CA SER A 28 0.02 -14.87 -10.45
C SER A 28 -1.24 -15.14 -9.63
N GLU A 29 -1.98 -16.19 -10.02
CA GLU A 29 -3.31 -16.48 -9.48
C GLU A 29 -3.33 -16.51 -7.95
N ASP A 30 -2.48 -17.32 -7.35
CA ASP A 30 -2.46 -17.46 -5.89
C ASP A 30 -2.08 -16.14 -5.23
N GLY A 31 -1.15 -15.43 -5.87
CA GLY A 31 -0.77 -14.12 -5.38
C GLY A 31 -1.93 -13.15 -5.43
N ALA A 32 -2.66 -13.16 -6.54
CA ALA A 32 -3.84 -12.32 -6.70
C ALA A 32 -4.86 -12.57 -5.61
N ASP A 33 -5.12 -13.85 -5.33
CA ASP A 33 -6.07 -14.22 -4.28
C ASP A 33 -5.59 -13.71 -2.93
N SER A 34 -4.30 -13.83 -2.68
CA SER A 34 -3.70 -13.34 -1.45
C SER A 34 -3.83 -11.83 -1.34
N LEU A 35 -3.82 -11.13 -2.48
CA LEU A 35 -4.01 -9.69 -2.48
C LEU A 35 -5.49 -9.34 -2.29
N ASN A 36 -6.37 -10.17 -2.84
CA ASN A 36 -7.80 -9.99 -2.67
C ASN A 36 -8.20 -10.04 -1.21
N VAL A 37 -7.69 -11.03 -0.50
CA VAL A 37 -7.99 -11.17 0.93
C VAL A 37 -7.24 -10.11 1.74
N ALA A 38 -6.09 -9.66 1.21
CA ALA A 38 -5.35 -8.59 1.84
C ALA A 38 -6.16 -7.30 1.84
N MET A 39 -6.71 -6.95 0.68
CA MET A 39 -7.55 -5.78 0.53
C MET A 39 -8.77 -5.88 1.45
N ASP A 40 -9.27 -7.09 1.62
CA ASP A 40 -10.42 -7.33 2.50
C ASP A 40 -10.06 -6.99 3.95
N CYS A 41 -8.87 -7.42 4.37
CA CYS A 41 -8.39 -7.17 5.72
C CYS A 41 -8.12 -5.68 5.93
N ILE A 42 -7.58 -5.02 4.91
CA ILE A 42 -7.35 -3.58 4.95
C ILE A 42 -8.67 -2.85 5.03
N SER A 43 -9.63 -3.33 4.25
CA SER A 43 -10.96 -2.77 4.20
C SER A 43 -11.62 -2.83 5.58
N GLU A 44 -11.50 -4.00 6.21
CA GLU A 44 -12.03 -4.21 7.56
C GLU A 44 -11.36 -3.28 8.58
N ALA A 45 -10.08 -3.01 8.37
CA ALA A 45 -9.30 -2.20 9.30
C ALA A 45 -9.83 -0.77 9.37
N PHE A 46 -10.02 -0.15 8.22
CA PHE A 46 -10.41 1.25 8.18
C PHE A 46 -11.90 1.45 7.98
N GLY A 47 -12.60 0.33 7.77
CA GLY A 47 -14.05 0.35 7.65
C GLY A 47 -14.54 1.11 6.43
N PHE A 48 -14.02 0.77 5.25
CA PHE A 48 -14.38 1.48 4.03
C PHE A 48 -14.62 0.48 2.90
N GLU A 49 -15.09 0.97 1.78
CA GLU A 49 -15.32 0.14 0.59
C GLU A 49 -14.26 0.43 -0.46
N ARG A 50 -13.93 -0.56 -1.28
CA ARG A 50 -12.83 -0.44 -2.23
C ARG A 50 -13.29 0.32 -3.47
N GLU A 51 -14.60 0.48 -3.61
CA GLU A 51 -15.16 1.18 -4.75
C GLU A 51 -15.08 2.68 -4.54
N ALA A 52 -14.98 3.11 -3.29
CA ALA A 52 -14.96 4.53 -2.96
C ALA A 52 -13.56 5.12 -3.07
N VAL A 53 -12.60 4.30 -3.48
CA VAL A 53 -11.19 4.72 -3.56
C VAL A 53 -11.03 5.99 -4.40
N SER A 54 -11.66 6.03 -5.56
CA SER A 54 -11.50 7.16 -6.48
C SER A 54 -11.96 8.46 -5.83
N GLY A 55 -13.15 8.42 -5.25
CA GLY A 55 -13.67 9.57 -4.51
C GLY A 55 -12.75 10.02 -3.39
N ILE A 56 -12.12 9.07 -2.70
CA ILE A 56 -11.22 9.41 -1.60
C ILE A 56 -9.88 9.92 -2.12
N LEU A 57 -9.36 9.25 -3.15
CA LEU A 57 -8.10 9.66 -3.77
C LEU A 57 -8.21 11.06 -4.35
N GLY A 58 -9.37 11.40 -4.91
CA GLY A 58 -9.62 12.75 -5.38
C GLY A 58 -9.65 13.78 -4.26
N LYS A 59 -9.73 13.29 -3.03
CA LYS A 59 -9.76 14.15 -1.86
C LYS A 59 -8.34 14.41 -1.35
N SER A 60 -7.46 13.44 -1.56
CA SER A 60 -6.12 13.51 -0.99
C SER A 60 -5.05 13.41 -2.08
N GLU A 61 -4.34 14.50 -2.30
CA GLU A 61 -3.22 14.51 -3.25
C GLU A 61 -1.97 13.91 -2.60
N PHE A 62 -2.04 13.72 -1.27
CA PHE A 62 -0.93 13.20 -0.47
C PHE A 62 0.21 14.20 -0.41
N LYS A 63 0.94 14.33 -1.51
CA LYS A 63 2.02 15.31 -1.63
C LYS A 63 2.38 15.49 -3.10
N GLY A 64 1.37 15.41 -3.95
CA GLY A 64 1.59 15.53 -5.38
C GLY A 64 1.53 14.20 -6.07
N GLN A 65 0.42 13.49 -5.88
CA GLN A 65 0.22 12.20 -6.54
C GLN A 65 0.29 12.33 -8.05
N HIS A 66 1.15 11.53 -8.66
CA HIS A 66 1.28 11.49 -10.11
C HIS A 66 1.27 10.04 -10.56
N LEU A 67 0.26 9.67 -11.32
CA LEU A 67 0.09 8.29 -11.75
C LEU A 67 0.83 8.09 -13.07
N ALA A 68 1.76 7.13 -13.06
CA ALA A 68 2.61 6.84 -14.20
C ALA A 68 3.58 5.74 -13.82
N ASP A 69 4.42 6.03 -12.84
CA ASP A 69 5.34 5.03 -12.30
C ASP A 69 4.61 4.12 -11.32
N ILE A 70 3.55 4.65 -10.73
CA ILE A 70 2.70 3.89 -9.83
C ILE A 70 1.69 3.09 -10.65
N LEU A 71 1.57 1.79 -10.35
CA LEU A 71 0.66 0.91 -11.10
C LEU A 71 -0.79 1.18 -10.72
N ASN A 72 -1.00 2.12 -9.79
CA ASN A 72 -2.33 2.55 -9.38
C ASN A 72 -3.00 3.37 -10.49
N SER A 73 -2.30 3.55 -11.60
CA SER A 73 -2.80 4.30 -12.74
C SER A 73 -4.13 3.73 -13.25
N ALA A 74 -4.33 2.43 -13.04
CA ALA A 74 -5.57 1.75 -13.41
C ALA A 74 -5.83 1.84 -14.91
N SER B 1 4.57 -2.14 -22.58
CA SER B 1 5.76 -1.26 -22.64
C SER B 1 5.61 -0.10 -21.68
N VAL B 2 6.13 -0.28 -20.47
CA VAL B 2 6.12 0.76 -19.46
C VAL B 2 7.52 0.92 -18.86
N ASP B 3 7.66 1.86 -17.93
CA ASP B 3 8.93 2.07 -17.25
C ASP B 3 8.62 2.41 -15.80
N SER B 4 7.58 1.76 -15.30
CA SER B 4 7.07 2.00 -13.98
C SER B 4 7.93 1.32 -12.90
N ALA B 5 7.45 1.33 -11.67
CA ALA B 5 8.12 0.65 -10.58
C ALA B 5 7.74 -0.83 -10.59
N SER B 6 8.37 -1.60 -9.72
CA SER B 6 8.08 -3.02 -9.65
C SER B 6 7.13 -3.30 -8.49
N LYS B 7 6.14 -4.15 -8.75
CA LYS B 7 5.03 -4.37 -7.82
C LYS B 7 5.50 -5.01 -6.51
N GLU B 8 6.58 -5.80 -6.58
CA GLU B 8 7.18 -6.38 -5.40
C GLU B 8 7.78 -5.29 -4.50
N GLU B 9 8.48 -4.36 -5.14
CA GLU B 9 9.11 -3.25 -4.43
C GLU B 9 8.06 -2.38 -3.74
N ILE B 10 6.97 -2.14 -4.46
CA ILE B 10 5.87 -1.34 -3.91
C ILE B 10 5.20 -2.09 -2.76
N ALA B 11 5.03 -3.40 -2.91
CA ALA B 11 4.49 -4.23 -1.84
C ALA B 11 5.32 -4.12 -0.58
N ALA B 12 6.64 -4.08 -0.73
CA ALA B 12 7.54 -3.89 0.39
C ALA B 12 7.26 -2.57 1.09
N LEU B 13 7.05 -1.54 0.29
CA LEU B 13 6.71 -0.22 0.81
C LEU B 13 5.39 -0.28 1.57
N ILE B 14 4.42 -0.95 0.97
CA ILE B 14 3.08 -1.06 1.53
C ILE B 14 3.07 -1.78 2.88
N VAL B 15 3.76 -2.91 2.98
CA VAL B 15 3.78 -3.65 4.23
C VAL B 15 4.60 -2.90 5.29
N ASN B 16 5.66 -2.25 4.86
CA ASN B 16 6.47 -1.42 5.77
C ASN B 16 5.63 -0.27 6.30
N TYR B 17 4.78 0.25 5.43
CA TYR B 17 3.84 1.31 5.80
C TYR B 17 2.91 0.84 6.91
N PHE B 18 2.26 -0.31 6.69
CA PHE B 18 1.34 -0.86 7.68
C PHE B 18 2.09 -1.25 8.95
N SER B 19 3.34 -1.69 8.80
CA SER B 19 4.17 -1.98 9.96
C SER B 19 4.34 -0.73 10.81
N SER B 20 4.72 0.37 10.16
CA SER B 20 4.86 1.65 10.83
C SER B 20 3.55 2.04 11.53
N ILE B 21 2.43 1.67 10.93
CA ILE B 21 1.12 1.98 11.48
C ILE B 21 0.84 1.15 12.72
N VAL B 22 1.00 -0.16 12.62
CA VAL B 22 0.63 -1.06 13.72
C VAL B 22 1.64 -1.00 14.87
N GLU B 23 2.92 -0.96 14.56
CA GLU B 23 3.97 -0.91 15.58
C GLU B 23 3.87 0.34 16.43
N LYS B 24 3.52 1.46 15.79
CA LYS B 24 3.37 2.72 16.51
C LYS B 24 1.93 2.91 16.99
N LYS B 25 1.10 1.92 16.69
CA LYS B 25 -0.31 1.89 17.09
C LYS B 25 -1.05 3.14 16.62
N GLU B 26 -0.90 3.44 15.34
CA GLU B 26 -1.56 4.60 14.75
C GLU B 26 -3.01 4.25 14.42
N ILE B 27 -3.34 2.98 14.58
CA ILE B 27 -4.68 2.49 14.29
C ILE B 27 -5.19 1.66 15.48
N SER B 28 -6.51 1.58 15.62
CA SER B 28 -7.13 0.85 16.72
C SER B 28 -6.76 -0.63 16.68
N GLU B 29 -6.90 -1.30 17.83
CA GLU B 29 -6.42 -2.68 18.02
C GLU B 29 -6.90 -3.65 16.94
N ASP B 30 -8.21 -3.71 16.72
CA ASP B 30 -8.78 -4.63 15.74
C ASP B 30 -8.31 -4.27 14.34
N GLY B 31 -8.20 -2.97 14.08
CA GLY B 31 -7.69 -2.50 12.82
C GLY B 31 -6.26 -2.93 12.61
N ALA B 32 -5.45 -2.78 13.65
CA ALA B 32 -4.05 -3.20 13.62
C ALA B 32 -3.92 -4.68 13.29
N ASP B 33 -4.74 -5.50 13.94
CA ASP B 33 -4.71 -6.94 13.70
C ASP B 33 -5.08 -7.23 12.25
N SER B 34 -6.07 -6.51 11.75
CA SER B 34 -6.51 -6.66 10.37
C SER B 34 -5.40 -6.25 9.40
N LEU B 35 -4.56 -5.30 9.80
CA LEU B 35 -3.43 -4.90 8.99
C LEU B 35 -2.30 -5.93 9.08
N ASN B 36 -2.15 -6.52 10.26
CA ASN B 36 -1.14 -7.56 10.47
C ASN B 36 -1.39 -8.75 9.55
N VAL B 37 -2.64 -9.19 9.47
CA VAL B 37 -2.99 -10.30 8.62
C VAL B 37 -2.98 -9.88 7.15
N ALA B 38 -3.23 -8.59 6.91
CA ALA B 38 -3.16 -8.05 5.57
C ALA B 38 -1.74 -8.14 5.04
N MET B 39 -0.78 -7.68 5.84
CA MET B 39 0.62 -7.77 5.48
C MET B 39 1.05 -9.21 5.25
N ASP B 40 0.47 -10.12 6.01
CA ASP B 40 0.75 -11.54 5.87
C ASP B 40 0.31 -12.04 4.50
N CYS B 41 -0.88 -11.62 4.10
CA CYS B 41 -1.44 -12.01 2.81
C CYS B 41 -0.64 -11.39 1.66
N ILE B 42 -0.20 -10.15 1.84
CA ILE B 42 0.63 -9.48 0.85
C ILE B 42 1.98 -10.18 0.75
N SER B 43 2.50 -10.56 1.91
CA SER B 43 3.77 -11.26 2.01
C SER B 43 3.70 -12.59 1.25
N GLU B 44 2.61 -13.32 1.45
CA GLU B 44 2.39 -14.59 0.77
C GLU B 44 2.28 -14.39 -0.74
N ALA B 45 1.71 -13.26 -1.14
CA ALA B 45 1.49 -12.98 -2.55
C ALA B 45 2.80 -12.86 -3.33
N PHE B 46 3.73 -12.06 -2.81
CA PHE B 46 4.96 -11.79 -3.53
C PHE B 46 6.13 -12.64 -3.02
N GLY B 47 5.86 -13.42 -1.97
CA GLY B 47 6.84 -14.36 -1.45
C GLY B 47 8.07 -13.68 -0.89
N PHE B 48 7.86 -12.73 0.02
CA PHE B 48 8.98 -11.99 0.59
C PHE B 48 8.79 -11.83 2.10
N GLU B 49 9.80 -11.29 2.77
CA GLU B 49 9.73 -11.04 4.20
C GLU B 49 9.59 -9.56 4.47
N ARG B 50 8.94 -9.21 5.57
CA ARG B 50 8.61 -7.81 5.87
C ARG B 50 9.83 -7.10 6.43
N GLU B 51 10.83 -7.87 6.84
CA GLU B 51 12.04 -7.30 7.41
C GLU B 51 12.98 -6.82 6.32
N ALA B 52 12.81 -7.35 5.12
CA ALA B 52 13.69 -7.01 4.01
C ALA B 52 13.24 -5.74 3.29
N VAL B 53 12.17 -5.13 3.80
CA VAL B 53 11.60 -3.94 3.18
C VAL B 53 12.63 -2.84 2.96
N SER B 54 13.45 -2.56 3.99
CA SER B 54 14.42 -1.48 3.92
C SER B 54 15.41 -1.71 2.78
N GLY B 55 15.98 -2.91 2.75
CA GLY B 55 16.86 -3.30 1.67
C GLY B 55 16.24 -3.15 0.29
N ILE B 56 14.96 -3.48 0.17
CA ILE B 56 14.27 -3.40 -1.11
C ILE B 56 13.94 -1.94 -1.44
N LEU B 57 13.46 -1.21 -0.45
CA LEU B 57 13.13 0.20 -0.63
C LEU B 57 14.37 1.00 -1.04
N GLY B 58 15.52 0.66 -0.47
CA GLY B 58 16.78 1.27 -0.88
C GLY B 58 17.16 0.94 -2.32
N LYS B 59 16.48 -0.04 -2.90
CA LYS B 59 16.73 -0.45 -4.27
C LYS B 59 15.83 0.32 -5.23
N SER B 60 14.66 0.72 -4.76
CA SER B 60 13.67 1.35 -5.62
C SER B 60 13.26 2.72 -5.09
N GLU B 61 13.62 3.76 -5.83
CA GLU B 61 13.21 5.12 -5.48
C GLU B 61 11.80 5.38 -5.97
N PHE B 62 11.28 4.46 -6.80
CA PHE B 62 9.96 4.55 -7.42
C PHE B 62 9.91 5.71 -8.42
N LYS B 63 9.88 6.93 -7.91
CA LYS B 63 9.90 8.12 -8.75
C LYS B 63 10.27 9.33 -7.90
N GLY B 64 11.13 9.10 -6.92
CA GLY B 64 11.52 10.17 -6.02
C GLY B 64 10.85 10.06 -4.68
N GLN B 65 11.00 8.90 -4.04
CA GLN B 65 10.43 8.68 -2.72
C GLN B 65 10.96 9.70 -1.72
N HIS B 66 10.05 10.37 -1.05
CA HIS B 66 10.38 11.32 0.00
C HIS B 66 9.52 11.05 1.22
N LEU B 67 10.16 10.66 2.30
CA LEU B 67 9.44 10.31 3.51
C LEU B 67 9.23 11.53 4.38
N ALA B 68 7.96 11.82 4.65
CA ALA B 68 7.57 13.00 5.41
C ALA B 68 6.05 13.04 5.52
N ASP B 69 5.41 13.15 4.36
CA ASP B 69 3.96 13.10 4.29
C ASP B 69 3.48 11.66 4.35
N ILE B 70 4.35 10.75 3.92
CA ILE B 70 4.08 9.33 4.01
C ILE B 70 4.42 8.82 5.40
N LEU B 71 3.50 8.07 6.00
CA LEU B 71 3.69 7.55 7.36
C LEU B 71 4.70 6.40 7.37
N ASN B 72 5.20 6.05 6.19
CA ASN B 72 6.22 5.02 6.03
C ASN B 72 7.58 5.52 6.53
N SER B 73 7.60 6.76 7.03
CA SER B 73 8.81 7.38 7.56
C SER B 73 9.43 6.54 8.68
N ALA B 74 8.57 5.78 9.40
CA ALA B 74 9.00 4.89 10.46
C ALA B 74 9.72 5.65 11.58
N SER A 1 4.56 19.48 15.15
CA SER A 1 3.78 19.85 13.95
C SER A 1 4.04 18.86 12.82
N VAL A 2 3.05 18.65 11.97
CA VAL A 2 3.18 17.72 10.85
C VAL A 2 2.04 17.95 9.86
N ASP A 3 2.24 17.51 8.63
CA ASP A 3 1.24 17.61 7.59
C ASP A 3 1.46 16.46 6.60
N SER A 4 1.34 15.25 7.12
CA SER A 4 1.66 14.06 6.36
C SER A 4 0.39 13.38 5.86
N ALA A 5 0.56 12.37 5.04
CA ALA A 5 -0.55 11.57 4.57
C ALA A 5 -1.17 10.80 5.73
N SER A 6 -2.42 10.42 5.58
CA SER A 6 -3.11 9.70 6.63
C SER A 6 -3.38 8.27 6.21
N LYS A 7 -3.56 7.39 7.20
CA LYS A 7 -3.81 5.98 6.93
C LYS A 7 -4.93 5.76 5.91
N GLU A 8 -5.97 6.58 5.98
CA GLU A 8 -7.11 6.48 5.05
C GLU A 8 -6.64 6.65 3.60
N GLU A 9 -5.95 7.77 3.36
CA GLU A 9 -5.51 8.13 2.02
C GLU A 9 -4.56 7.07 1.45
N ILE A 10 -3.65 6.62 2.28
CA ILE A 10 -2.67 5.63 1.86
C ILE A 10 -3.36 4.30 1.57
N ALA A 11 -4.18 3.84 2.50
CA ALA A 11 -4.90 2.57 2.34
C ALA A 11 -5.72 2.55 1.05
N ALA A 12 -6.30 3.70 0.72
CA ALA A 12 -7.08 3.83 -0.51
C ALA A 12 -6.22 3.54 -1.73
N LEU A 13 -5.06 4.18 -1.80
CA LEU A 13 -4.13 3.96 -2.90
C LEU A 13 -3.64 2.51 -2.89
N ILE A 14 -3.41 1.99 -1.69
CA ILE A 14 -2.93 0.63 -1.51
C ILE A 14 -3.88 -0.40 -2.12
N VAL A 15 -5.14 -0.40 -1.69
CA VAL A 15 -6.10 -1.37 -2.19
C VAL A 15 -6.40 -1.12 -3.67
N ASN A 16 -6.37 0.15 -4.08
CA ASN A 16 -6.54 0.51 -5.47
C ASN A 16 -5.43 -0.11 -6.32
N TYR A 17 -4.21 -0.06 -5.81
CA TYR A 17 -3.06 -0.57 -6.54
C TYR A 17 -3.14 -2.08 -6.71
N PHE A 18 -3.48 -2.80 -5.64
CA PHE A 18 -3.62 -4.25 -5.71
C PHE A 18 -4.76 -4.63 -6.65
N SER A 19 -5.81 -3.81 -6.67
CA SER A 19 -6.92 -4.03 -7.57
C SER A 19 -6.46 -3.92 -9.02
N SER A 20 -5.49 -3.06 -9.27
CA SER A 20 -4.89 -2.93 -10.58
C SER A 20 -4.01 -4.14 -10.89
N ILE A 21 -3.26 -4.60 -9.89
CA ILE A 21 -2.37 -5.74 -10.06
C ILE A 21 -3.12 -6.99 -10.47
N VAL A 22 -4.18 -7.32 -9.74
CA VAL A 22 -4.96 -8.51 -10.02
C VAL A 22 -5.74 -8.36 -11.33
N GLU A 23 -6.20 -7.14 -11.60
CA GLU A 23 -6.93 -6.83 -12.81
C GLU A 23 -6.08 -7.07 -14.06
N LYS A 24 -4.83 -6.65 -14.01
CA LYS A 24 -3.92 -6.81 -15.15
C LYS A 24 -3.25 -8.17 -15.11
N LYS A 25 -3.57 -8.94 -14.08
CA LYS A 25 -3.03 -10.29 -13.90
C LYS A 25 -1.51 -10.25 -13.75
N GLU A 26 -1.04 -9.24 -13.00
CA GLU A 26 0.38 -9.06 -12.72
C GLU A 26 0.87 -10.11 -11.74
N ILE A 27 -0.06 -10.79 -11.09
CA ILE A 27 0.30 -11.78 -10.09
C ILE A 27 -0.51 -13.06 -10.32
N SER A 28 0.10 -14.21 -10.04
CA SER A 28 -0.51 -15.51 -10.25
C SER A 28 -1.76 -15.67 -9.38
N GLU A 29 -2.59 -16.66 -9.72
CA GLU A 29 -3.91 -16.84 -9.13
C GLU A 29 -3.85 -16.89 -7.60
N ASP A 30 -2.94 -17.68 -7.06
CA ASP A 30 -2.83 -17.86 -5.60
C ASP A 30 -2.49 -16.53 -4.94
N GLY A 31 -1.52 -15.84 -5.52
CA GLY A 31 -1.15 -14.53 -5.02
C GLY A 31 -2.28 -13.53 -5.17
N ALA A 32 -2.95 -13.55 -6.30
CA ALA A 32 -4.09 -12.68 -6.54
C ALA A 32 -5.16 -12.85 -5.49
N ASP A 33 -5.52 -14.10 -5.21
CA ASP A 33 -6.52 -14.41 -4.18
C ASP A 33 -6.04 -13.93 -2.82
N SER A 34 -4.75 -14.08 -2.58
CA SER A 34 -4.15 -13.63 -1.32
C SER A 34 -4.24 -12.12 -1.21
N LEU A 35 -4.09 -11.42 -2.33
CA LEU A 35 -4.24 -9.97 -2.35
C LEU A 35 -5.71 -9.59 -2.18
N ASN A 36 -6.60 -10.41 -2.73
CA ASN A 36 -8.03 -10.18 -2.60
C ASN A 36 -8.45 -10.19 -1.14
N VAL A 37 -8.02 -11.21 -0.40
CA VAL A 37 -8.34 -11.30 1.02
C VAL A 37 -7.57 -10.25 1.82
N ALA A 38 -6.38 -9.89 1.34
CA ALA A 38 -5.58 -8.85 1.97
C ALA A 38 -6.32 -7.52 1.91
N MET A 39 -6.75 -7.12 0.71
CA MET A 39 -7.50 -5.89 0.52
C MET A 39 -8.77 -5.89 1.36
N ASP A 40 -9.39 -7.05 1.48
CA ASP A 40 -10.58 -7.21 2.30
C ASP A 40 -10.29 -6.83 3.74
N CYS A 41 -9.21 -7.40 4.29
CA CYS A 41 -8.80 -7.10 5.65
C CYS A 41 -8.41 -5.64 5.81
N ILE A 42 -7.76 -5.08 4.79
CA ILE A 42 -7.37 -3.67 4.83
C ILE A 42 -8.60 -2.78 4.88
N SER A 43 -9.56 -3.07 4.02
CA SER A 43 -10.81 -2.31 3.97
C SER A 43 -11.57 -2.48 5.27
N GLU A 44 -11.55 -3.70 5.80
CA GLU A 44 -12.18 -4.01 7.08
C GLU A 44 -11.56 -3.19 8.21
N ALA A 45 -10.22 -3.19 8.26
CA ALA A 45 -9.47 -2.54 9.31
C ALA A 45 -9.85 -1.08 9.47
N PHE A 46 -9.80 -0.33 8.37
CA PHE A 46 -10.09 1.10 8.43
C PHE A 46 -11.57 1.39 8.22
N GLY A 47 -12.34 0.34 7.94
CA GLY A 47 -13.78 0.46 7.80
C GLY A 47 -14.21 1.26 6.59
N PHE A 48 -13.65 0.94 5.43
CA PHE A 48 -13.98 1.66 4.21
C PHE A 48 -14.22 0.69 3.06
N GLU A 49 -14.70 1.23 1.94
CA GLU A 49 -14.97 0.44 0.75
C GLU A 49 -13.85 0.65 -0.26
N ARG A 50 -13.62 -0.34 -1.11
CA ARG A 50 -12.54 -0.29 -2.08
C ARG A 50 -12.93 0.58 -3.27
N GLU A 51 -14.23 0.83 -3.38
CA GLU A 51 -14.75 1.66 -4.46
C GLU A 51 -14.66 3.13 -4.07
N ALA A 52 -14.43 3.39 -2.79
CA ALA A 52 -14.40 4.75 -2.28
C ALA A 52 -13.01 5.35 -2.39
N VAL A 53 -12.07 4.57 -2.93
CA VAL A 53 -10.68 5.01 -3.11
C VAL A 53 -10.61 6.38 -3.81
N SER A 54 -11.43 6.57 -4.84
CA SER A 54 -11.43 7.82 -5.58
C SER A 54 -11.81 8.99 -4.68
N GLY A 55 -12.89 8.81 -3.93
CA GLY A 55 -13.33 9.82 -2.99
C GLY A 55 -12.26 10.21 -1.98
N ILE A 56 -11.53 9.22 -1.48
CA ILE A 56 -10.47 9.47 -0.51
C ILE A 56 -9.25 10.08 -1.20
N LEU A 57 -8.85 9.50 -2.32
CA LEU A 57 -7.70 10.00 -3.09
C LEU A 57 -7.89 11.46 -3.50
N GLY A 58 -9.10 11.81 -3.93
CA GLY A 58 -9.40 13.19 -4.27
C GLY A 58 -9.17 14.15 -3.12
N LYS A 59 -9.37 13.66 -1.90
CA LYS A 59 -9.18 14.48 -0.72
C LYS A 59 -7.69 14.64 -0.39
N SER A 60 -6.91 13.63 -0.74
CA SER A 60 -5.48 13.65 -0.46
C SER A 60 -4.76 14.58 -1.43
N GLU A 61 -3.53 14.94 -1.09
CA GLU A 61 -2.73 15.83 -1.91
C GLU A 61 -2.09 15.06 -3.07
N PHE A 62 -2.38 13.75 -3.14
CA PHE A 62 -1.83 12.91 -4.19
C PHE A 62 -2.62 13.10 -5.48
N LYS A 63 -2.37 14.20 -6.14
CA LYS A 63 -2.97 14.49 -7.43
C LYS A 63 -1.92 14.44 -8.52
N GLY A 64 -0.76 14.99 -8.22
CA GLY A 64 0.37 14.92 -9.14
C GLY A 64 1.26 13.73 -8.84
N GLN A 65 1.03 13.12 -7.68
CA GLN A 65 1.71 11.90 -7.27
C GLN A 65 3.20 12.16 -7.05
N HIS A 66 4.01 11.13 -7.30
CA HIS A 66 5.45 11.27 -7.25
C HIS A 66 5.93 11.97 -8.52
N LEU A 67 5.70 11.33 -9.66
CA LEU A 67 6.02 11.89 -10.96
C LEU A 67 5.09 11.31 -12.00
N ALA A 68 4.76 12.10 -13.02
CA ALA A 68 3.89 11.68 -14.11
C ALA A 68 2.46 11.42 -13.62
N ASP A 69 1.63 10.88 -14.50
CA ASP A 69 0.23 10.60 -14.17
C ASP A 69 0.12 9.29 -13.38
N ILE A 70 1.07 8.40 -13.62
CA ILE A 70 1.07 7.04 -13.06
C ILE A 70 -0.14 6.23 -13.55
N LEU A 71 0.16 5.02 -14.01
CA LEU A 71 -0.85 4.14 -14.61
C LEU A 71 -1.99 3.79 -13.66
N ASN A 72 -1.69 3.66 -12.38
CA ASN A 72 -2.71 3.31 -11.39
C ASN A 72 -3.43 4.55 -10.85
N SER A 73 -2.67 5.60 -10.61
CA SER A 73 -3.20 6.80 -9.97
C SER A 73 -4.12 7.55 -10.91
N ALA A 74 -5.11 8.23 -10.35
CA ALA A 74 -6.09 8.96 -11.13
C ALA A 74 -6.19 10.40 -10.66
N SER B 1 5.92 1.19 -24.34
CA SER B 1 7.05 1.51 -23.45
C SER B 1 6.54 2.01 -22.10
N VAL B 2 7.29 1.76 -21.04
CA VAL B 2 6.92 2.20 -19.71
C VAL B 2 8.12 2.09 -18.77
N ASP B 3 8.07 2.81 -17.67
CA ASP B 3 9.12 2.79 -16.65
C ASP B 3 8.48 3.11 -15.31
N SER B 4 7.55 2.26 -14.91
CA SER B 4 6.75 2.50 -13.73
C SER B 4 7.26 1.67 -12.56
N ALA B 5 6.68 1.91 -11.39
CA ALA B 5 7.00 1.12 -10.22
C ALA B 5 6.48 -0.30 -10.40
N SER B 6 7.07 -1.23 -9.68
CA SER B 6 6.69 -2.62 -9.79
C SER B 6 5.98 -3.08 -8.52
N LYS B 7 5.20 -4.13 -8.64
CA LYS B 7 4.44 -4.68 -7.52
C LYS B 7 5.33 -4.92 -6.30
N GLU B 8 6.55 -5.40 -6.52
CA GLU B 8 7.50 -5.65 -5.43
C GLU B 8 7.78 -4.38 -4.62
N GLU B 9 8.18 -3.33 -5.34
CA GLU B 9 8.57 -2.07 -4.72
C GLU B 9 7.41 -1.45 -3.96
N ILE B 10 6.24 -1.48 -4.56
CA ILE B 10 5.05 -0.92 -3.95
C ILE B 10 4.65 -1.71 -2.72
N ALA B 11 4.57 -3.03 -2.86
CA ALA B 11 4.19 -3.91 -1.74
C ALA B 11 5.11 -3.71 -0.54
N ALA B 12 6.39 -3.49 -0.82
CA ALA B 12 7.37 -3.23 0.23
C ALA B 12 6.98 -1.99 1.03
N LEU B 13 6.72 -0.90 0.33
CA LEU B 13 6.31 0.34 0.98
C LEU B 13 4.98 0.13 1.71
N ILE B 14 4.09 -0.63 1.08
CA ILE B 14 2.78 -0.90 1.63
C ILE B 14 2.86 -1.58 3.00
N VAL B 15 3.53 -2.72 3.07
CA VAL B 15 3.63 -3.46 4.34
C VAL B 15 4.45 -2.67 5.35
N ASN B 16 5.45 -1.93 4.86
CA ASN B 16 6.25 -1.06 5.70
C ASN B 16 5.38 0.00 6.37
N TYR B 17 4.46 0.56 5.58
CA TYR B 17 3.59 1.63 6.07
C TYR B 17 2.64 1.11 7.15
N PHE B 18 2.03 -0.05 6.91
CA PHE B 18 1.13 -0.65 7.89
C PHE B 18 1.88 -1.02 9.16
N SER B 19 3.14 -1.43 9.00
CA SER B 19 3.99 -1.75 10.13
C SER B 19 4.22 -0.49 10.98
N SER B 20 4.27 0.66 10.32
CA SER B 20 4.39 1.93 11.02
C SER B 20 3.07 2.28 11.72
N ILE B 21 1.96 2.02 11.04
CA ILE B 21 0.63 2.34 11.58
C ILE B 21 0.37 1.58 12.88
N VAL B 22 0.60 0.27 12.87
CA VAL B 22 0.35 -0.54 14.05
C VAL B 22 1.37 -0.24 15.15
N GLU B 23 2.60 0.06 14.75
CA GLU B 23 3.67 0.39 15.68
C GLU B 23 3.35 1.67 16.47
N LYS B 24 2.82 2.68 15.77
CA LYS B 24 2.49 3.93 16.42
C LYS B 24 1.10 3.88 17.03
N LYS B 25 0.43 2.73 16.84
CA LYS B 25 -0.92 2.51 17.37
C LYS B 25 -1.90 3.51 16.76
N GLU B 26 -1.74 3.74 15.46
CA GLU B 26 -2.62 4.63 14.71
C GLU B 26 -3.98 4.00 14.47
N ILE B 27 -4.05 2.70 14.70
CA ILE B 27 -5.28 1.96 14.47
C ILE B 27 -5.59 1.06 15.67
N SER B 28 -6.87 0.90 15.96
CA SER B 28 -7.31 0.10 17.11
C SER B 28 -6.89 -1.36 16.98
N GLU B 29 -6.95 -2.09 18.08
CA GLU B 29 -6.42 -3.46 18.16
C GLU B 29 -6.96 -4.36 17.05
N ASP B 30 -8.29 -4.35 16.86
CA ASP B 30 -8.93 -5.22 15.88
C ASP B 30 -8.43 -4.89 14.48
N GLY B 31 -8.37 -3.60 14.18
CA GLY B 31 -7.86 -3.16 12.90
C GLY B 31 -6.39 -3.49 12.74
N ALA B 32 -5.61 -3.27 13.80
CA ALA B 32 -4.19 -3.60 13.80
C ALA B 32 -3.96 -5.07 13.47
N ASP B 33 -4.70 -5.95 14.14
CA ASP B 33 -4.58 -7.38 13.88
C ASP B 33 -4.98 -7.70 12.45
N SER B 34 -6.00 -7.00 11.96
CA SER B 34 -6.46 -7.18 10.59
C SER B 34 -5.38 -6.75 9.60
N LEU B 35 -4.64 -5.70 9.95
CA LEU B 35 -3.52 -5.26 9.13
C LEU B 35 -2.37 -6.24 9.22
N ASN B 36 -2.20 -6.84 10.40
CA ASN B 36 -1.16 -7.84 10.61
C ASN B 36 -1.35 -9.02 9.67
N VAL B 37 -2.57 -9.55 9.63
CA VAL B 37 -2.87 -10.68 8.76
C VAL B 37 -2.88 -10.24 7.29
N ALA B 38 -3.24 -8.98 7.06
CA ALA B 38 -3.23 -8.42 5.72
C ALA B 38 -1.81 -8.39 5.16
N MET B 39 -0.88 -7.82 5.94
CA MET B 39 0.52 -7.77 5.56
C MET B 39 1.08 -9.16 5.33
N ASP B 40 0.63 -10.11 6.15
CA ASP B 40 1.04 -11.50 6.02
C ASP B 40 0.66 -12.04 4.64
N CYS B 41 -0.60 -11.82 4.26
CA CYS B 41 -1.10 -12.25 2.96
C CYS B 41 -0.38 -11.52 1.83
N ILE B 42 -0.08 -10.25 2.03
CA ILE B 42 0.65 -9.47 1.02
C ILE B 42 2.04 -10.04 0.81
N SER B 43 2.73 -10.29 1.92
CA SER B 43 4.07 -10.86 1.88
C SER B 43 4.05 -12.26 1.27
N GLU B 44 3.01 -13.01 1.62
CA GLU B 44 2.79 -14.34 1.07
C GLU B 44 2.61 -14.29 -0.44
N ALA B 45 1.74 -13.38 -0.88
CA ALA B 45 1.38 -13.26 -2.30
C ALA B 45 2.61 -13.07 -3.18
N PHE B 46 3.44 -12.10 -2.86
CA PHE B 46 4.60 -11.80 -3.68
C PHE B 46 5.82 -12.60 -3.25
N GLY B 47 5.66 -13.36 -2.17
CA GLY B 47 6.71 -14.24 -1.69
C GLY B 47 7.92 -13.50 -1.17
N PHE B 48 7.71 -12.52 -0.30
CA PHE B 48 8.82 -11.75 0.25
C PHE B 48 8.65 -11.58 1.75
N GLU B 49 9.69 -11.04 2.39
CA GLU B 49 9.68 -10.78 3.82
C GLU B 49 9.43 -9.31 4.08
N ARG B 50 8.85 -9.00 5.24
CA ARG B 50 8.50 -7.63 5.58
C ARG B 50 9.72 -6.87 6.04
N GLU B 51 10.77 -7.61 6.37
CA GLU B 51 12.02 -7.01 6.80
C GLU B 51 12.87 -6.62 5.60
N ALA B 52 12.51 -7.16 4.44
CA ALA B 52 13.27 -6.94 3.22
C ALA B 52 12.83 -5.67 2.51
N VAL B 53 11.85 -4.98 3.09
CA VAL B 53 11.33 -3.74 2.52
C VAL B 53 12.45 -2.75 2.17
N SER B 54 13.43 -2.62 3.06
CA SER B 54 14.54 -1.70 2.85
C SER B 54 15.33 -2.08 1.59
N GLY B 55 15.66 -3.35 1.48
CA GLY B 55 16.35 -3.87 0.32
C GLY B 55 15.62 -3.59 -0.98
N ILE B 56 14.30 -3.76 -0.97
CA ILE B 56 13.49 -3.51 -2.17
C ILE B 56 13.35 -2.00 -2.42
N LEU B 57 13.05 -1.26 -1.37
CA LEU B 57 12.89 0.19 -1.46
C LEU B 57 14.16 0.86 -1.99
N GLY B 58 15.32 0.40 -1.51
CA GLY B 58 16.58 0.92 -2.03
C GLY B 58 16.74 0.73 -3.53
N LYS B 59 16.14 -0.33 -4.06
CA LYS B 59 16.23 -0.61 -5.49
C LYS B 59 15.27 0.29 -6.27
N SER B 60 14.18 0.68 -5.64
CA SER B 60 13.18 1.52 -6.29
C SER B 60 13.67 2.96 -6.37
N GLU B 61 13.03 3.74 -7.24
CA GLU B 61 13.39 5.14 -7.42
C GLU B 61 12.81 6.00 -6.30
N PHE B 62 12.11 5.36 -5.37
CA PHE B 62 11.49 6.06 -4.26
C PHE B 62 12.52 6.37 -3.19
N LYS B 63 13.35 7.37 -3.47
CA LYS B 63 14.34 7.82 -2.52
C LYS B 63 13.98 9.22 -2.01
N GLY B 64 13.51 10.05 -2.92
CA GLY B 64 13.03 11.37 -2.55
C GLY B 64 11.53 11.37 -2.34
N GLN B 65 10.89 10.26 -2.73
CA GLN B 65 9.47 10.04 -2.49
C GLN B 65 8.62 11.06 -3.26
N HIS B 66 7.46 11.39 -2.71
CA HIS B 66 6.61 12.43 -3.27
C HIS B 66 7.19 13.79 -2.92
N LEU B 67 7.24 14.09 -1.63
CA LEU B 67 7.84 15.31 -1.13
C LEU B 67 8.36 15.08 0.28
N ALA B 68 9.44 15.76 0.64
CA ALA B 68 10.05 15.65 1.96
C ALA B 68 10.64 14.26 2.21
N ASP B 69 11.07 14.01 3.43
CA ASP B 69 11.66 12.73 3.79
C ASP B 69 10.58 11.69 4.06
N ILE B 70 9.41 12.17 4.48
CA ILE B 70 8.29 11.32 4.90
C ILE B 70 8.65 10.46 6.13
N LEU B 71 7.77 10.50 7.12
CA LEU B 71 7.99 9.84 8.40
C LEU B 71 8.18 8.32 8.27
N ASN B 72 7.49 7.70 7.31
CA ASN B 72 7.61 6.26 7.12
C ASN B 72 8.76 5.89 6.19
N SER B 73 8.93 6.67 5.14
CA SER B 73 9.91 6.35 4.12
C SER B 73 11.33 6.57 4.62
N ALA B 74 12.26 5.78 4.11
CA ALA B 74 13.65 5.84 4.54
C ALA B 74 14.57 6.02 3.35
N SER A 1 -8.02 12.45 7.56
CA SER A 1 -8.14 13.58 8.49
C SER A 1 -6.76 14.02 8.96
N VAL A 2 -6.00 14.62 8.04
CA VAL A 2 -4.65 15.10 8.33
C VAL A 2 -4.10 15.72 7.04
N ASP A 3 -2.95 16.39 7.13
CA ASP A 3 -2.44 17.16 6.00
C ASP A 3 -1.17 16.51 5.45
N SER A 4 -0.57 15.65 6.25
CA SER A 4 0.62 14.91 5.85
C SER A 4 0.23 13.55 5.26
N ALA A 5 -0.96 13.51 4.65
CA ALA A 5 -1.50 12.32 4.01
C ALA A 5 -2.00 11.33 5.05
N SER A 6 -3.24 10.91 4.91
CA SER A 6 -3.88 10.10 5.94
C SER A 6 -3.68 8.62 5.64
N LYS A 7 -3.61 7.83 6.69
CA LYS A 7 -3.50 6.38 6.58
C LYS A 7 -4.66 5.81 5.75
N GLU A 8 -5.83 6.44 5.84
CA GLU A 8 -6.98 6.06 5.02
C GLU A 8 -6.67 6.30 3.55
N GLU A 9 -6.13 7.47 3.26
CA GLU A 9 -5.78 7.87 1.89
C GLU A 9 -4.75 6.91 1.31
N ILE A 10 -3.76 6.58 2.12
CA ILE A 10 -2.72 5.64 1.71
C ILE A 10 -3.34 4.26 1.45
N ALA A 11 -4.10 3.77 2.43
CA ALA A 11 -4.73 2.45 2.32
C ALA A 11 -5.66 2.37 1.11
N ALA A 12 -6.33 3.48 0.81
CA ALA A 12 -7.20 3.56 -0.35
C ALA A 12 -6.39 3.31 -1.63
N LEU A 13 -5.27 3.99 -1.76
CA LEU A 13 -4.41 3.81 -2.92
C LEU A 13 -3.86 2.39 -2.93
N ILE A 14 -3.55 1.90 -1.73
CA ILE A 14 -3.00 0.55 -1.56
C ILE A 14 -3.93 -0.52 -2.12
N VAL A 15 -5.17 -0.57 -1.63
CA VAL A 15 -6.11 -1.59 -2.08
C VAL A 15 -6.46 -1.39 -3.55
N ASN A 16 -6.57 -0.14 -3.96
CA ASN A 16 -6.86 0.19 -5.35
C ASN A 16 -5.72 -0.29 -6.26
N TYR A 17 -4.49 -0.22 -5.75
CA TYR A 17 -3.33 -0.66 -6.51
C TYR A 17 -3.34 -2.18 -6.69
N PHE A 18 -3.62 -2.91 -5.63
CA PHE A 18 -3.70 -4.36 -5.71
C PHE A 18 -4.86 -4.79 -6.61
N SER A 19 -5.94 -4.03 -6.58
CA SER A 19 -7.09 -4.27 -7.43
C SER A 19 -6.67 -4.16 -8.90
N SER A 20 -5.73 -3.26 -9.17
CA SER A 20 -5.19 -3.09 -10.50
C SER A 20 -4.28 -4.26 -10.85
N ILE A 21 -3.44 -4.66 -9.90
CA ILE A 21 -2.49 -5.75 -10.11
C ILE A 21 -3.20 -7.06 -10.44
N VAL A 22 -4.26 -7.36 -9.71
CA VAL A 22 -5.01 -8.59 -9.94
C VAL A 22 -5.83 -8.49 -11.24
N GLU A 23 -6.30 -7.29 -11.54
CA GLU A 23 -7.04 -7.05 -12.79
C GLU A 23 -6.14 -7.27 -14.00
N LYS A 24 -4.93 -6.71 -13.95
CA LYS A 24 -3.98 -6.87 -15.05
C LYS A 24 -3.32 -8.24 -15.01
N LYS A 25 -3.61 -8.98 -13.93
CA LYS A 25 -3.09 -10.33 -13.72
C LYS A 25 -1.57 -10.36 -13.75
N GLU A 26 -0.96 -9.33 -13.16
CA GLU A 26 0.49 -9.23 -13.08
C GLU A 26 1.05 -10.15 -12.00
N ILE A 27 0.16 -10.77 -11.25
CA ILE A 27 0.57 -11.65 -10.17
C ILE A 27 -0.10 -13.01 -10.33
N SER A 28 0.63 -14.05 -9.92
CA SER A 28 0.14 -15.43 -10.01
C SER A 28 -1.21 -15.59 -9.31
N GLU A 29 -2.01 -16.53 -9.81
CA GLU A 29 -3.41 -16.67 -9.36
C GLU A 29 -3.53 -16.74 -7.84
N ASP A 30 -2.74 -17.60 -7.22
CA ASP A 30 -2.79 -17.77 -5.77
C ASP A 30 -2.42 -16.48 -5.06
N GLY A 31 -1.39 -15.81 -5.58
CA GLY A 31 -0.98 -14.53 -5.04
C GLY A 31 -2.07 -13.49 -5.19
N ALA A 32 -2.73 -13.48 -6.34
CA ALA A 32 -3.84 -12.58 -6.59
C ALA A 32 -4.95 -12.77 -5.55
N ASP A 33 -5.30 -14.02 -5.29
CA ASP A 33 -6.32 -14.33 -4.29
C ASP A 33 -5.86 -13.86 -2.91
N SER A 34 -4.58 -14.04 -2.64
CA SER A 34 -4.01 -13.60 -1.37
C SER A 34 -4.09 -12.08 -1.25
N LEU A 35 -4.01 -11.38 -2.38
CA LEU A 35 -4.18 -9.94 -2.38
C LEU A 35 -5.65 -9.57 -2.19
N ASN A 36 -6.53 -10.38 -2.75
CA ASN A 36 -7.97 -10.17 -2.60
C ASN A 36 -8.37 -10.17 -1.13
N VAL A 37 -7.93 -11.19 -0.40
CA VAL A 37 -8.25 -11.30 1.02
C VAL A 37 -7.49 -10.24 1.81
N ALA A 38 -6.31 -9.86 1.33
CA ALA A 38 -5.52 -8.83 1.97
C ALA A 38 -6.25 -7.50 1.92
N MET A 39 -6.71 -7.12 0.73
CA MET A 39 -7.44 -5.88 0.53
C MET A 39 -8.66 -5.80 1.44
N ASP A 40 -9.36 -6.93 1.57
CA ASP A 40 -10.55 -6.99 2.42
C ASP A 40 -10.20 -6.72 3.87
N CYS A 41 -9.07 -7.28 4.31
CA CYS A 41 -8.59 -7.06 5.67
C CYS A 41 -8.23 -5.59 5.88
N ILE A 42 -7.70 -4.97 4.83
CA ILE A 42 -7.29 -3.56 4.89
C ILE A 42 -8.51 -2.65 4.94
N SER A 43 -9.48 -2.89 4.07
CA SER A 43 -10.67 -2.05 4.00
C SER A 43 -11.46 -2.11 5.30
N GLU A 44 -11.60 -3.31 5.85
CA GLU A 44 -12.31 -3.48 7.11
C GLU A 44 -11.51 -2.87 8.27
N ALA A 45 -10.19 -2.89 8.16
CA ALA A 45 -9.32 -2.38 9.21
C ALA A 45 -9.57 -0.89 9.46
N PHE A 46 -9.53 -0.10 8.40
CA PHE A 46 -9.73 1.34 8.54
C PHE A 46 -11.20 1.72 8.41
N GLY A 47 -12.03 0.72 8.14
CA GLY A 47 -13.46 0.92 8.05
C GLY A 47 -13.86 1.73 6.82
N PHE A 48 -13.49 1.25 5.65
CA PHE A 48 -13.84 1.92 4.41
C PHE A 48 -14.12 0.91 3.31
N GLU A 49 -14.70 1.37 2.22
CA GLU A 49 -15.02 0.52 1.08
C GLU A 49 -13.95 0.68 0.01
N ARG A 50 -13.76 -0.34 -0.80
CA ARG A 50 -12.68 -0.36 -1.77
C ARG A 50 -13.06 0.44 -3.00
N GLU A 51 -14.36 0.67 -3.17
CA GLU A 51 -14.86 1.45 -4.30
C GLU A 51 -14.85 2.94 -3.98
N ALA A 52 -14.67 3.27 -2.70
CA ALA A 52 -14.67 4.66 -2.26
C ALA A 52 -13.27 5.24 -2.29
N VAL A 53 -12.31 4.43 -2.76
CA VAL A 53 -10.91 4.84 -2.83
C VAL A 53 -10.72 6.19 -3.52
N SER A 54 -11.38 6.39 -4.66
CA SER A 54 -11.20 7.62 -5.43
C SER A 54 -11.60 8.84 -4.60
N GLY A 55 -12.74 8.74 -3.93
CA GLY A 55 -13.20 9.81 -3.06
C GLY A 55 -12.18 10.18 -1.99
N ILE A 56 -11.55 9.17 -1.41
CA ILE A 56 -10.54 9.39 -0.37
C ILE A 56 -9.24 9.90 -1.00
N LEU A 57 -8.86 9.30 -2.12
CA LEU A 57 -7.66 9.70 -2.85
C LEU A 57 -7.69 11.18 -3.23
N GLY A 58 -8.89 11.71 -3.47
CA GLY A 58 -9.05 13.14 -3.71
C GLY A 58 -8.42 14.03 -2.64
N LYS A 59 -8.17 13.47 -1.46
CA LYS A 59 -7.56 14.25 -0.39
C LYS A 59 -6.06 14.45 -0.63
N SER A 60 -5.45 13.53 -1.36
CA SER A 60 -4.05 13.62 -1.69
C SER A 60 -3.73 12.95 -3.02
N GLU A 61 -3.40 13.75 -4.02
CA GLU A 61 -3.07 13.23 -5.33
C GLU A 61 -1.62 12.73 -5.36
N PHE A 62 -0.87 13.09 -4.31
CA PHE A 62 0.55 12.74 -4.17
C PHE A 62 1.38 13.52 -5.19
N LYS A 63 1.29 13.11 -6.46
CA LYS A 63 1.92 13.80 -7.59
C LYS A 63 2.05 12.84 -8.76
N GLY A 64 2.53 11.65 -8.46
CA GLY A 64 2.84 10.69 -9.50
C GLY A 64 4.23 10.12 -9.31
N GLN A 65 4.96 10.68 -8.33
CA GLN A 65 6.30 10.21 -7.98
C GLN A 65 7.28 10.45 -9.14
N HIS A 66 8.47 9.86 -9.06
CA HIS A 66 9.44 9.98 -10.15
C HIS A 66 8.95 9.15 -11.33
N LEU A 67 8.98 7.84 -11.16
CA LEU A 67 8.43 6.93 -12.16
C LEU A 67 7.60 5.86 -11.47
N ALA A 68 6.34 5.79 -11.85
CA ALA A 68 5.41 4.82 -11.31
C ALA A 68 4.15 4.79 -12.14
N ASP A 69 3.53 3.63 -12.29
CA ASP A 69 2.36 3.51 -13.16
C ASP A 69 1.20 4.35 -12.63
N ILE A 70 0.72 4.00 -11.44
CA ILE A 70 -0.38 4.71 -10.78
C ILE A 70 -1.51 5.03 -11.77
N LEU A 71 -1.80 4.08 -12.66
CA LEU A 71 -2.82 4.27 -13.69
C LEU A 71 -4.19 3.94 -13.12
N ASN A 72 -4.18 3.38 -11.92
CA ASN A 72 -5.40 2.98 -11.23
C ASN A 72 -5.97 4.12 -10.41
N SER A 73 -5.23 5.23 -10.35
CA SER A 73 -5.64 6.35 -9.52
C SER A 73 -5.95 7.57 -10.39
N ALA A 74 -6.50 8.61 -9.77
CA ALA A 74 -6.82 9.83 -10.48
C ALA A 74 -5.92 10.96 -10.00
N SER B 1 11.52 -5.58 -10.61
CA SER B 1 12.10 -5.83 -11.95
C SER B 1 11.37 -4.99 -12.98
N VAL B 2 11.58 -3.68 -12.91
CA VAL B 2 10.97 -2.73 -13.83
C VAL B 2 11.46 -1.33 -13.46
N ASP B 3 11.15 -0.34 -14.28
CA ASP B 3 11.70 1.00 -14.08
C ASP B 3 10.61 1.99 -13.66
N SER B 4 9.38 1.61 -13.91
CA SER B 4 8.22 2.40 -13.55
C SER B 4 7.71 1.98 -12.17
N ALA B 5 8.63 1.51 -11.33
CA ALA B 5 8.34 1.08 -9.96
C ALA B 5 7.64 -0.28 -9.97
N SER B 6 8.19 -1.21 -9.21
CA SER B 6 7.72 -2.58 -9.27
C SER B 6 6.64 -2.82 -8.22
N LYS B 7 5.71 -3.71 -8.53
CA LYS B 7 4.67 -4.10 -7.59
C LYS B 7 5.27 -4.62 -6.28
N GLU B 8 6.44 -5.26 -6.36
CA GLU B 8 7.16 -5.70 -5.18
C GLU B 8 7.59 -4.50 -4.35
N GLU B 9 8.16 -3.50 -5.02
CA GLU B 9 8.64 -2.28 -4.39
C GLU B 9 7.48 -1.56 -3.69
N ILE B 10 6.36 -1.48 -4.38
CA ILE B 10 5.16 -0.86 -3.84
C ILE B 10 4.68 -1.65 -2.62
N ALA B 11 4.50 -2.96 -2.79
CA ALA B 11 4.04 -3.82 -1.72
C ALA B 11 4.95 -3.76 -0.50
N ALA B 12 6.25 -3.63 -0.75
CA ALA B 12 7.22 -3.49 0.32
C ALA B 12 6.93 -2.26 1.16
N LEU B 13 6.73 -1.14 0.49
CA LEU B 13 6.40 0.11 1.17
C LEU B 13 5.06 -0.03 1.88
N ILE B 14 4.14 -0.73 1.21
CA ILE B 14 2.80 -0.95 1.73
C ILE B 14 2.81 -1.66 3.09
N VAL B 15 3.42 -2.84 3.14
CA VAL B 15 3.46 -3.61 4.38
C VAL B 15 4.27 -2.88 5.45
N ASN B 16 5.36 -2.24 5.02
CA ASN B 16 6.20 -1.47 5.93
C ASN B 16 5.42 -0.30 6.52
N TYR B 17 4.52 0.27 5.72
CA TYR B 17 3.69 1.39 6.18
C TYR B 17 2.71 0.93 7.24
N PHE B 18 2.04 -0.20 7.01
CA PHE B 18 1.09 -0.73 7.98
C PHE B 18 1.81 -1.16 9.25
N SER B 19 3.04 -1.65 9.09
CA SER B 19 3.86 -2.03 10.23
C SER B 19 4.14 -0.79 11.10
N SER B 20 4.25 0.36 10.45
CA SER B 20 4.43 1.61 11.16
C SER B 20 3.13 2.04 11.84
N ILE B 21 2.02 1.91 11.12
CA ILE B 21 0.70 2.29 11.65
C ILE B 21 0.36 1.50 12.91
N VAL B 22 0.59 0.20 12.88
CA VAL B 22 0.29 -0.64 14.03
C VAL B 22 1.29 -0.39 15.18
N GLU B 23 2.53 -0.09 14.82
CA GLU B 23 3.56 0.24 15.81
C GLU B 23 3.20 1.54 16.55
N LYS B 24 2.80 2.56 15.80
CA LYS B 24 2.42 3.83 16.39
C LYS B 24 1.02 3.76 16.99
N LYS B 25 0.36 2.62 16.75
CA LYS B 25 -0.98 2.36 17.27
C LYS B 25 -1.97 3.42 16.81
N GLU B 26 -1.82 3.88 15.57
CA GLU B 26 -2.71 4.89 15.02
C GLU B 26 -4.05 4.27 14.61
N ILE B 27 -4.14 2.96 14.71
CA ILE B 27 -5.36 2.26 14.33
C ILE B 27 -5.84 1.40 15.50
N SER B 28 -7.16 1.26 15.61
CA SER B 28 -7.79 0.47 16.65
C SER B 28 -7.25 -0.96 16.66
N GLU B 29 -7.23 -1.58 17.84
CA GLU B 29 -6.58 -2.88 18.05
C GLU B 29 -7.02 -3.92 17.02
N ASP B 30 -8.33 -4.07 16.84
CA ASP B 30 -8.86 -5.05 15.91
C ASP B 30 -8.41 -4.73 14.48
N GLY B 31 -8.44 -3.45 14.14
CA GLY B 31 -7.98 -3.02 12.84
C GLY B 31 -6.51 -3.30 12.65
N ALA B 32 -5.72 -3.05 13.68
CA ALA B 32 -4.29 -3.36 13.67
C ALA B 32 -4.04 -4.83 13.36
N ASP B 33 -4.77 -5.70 14.06
CA ASP B 33 -4.65 -7.13 13.83
C ASP B 33 -5.04 -7.48 12.40
N SER B 34 -6.06 -6.82 11.90
CA SER B 34 -6.52 -7.03 10.54
C SER B 34 -5.44 -6.60 9.55
N LEU B 35 -4.65 -5.59 9.91
CA LEU B 35 -3.53 -5.17 9.09
C LEU B 35 -2.40 -6.17 9.18
N ASN B 36 -2.22 -6.76 10.36
CA ASN B 36 -1.19 -7.78 10.58
C ASN B 36 -1.40 -8.95 9.63
N VAL B 37 -2.62 -9.47 9.58
CA VAL B 37 -2.93 -10.59 8.71
C VAL B 37 -2.93 -10.16 7.25
N ALA B 38 -3.28 -8.90 7.01
CA ALA B 38 -3.25 -8.34 5.66
C ALA B 38 -1.83 -8.34 5.11
N MET B 39 -0.91 -7.80 5.90
CA MET B 39 0.49 -7.73 5.51
C MET B 39 1.05 -9.10 5.19
N ASP B 40 0.67 -10.10 5.99
CA ASP B 40 1.14 -11.46 5.79
C ASP B 40 0.64 -12.01 4.46
N CYS B 41 -0.61 -11.70 4.13
CA CYS B 41 -1.19 -12.10 2.84
C CYS B 41 -0.45 -11.42 1.69
N ILE B 42 -0.04 -10.19 1.91
CA ILE B 42 0.66 -9.42 0.88
C ILE B 42 2.07 -9.96 0.66
N SER B 43 2.80 -10.20 1.75
CA SER B 43 4.18 -10.68 1.66
C SER B 43 4.24 -12.04 0.98
N GLU B 44 3.32 -12.92 1.36
CA GLU B 44 3.26 -14.25 0.76
C GLU B 44 2.82 -14.17 -0.70
N ALA B 45 1.99 -13.18 -1.01
CA ALA B 45 1.46 -13.03 -2.37
C ALA B 45 2.57 -12.80 -3.38
N PHE B 46 3.44 -11.84 -3.11
CA PHE B 46 4.53 -11.52 -4.02
C PHE B 46 5.79 -12.33 -3.70
N GLY B 47 5.70 -13.13 -2.64
CA GLY B 47 6.79 -13.99 -2.24
C GLY B 47 7.99 -13.23 -1.72
N PHE B 48 7.78 -12.42 -0.68
CA PHE B 48 8.87 -11.66 -0.08
C PHE B 48 8.68 -11.57 1.43
N GLU B 49 9.72 -11.14 2.13
CA GLU B 49 9.68 -10.99 3.57
C GLU B 49 9.45 -9.52 3.93
N ARG B 50 8.86 -9.28 5.08
CA ARG B 50 8.44 -7.93 5.47
C ARG B 50 9.64 -7.15 5.99
N GLU B 51 10.68 -7.87 6.38
CA GLU B 51 11.90 -7.25 6.87
C GLU B 51 12.84 -6.89 5.73
N ALA B 52 12.55 -7.41 4.54
CA ALA B 52 13.39 -7.17 3.38
C ALA B 52 12.90 -5.94 2.61
N VAL B 53 11.87 -5.30 3.14
CA VAL B 53 11.27 -4.12 2.51
C VAL B 53 12.31 -3.06 2.13
N SER B 54 13.24 -2.75 3.04
CA SER B 54 14.22 -1.70 2.80
C SER B 54 15.07 -2.03 1.57
N GLY B 55 15.53 -3.29 1.50
CA GLY B 55 16.30 -3.74 0.35
C GLY B 55 15.56 -3.54 -0.96
N ILE B 56 14.26 -3.83 -0.97
CA ILE B 56 13.46 -3.67 -2.18
C ILE B 56 13.18 -2.19 -2.44
N LEU B 57 12.87 -1.46 -1.37
CA LEU B 57 12.60 -0.02 -1.46
C LEU B 57 13.78 0.73 -2.07
N GLY B 58 14.99 0.24 -1.83
CA GLY B 58 16.17 0.80 -2.48
C GLY B 58 16.05 0.93 -4.00
N LYS B 59 15.14 0.18 -4.61
CA LYS B 59 14.95 0.24 -6.06
C LYS B 59 14.21 1.51 -6.46
N SER B 60 13.40 2.04 -5.56
CA SER B 60 12.67 3.26 -5.83
C SER B 60 12.40 4.04 -4.53
N GLU B 61 13.06 5.19 -4.40
CA GLU B 61 12.88 6.03 -3.23
C GLU B 61 11.62 6.86 -3.37
N PHE B 62 11.06 6.88 -4.57
CA PHE B 62 9.86 7.66 -4.91
C PHE B 62 10.18 9.16 -4.90
N LYS B 63 10.35 9.71 -3.70
CA LYS B 63 10.79 11.10 -3.48
C LYS B 63 10.40 11.55 -2.09
N GLY B 64 9.16 11.26 -1.73
CA GLY B 64 8.61 11.75 -0.48
C GLY B 64 7.25 12.39 -0.70
N GLN B 65 6.88 12.52 -1.98
CA GLN B 65 5.57 13.07 -2.36
C GLN B 65 5.47 14.54 -1.97
N HIS B 66 4.27 15.12 -2.04
CA HIS B 66 4.08 16.49 -1.63
C HIS B 66 4.17 16.57 -0.11
N LEU B 67 3.19 16.00 0.57
CA LEU B 67 3.20 15.89 2.01
C LEU B 67 2.79 14.49 2.41
N ALA B 68 3.66 13.81 3.13
CA ALA B 68 3.40 12.46 3.62
C ALA B 68 4.46 12.09 4.64
N ASP B 69 4.09 11.31 5.65
CA ASP B 69 5.03 10.98 6.71
C ASP B 69 6.20 10.16 6.18
N ILE B 70 5.88 8.96 5.67
CA ILE B 70 6.89 8.06 5.11
C ILE B 70 8.15 7.99 5.99
N LEU B 71 7.94 7.99 7.30
CA LEU B 71 9.05 7.95 8.25
C LEU B 71 9.52 6.52 8.46
N ASN B 72 8.75 5.60 7.93
CA ASN B 72 9.04 4.18 8.05
C ASN B 72 9.96 3.69 6.93
N SER B 73 10.23 4.58 5.97
CA SER B 73 11.03 4.21 4.82
C SER B 73 12.35 4.98 4.82
N ALA B 74 13.23 4.61 3.91
CA ALA B 74 14.52 5.26 3.76
C ALA B 74 14.58 6.01 2.44
#